data_7VIA
#
_entry.id   7VIA
#
_cell.length_a   1.00
_cell.length_b   1.00
_cell.length_c   1.00
_cell.angle_alpha   90.00
_cell.angle_beta   90.00
_cell.angle_gamma   90.00
#
_symmetry.space_group_name_H-M   'P 1'
#
_entity_poly.entity_id   1
_entity_poly.type   'polypeptide(L)'
_entity_poly.pdbx_seq_one_letter_code
;MSMYTTAQLLAANEQKFKFDPLFLRLFFRESYPFTTEKVYLSQIPGLVNMALYVSPIVSGEVIRSRGGSTSEFTPGYVKP
KHEVNPQMTLRRLPDEDPQNLADPAYRRRRIIMQNMRDEELAIAQVEEMQAVSAVLKGKYTMTGEAFDPVEVDMGRSEEN
NITQSGGTEWSKRDKSTYDPTDDIEAYALNASGVVNIIVFDPKGWALFRSFKAVKEKLDTRRGSNSELETAVKDLGKAVS
YKGMYGDVAIVVYSGQYVENGVKKNFLPDNTMVLGNTQARGLRTYGCIQDADAQREGINASARYPKNWVTTGDPAREFTM
IQSAPLMLLADPDEFVSVQLA
;
_entity_poly.pdbx_strand_id   A,B,C,D,E,F,G
#
# COMPACT_ATOMS: atom_id res chain seq x y z
N ALA A 7 -19.74 51.40 -19.61
CA ALA A 7 -19.00 50.67 -20.62
C ALA A 7 -17.81 49.94 -20.01
N GLN A 8 -18.08 48.80 -19.36
CA GLN A 8 -17.03 48.01 -18.75
C GLN A 8 -16.17 47.34 -19.83
N LEU A 9 -14.95 46.97 -19.44
CA LEU A 9 -13.99 46.42 -20.38
C LEU A 9 -14.43 45.05 -20.86
N LEU A 10 -13.64 44.49 -21.78
CA LEU A 10 -13.92 43.19 -22.38
C LEU A 10 -13.34 42.03 -21.56
N ALA A 11 -12.66 42.34 -20.45
CA ALA A 11 -12.08 41.33 -19.58
C ALA A 11 -12.97 41.03 -18.38
N ALA A 12 -14.30 41.03 -18.59
CA ALA A 12 -15.27 40.76 -17.54
C ALA A 12 -15.76 39.31 -17.57
N ASN A 13 -14.88 38.37 -17.87
CA ASN A 13 -15.28 36.98 -18.02
C ASN A 13 -14.62 36.07 -16.98
N GLU A 14 -14.62 36.50 -15.72
CA GLU A 14 -14.01 35.76 -14.62
C GLU A 14 -15.11 34.99 -13.88
N GLN A 15 -15.38 33.76 -14.33
CA GLN A 15 -16.36 32.91 -13.68
C GLN A 15 -15.74 31.64 -13.10
N LYS A 16 -15.07 30.83 -13.92
CA LYS A 16 -14.46 29.57 -13.49
C LYS A 16 -15.47 28.69 -12.75
N PHE A 17 -16.50 28.28 -13.48
CA PHE A 17 -17.54 27.37 -13.00
C PHE A 17 -17.73 26.29 -14.06
N LYS A 18 -17.01 25.18 -13.92
CA LYS A 18 -17.10 24.06 -14.86
C LYS A 18 -18.05 23.04 -14.25
N PHE A 19 -19.35 23.33 -14.33
CA PHE A 19 -20.41 22.47 -13.83
C PHE A 19 -21.33 22.04 -14.96
N ASP A 20 -20.74 21.63 -16.07
CA ASP A 20 -21.52 21.17 -17.22
C ASP A 20 -22.30 19.90 -16.87
N PRO A 21 -23.60 19.84 -17.19
CA PRO A 21 -24.49 18.75 -16.71
C PRO A 21 -24.52 17.40 -17.44
N LEU A 22 -23.51 16.58 -17.14
CA LEU A 22 -23.50 15.13 -17.35
C LEU A 22 -23.37 14.70 -18.81
N PHE A 23 -23.49 15.62 -19.75
CA PHE A 23 -23.31 15.29 -21.16
C PHE A 23 -22.18 16.06 -21.82
N LEU A 24 -21.98 17.32 -21.43
CA LEU A 24 -20.80 18.03 -21.91
C LEU A 24 -19.53 17.57 -21.20
N ARG A 25 -19.67 16.66 -20.23
CA ARG A 25 -18.52 16.18 -19.47
C ARG A 25 -18.23 14.69 -19.65
N LEU A 26 -19.16 13.91 -20.18
CA LEU A 26 -18.91 12.49 -20.42
C LEU A 26 -18.74 12.14 -21.89
N PHE A 27 -19.36 12.89 -22.79
CA PHE A 27 -19.29 12.55 -24.20
C PHE A 27 -18.69 13.65 -25.05
N PHE A 28 -19.01 14.91 -24.75
CA PHE A 28 -18.59 16.05 -25.57
C PHE A 28 -17.43 16.80 -24.95
N ARG A 29 -16.47 16.08 -24.38
CA ARG A 29 -15.34 16.70 -23.69
C ARG A 29 -14.43 17.47 -24.63
N GLU A 30 -14.50 17.22 -25.94
CA GLU A 30 -13.58 17.82 -26.90
C GLU A 30 -14.28 18.95 -27.63
N SER A 31 -13.66 20.13 -27.63
CA SER A 31 -14.24 21.33 -28.20
C SER A 31 -13.39 21.82 -29.37
N TYR A 32 -14.02 22.61 -30.24
CA TYR A 32 -13.36 23.11 -31.44
C TYR A 32 -13.97 24.43 -31.91
N PRO A 33 -13.36 25.56 -31.59
CA PRO A 33 -13.78 26.83 -32.21
C PRO A 33 -13.32 26.89 -33.66
N PHE A 34 -14.08 27.61 -34.46
CA PHE A 34 -13.80 27.71 -35.89
C PHE A 34 -13.54 29.16 -36.27
N THR A 35 -12.67 29.34 -37.27
CA THR A 35 -12.36 30.66 -37.81
C THR A 35 -13.17 30.97 -39.06
N THR A 36 -14.36 30.38 -39.18
CA THR A 36 -15.21 30.60 -40.33
C THR A 36 -16.66 30.55 -39.89
N GLU A 37 -17.54 31.11 -40.72
CA GLU A 37 -18.97 31.21 -40.40
C GLU A 37 -19.58 29.84 -40.19
N LYS A 38 -19.56 29.00 -41.23
CA LYS A 38 -20.09 27.66 -41.12
C LYS A 38 -19.11 26.77 -40.34
N VAL A 39 -19.41 25.48 -40.29
CA VAL A 39 -18.57 24.50 -39.64
C VAL A 39 -18.23 23.43 -40.67
N TYR A 40 -16.94 23.28 -40.97
CA TYR A 40 -16.45 22.31 -41.94
C TYR A 40 -15.92 21.11 -41.15
N LEU A 41 -16.71 20.04 -41.12
CA LEU A 41 -16.36 18.87 -40.32
C LEU A 41 -15.10 18.18 -40.82
N SER A 42 -14.73 18.41 -42.08
CA SER A 42 -13.53 17.76 -42.64
C SER A 42 -12.24 18.28 -42.03
N GLN A 43 -12.28 19.40 -41.30
CA GLN A 43 -11.09 19.97 -40.69
C GLN A 43 -10.83 19.43 -39.30
N ILE A 44 -11.65 18.51 -38.82
CA ILE A 44 -11.41 17.87 -37.52
C ILE A 44 -10.32 16.82 -37.69
N PRO A 45 -9.31 16.81 -36.83
CA PRO A 45 -8.22 15.81 -36.98
C PRO A 45 -8.70 14.37 -36.97
N GLY A 46 -9.70 14.05 -36.16
CA GLY A 46 -10.27 12.71 -36.15
C GLY A 46 -9.56 11.79 -35.18
N LEU A 47 -10.02 10.54 -35.18
CA LEU A 47 -9.51 9.52 -34.27
C LEU A 47 -8.16 9.00 -34.77
N VAL A 48 -7.64 7.98 -34.10
CA VAL A 48 -6.33 7.41 -34.43
C VAL A 48 -6.48 5.89 -34.52
N ASN A 49 -6.00 5.32 -35.62
CA ASN A 49 -5.91 3.86 -35.74
C ASN A 49 -4.64 3.37 -35.05
N MET A 50 -4.47 2.05 -35.00
CA MET A 50 -3.48 1.50 -34.08
C MET A 50 -2.04 1.89 -34.39
N ALA A 51 -1.40 1.18 -35.31
CA ALA A 51 -0.09 1.60 -35.83
C ALA A 51 0.24 0.98 -37.17
N LEU A 52 -0.77 0.62 -37.98
CA LEU A 52 -0.69 -0.55 -38.86
C LEU A 52 0.70 -0.79 -39.45
N TYR A 53 1.21 -2.01 -39.27
CA TYR A 53 2.63 -2.28 -39.49
C TYR A 53 3.00 -2.18 -40.96
N VAL A 54 4.18 -1.64 -41.23
CA VAL A 54 4.76 -1.63 -42.56
C VAL A 54 6.23 -2.01 -42.44
N SER A 55 6.73 -2.71 -43.46
CA SER A 55 8.15 -2.99 -43.52
C SER A 55 8.92 -1.71 -43.78
N PRO A 56 10.12 -1.56 -43.23
CA PRO A 56 10.83 -0.28 -43.38
C PRO A 56 11.60 -0.16 -44.68
N ILE A 57 10.98 -0.57 -45.79
CA ILE A 57 11.56 -0.38 -47.11
C ILE A 57 10.51 0.27 -48.00
N VAL A 58 9.25 0.08 -47.65
CA VAL A 58 8.15 0.63 -48.43
C VAL A 58 7.70 1.95 -47.82
N SER A 59 7.25 2.87 -48.67
CA SER A 59 6.76 4.15 -48.19
C SER A 59 5.49 3.96 -47.35
N GLY A 60 5.45 4.60 -46.20
CA GLY A 60 4.30 4.48 -45.32
C GLY A 60 3.08 5.17 -45.87
N GLU A 61 1.93 4.83 -45.30
CA GLU A 61 0.65 5.41 -45.69
C GLU A 61 0.29 6.56 -44.76
N VAL A 62 -0.09 7.68 -45.36
CA VAL A 62 -0.42 8.86 -44.58
C VAL A 62 -1.75 8.64 -43.85
N ILE A 63 -1.75 8.84 -42.55
CA ILE A 63 -2.99 8.79 -41.77
C ILE A 63 -3.71 10.10 -41.98
N ARG A 64 -4.80 10.06 -42.75
CA ARG A 64 -5.55 11.26 -43.12
C ARG A 64 -6.97 11.18 -42.57
N SER A 65 -7.50 12.34 -42.20
CA SER A 65 -8.84 12.44 -41.62
C SER A 65 -9.86 12.39 -42.75
N ARG A 66 -10.27 11.18 -43.11
CA ARG A 66 -11.32 10.99 -44.11
C ARG A 66 -12.64 11.42 -43.51
N GLY A 67 -13.21 12.51 -44.02
CA GLY A 67 -14.48 13.00 -43.55
C GLY A 67 -15.66 12.32 -44.22
N GLY A 68 -16.85 12.70 -43.78
CA GLY A 68 -18.06 12.16 -44.35
C GLY A 68 -18.40 12.80 -45.68
N SER A 69 -19.50 12.30 -46.27
CA SER A 69 -19.98 12.86 -47.52
C SER A 69 -20.42 14.31 -47.35
N THR A 70 -21.09 14.62 -46.25
CA THR A 70 -21.53 15.98 -45.94
C THR A 70 -20.74 16.51 -44.76
N SER A 71 -20.20 17.72 -44.91
CA SER A 71 -19.39 18.32 -43.86
C SER A 71 -19.64 19.81 -43.67
N GLU A 72 -20.63 20.40 -44.32
CA GLU A 72 -20.88 21.84 -44.27
C GLU A 72 -22.15 22.08 -43.44
N PHE A 73 -21.97 22.21 -42.13
CA PHE A 73 -23.10 22.48 -41.24
C PHE A 73 -23.17 23.98 -40.93
N THR A 74 -24.29 24.38 -40.32
CA THR A 74 -24.53 25.78 -39.97
C THR A 74 -24.75 25.87 -38.47
N PRO A 75 -23.94 26.64 -37.75
CA PRO A 75 -24.10 26.72 -36.29
C PRO A 75 -25.37 27.46 -35.88
N GLY A 76 -25.84 27.13 -34.69
CA GLY A 76 -27.01 27.75 -34.10
C GLY A 76 -26.72 28.99 -33.29
N TYR A 77 -26.48 30.11 -33.97
CA TYR A 77 -26.10 31.34 -33.29
C TYR A 77 -27.11 31.72 -32.22
N VAL A 78 -26.60 32.05 -31.03
CA VAL A 78 -27.44 32.40 -29.88
C VAL A 78 -26.79 33.57 -29.16
N LYS A 79 -27.58 34.63 -28.91
CA LYS A 79 -27.09 35.81 -28.20
C LYS A 79 -28.17 36.33 -27.26
N PRO A 80 -28.17 35.89 -26.00
CA PRO A 80 -29.05 36.52 -25.00
C PRO A 80 -28.42 37.74 -24.36
N LYS A 81 -29.27 38.74 -24.12
CA LYS A 81 -28.86 40.00 -23.50
C LYS A 81 -29.77 40.31 -22.32
N HIS A 82 -29.23 41.07 -21.37
CA HIS A 82 -29.88 41.29 -20.09
C HIS A 82 -29.75 42.75 -19.68
N GLU A 83 -30.72 43.19 -18.87
CA GLU A 83 -30.69 44.49 -18.21
C GLU A 83 -29.65 44.49 -17.10
N VAL A 84 -29.22 45.69 -16.72
CA VAL A 84 -28.30 45.84 -15.59
C VAL A 84 -28.84 46.93 -14.65
N ASN A 85 -30.15 47.11 -14.63
CA ASN A 85 -30.76 48.17 -13.84
C ASN A 85 -30.42 47.99 -12.36
N PRO A 86 -29.82 48.99 -11.71
CA PRO A 86 -29.41 48.86 -10.30
C PRO A 86 -30.57 48.96 -9.32
N GLN A 87 -31.55 48.08 -9.51
CA GLN A 87 -32.64 47.88 -8.56
C GLN A 87 -32.71 46.45 -8.05
N MET A 88 -32.15 45.51 -8.80
CA MET A 88 -32.17 44.10 -8.43
C MET A 88 -31.39 43.90 -7.13
N THR A 89 -31.99 43.17 -6.19
CA THR A 89 -31.34 42.99 -4.90
C THR A 89 -30.19 41.99 -5.03
N LEU A 90 -29.24 42.11 -4.11
CA LEU A 90 -28.01 41.33 -4.14
C LEU A 90 -27.95 40.42 -2.92
N ARG A 91 -27.61 39.15 -3.16
CA ARG A 91 -27.40 38.23 -2.06
C ARG A 91 -26.18 38.65 -1.25
N ARG A 92 -26.19 38.30 0.04
CA ARG A 92 -25.15 38.74 0.96
C ARG A 92 -24.06 37.67 1.03
N LEU A 93 -22.89 38.00 0.48
CA LEU A 93 -21.72 37.18 0.72
C LEU A 93 -21.37 37.27 2.20
N PRO A 94 -20.77 36.23 2.79
CA PRO A 94 -20.58 36.22 4.25
C PRO A 94 -19.78 37.40 4.76
N ASP A 95 -20.46 38.29 5.47
CA ASP A 95 -19.87 39.47 6.10
C ASP A 95 -18.91 40.20 5.16
N GLU A 96 -19.44 40.55 3.98
CA GLU A 96 -18.64 41.17 2.93
C GLU A 96 -18.67 42.70 3.04
N ASP A 97 -18.44 43.19 4.27
CA ASP A 97 -18.35 44.61 4.56
C ASP A 97 -19.56 45.36 4.01
N PRO A 98 -20.75 45.23 4.63
CA PRO A 98 -21.97 45.81 4.06
C PRO A 98 -21.91 47.32 3.84
N GLN A 99 -20.81 47.97 4.25
CA GLN A 99 -20.68 49.41 4.06
C GLN A 99 -20.66 49.76 2.58
N ASN A 100 -19.92 48.98 1.78
CA ASN A 100 -19.75 49.32 0.37
C ASN A 100 -20.97 48.99 -0.48
N LEU A 101 -21.97 48.32 0.08
CA LEU A 101 -23.14 47.93 -0.72
C LEU A 101 -23.88 49.15 -1.25
N ALA A 102 -24.01 50.19 -0.43
CA ALA A 102 -24.74 51.38 -0.84
C ALA A 102 -24.07 52.11 -2.00
N ASP A 103 -22.78 51.88 -2.21
CA ASP A 103 -22.07 52.52 -3.31
C ASP A 103 -22.56 51.98 -4.64
N PRO A 104 -23.12 52.81 -5.52
CA PRO A 104 -23.56 52.30 -6.83
C PRO A 104 -22.43 51.75 -7.67
N ALA A 105 -21.23 52.31 -7.57
CA ALA A 105 -20.11 51.86 -8.40
C ALA A 105 -19.76 50.40 -8.10
N TYR A 106 -19.74 50.03 -6.83
CA TYR A 106 -19.51 48.63 -6.47
C TYR A 106 -20.73 47.77 -6.73
N ARG A 107 -21.92 48.32 -6.54
CA ARG A 107 -23.15 47.54 -6.73
C ARG A 107 -23.31 47.10 -8.18
N ARG A 108 -23.06 48.00 -9.13
CA ARG A 108 -23.18 47.64 -10.54
C ARG A 108 -22.14 46.60 -10.92
N ARG A 109 -20.91 46.76 -10.44
CA ARG A 109 -19.87 45.77 -10.72
C ARG A 109 -20.23 44.41 -10.16
N ARG A 110 -20.82 44.38 -8.97
CA ARG A 110 -21.25 43.12 -8.39
C ARG A 110 -22.38 42.49 -9.20
N ILE A 111 -23.37 43.31 -9.61
CA ILE A 111 -24.51 42.77 -10.34
C ILE A 111 -24.13 42.29 -11.73
N ILE A 112 -23.09 42.87 -12.34
CA ILE A 112 -22.61 42.37 -13.63
C ILE A 112 -22.19 40.92 -13.52
N MET A 113 -21.52 40.57 -12.42
CA MET A 113 -21.02 39.21 -12.25
C MET A 113 -22.16 38.19 -12.17
N GLN A 114 -23.17 38.49 -11.34
CA GLN A 114 -24.33 37.61 -11.25
C GLN A 114 -25.09 37.53 -12.57
N ASN A 115 -25.20 38.66 -13.27
CA ASN A 115 -25.85 38.64 -14.57
C ASN A 115 -25.09 37.76 -15.56
N MET A 116 -23.75 37.80 -15.50
CA MET A 116 -22.95 36.93 -16.36
C MET A 116 -23.15 35.47 -16.00
N ARG A 117 -23.23 35.14 -14.71
CA ARG A 117 -23.52 33.75 -14.35
C ARG A 117 -24.87 33.32 -14.91
N ASP A 118 -25.89 34.17 -14.79
CA ASP A 118 -27.19 33.82 -15.34
C ASP A 118 -27.15 33.65 -16.85
N GLU A 119 -26.43 34.55 -17.55
CA GLU A 119 -26.32 34.45 -19.00
C GLU A 119 -25.62 33.16 -19.41
N GLU A 120 -24.55 32.80 -18.71
CA GLU A 120 -23.83 31.57 -19.03
C GLU A 120 -24.70 30.34 -18.77
N LEU A 121 -25.45 30.34 -17.66
CA LEU A 121 -26.35 29.23 -17.41
C LEU A 121 -27.44 29.16 -18.46
N ALA A 122 -27.86 30.30 -19.00
CA ALA A 122 -28.83 30.34 -20.09
C ALA A 122 -28.25 29.82 -21.40
N ILE A 123 -26.93 29.65 -21.49
CA ILE A 123 -26.33 29.05 -22.67
C ILE A 123 -25.92 27.60 -22.44
N ALA A 124 -25.71 27.18 -21.20
CA ALA A 124 -25.39 25.78 -20.95
C ALA A 124 -26.53 24.86 -21.36
N GLN A 125 -27.77 25.35 -21.30
CA GLN A 125 -28.91 24.48 -21.54
C GLN A 125 -29.13 24.20 -23.02
N VAL A 126 -28.93 25.18 -23.90
CA VAL A 126 -29.09 24.91 -25.33
C VAL A 126 -28.07 23.90 -25.80
N GLU A 127 -26.85 23.94 -25.26
CA GLU A 127 -25.86 22.93 -25.58
C GLU A 127 -26.36 21.53 -25.25
N GLU A 128 -27.01 21.34 -24.11
CA GLU A 128 -27.53 20.02 -23.79
C GLU A 128 -28.89 19.72 -24.38
N MET A 129 -29.70 20.73 -24.73
CA MET A 129 -30.82 20.45 -25.61
C MET A 129 -30.35 19.90 -26.94
N GLN A 130 -29.20 20.37 -27.42
CA GLN A 130 -28.60 19.80 -28.62
C GLN A 130 -28.06 18.40 -28.35
N ALA A 131 -27.36 18.23 -27.23
CA ALA A 131 -26.71 16.96 -26.93
C ALA A 131 -27.71 15.82 -26.71
N VAL A 132 -28.81 16.11 -26.01
CA VAL A 132 -29.81 15.09 -25.74
C VAL A 132 -30.42 14.60 -27.05
N SER A 133 -30.77 15.53 -27.93
CA SER A 133 -31.23 15.14 -29.25
C SER A 133 -30.18 14.37 -30.03
N ALA A 134 -28.92 14.83 -29.97
CA ALA A 134 -27.85 14.18 -30.72
C ALA A 134 -27.71 12.72 -30.31
N VAL A 135 -27.33 12.46 -29.06
CA VAL A 135 -27.42 11.09 -28.59
C VAL A 135 -28.75 10.88 -27.88
N LEU A 136 -29.84 10.99 -28.63
CA LEU A 136 -31.08 10.27 -28.37
C LEU A 136 -31.73 9.86 -29.69
N LYS A 137 -31.44 10.62 -30.75
CA LYS A 137 -32.07 10.35 -32.05
C LYS A 137 -31.14 10.44 -33.24
N GLY A 138 -30.03 11.17 -33.16
CA GLY A 138 -29.21 11.39 -34.34
C GLY A 138 -29.73 12.43 -35.29
N LYS A 139 -30.78 13.16 -34.91
CA LYS A 139 -31.34 14.24 -35.71
C LYS A 139 -31.64 15.41 -34.79
N TYR A 140 -31.48 16.62 -35.30
CA TYR A 140 -31.84 17.79 -34.51
C TYR A 140 -32.21 18.97 -35.40
N THR A 141 -33.29 19.65 -35.02
CA THR A 141 -33.75 20.84 -35.73
C THR A 141 -33.54 22.05 -34.85
N MET A 142 -32.85 23.05 -35.39
CA MET A 142 -32.65 24.34 -34.74
C MET A 142 -33.70 25.30 -35.31
N THR A 143 -34.67 25.66 -34.49
CA THR A 143 -35.74 26.54 -34.89
C THR A 143 -36.10 27.49 -33.75
N GLY A 144 -36.69 28.61 -34.11
CA GLY A 144 -37.07 29.61 -33.13
C GLY A 144 -37.56 30.86 -33.83
N GLU A 145 -38.10 31.76 -33.02
CA GLU A 145 -38.59 33.03 -33.54
C GLU A 145 -37.44 33.81 -34.18
N ALA A 146 -37.69 34.34 -35.37
CA ALA A 146 -36.69 35.08 -36.14
C ALA A 146 -35.45 34.24 -36.40
N PHE A 147 -35.65 32.95 -36.62
CA PHE A 147 -34.56 32.03 -36.95
C PHE A 147 -35.05 31.04 -37.98
N ASP A 148 -34.40 31.00 -39.14
CA ASP A 148 -34.76 30.06 -40.18
C ASP A 148 -34.50 28.64 -39.71
N PRO A 149 -35.44 27.71 -39.87
CA PRO A 149 -35.22 26.34 -39.41
C PRO A 149 -33.99 25.72 -40.07
N VAL A 150 -33.24 24.95 -39.29
CA VAL A 150 -32.05 24.27 -39.77
C VAL A 150 -32.12 22.82 -39.31
N GLU A 151 -31.76 21.90 -40.19
CA GLU A 151 -31.78 20.48 -39.89
C GLU A 151 -30.37 19.93 -39.86
N VAL A 152 -30.09 19.10 -38.84
CA VAL A 152 -28.80 18.48 -38.67
C VAL A 152 -29.03 16.97 -38.60
N ASP A 153 -28.46 16.25 -39.57
CA ASP A 153 -28.54 14.80 -39.66
C ASP A 153 -27.20 14.25 -39.23
N MET A 154 -27.15 13.70 -38.01
CA MET A 154 -25.89 13.20 -37.47
C MET A 154 -25.35 12.04 -38.29
N GLY A 155 -26.24 11.14 -38.71
CA GLY A 155 -25.82 9.96 -39.45
C GLY A 155 -26.26 8.67 -38.76
N ARG A 156 -27.15 8.80 -37.78
CA ARG A 156 -27.63 7.63 -37.07
C ARG A 156 -28.44 6.73 -37.99
N SER A 157 -28.29 5.43 -37.81
CA SER A 157 -28.97 4.44 -38.65
C SER A 157 -30.23 3.93 -37.94
N GLU A 158 -30.95 3.04 -38.62
CA GLU A 158 -32.18 2.50 -38.06
C GLU A 158 -31.88 1.61 -36.85
N GLU A 159 -30.80 0.82 -36.93
CA GLU A 159 -30.53 -0.19 -35.93
C GLU A 159 -30.22 0.39 -34.55
N ASN A 160 -30.10 1.71 -34.43
CA ASN A 160 -29.84 2.35 -33.15
C ASN A 160 -31.03 3.16 -32.64
N ASN A 161 -32.25 2.79 -33.05
CA ASN A 161 -33.46 3.47 -32.59
C ASN A 161 -34.54 2.46 -32.25
N ILE A 162 -34.17 1.42 -31.49
CA ILE A 162 -35.12 0.37 -31.16
C ILE A 162 -36.23 0.92 -30.30
N THR A 163 -37.46 0.55 -30.63
CA THR A 163 -38.64 0.87 -29.81
C THR A 163 -39.12 -0.41 -29.15
N GLN A 164 -39.24 -0.39 -27.82
CA GLN A 164 -39.67 -1.57 -27.09
C GLN A 164 -41.10 -1.96 -27.46
N SER A 165 -41.91 -0.99 -27.89
CA SER A 165 -43.30 -1.25 -28.24
C SER A 165 -43.46 -2.10 -29.49
N GLY A 166 -42.38 -2.32 -30.24
CA GLY A 166 -42.43 -3.13 -31.44
C GLY A 166 -42.44 -4.62 -31.15
N GLY A 167 -43.56 -5.13 -30.67
CA GLY A 167 -43.67 -6.54 -30.34
C GLY A 167 -43.77 -6.80 -28.85
N THR A 168 -42.69 -7.29 -28.25
CA THR A 168 -42.68 -7.64 -26.84
C THR A 168 -42.10 -6.49 -26.03
N GLU A 169 -42.80 -6.12 -24.95
CA GLU A 169 -42.42 -5.00 -24.10
C GLU A 169 -42.08 -5.50 -22.71
N TRP A 170 -41.29 -4.69 -21.99
CA TRP A 170 -40.93 -4.99 -20.62
C TRP A 170 -42.09 -4.86 -19.65
N SER A 171 -42.97 -3.88 -19.87
CA SER A 171 -44.06 -3.66 -18.92
C SER A 171 -45.01 -4.84 -18.89
N LYS A 172 -45.40 -5.37 -20.04
CA LYS A 172 -46.35 -6.49 -20.11
C LYS A 172 -45.61 -7.83 -20.04
N ARG A 173 -45.00 -8.07 -18.88
CA ARG A 173 -44.38 -9.34 -18.55
C ARG A 173 -44.67 -9.63 -17.08
N ASP A 174 -43.95 -10.60 -16.52
CA ASP A 174 -44.04 -10.91 -15.10
C ASP A 174 -42.88 -10.25 -14.38
N LYS A 175 -43.20 -9.43 -13.37
CA LYS A 175 -42.18 -8.63 -12.72
C LYS A 175 -41.23 -9.46 -11.85
N SER A 176 -41.66 -10.65 -11.44
CA SER A 176 -40.91 -11.43 -10.45
C SER A 176 -40.06 -12.53 -11.06
N THR A 177 -40.23 -12.85 -12.35
CA THR A 177 -39.52 -13.98 -12.92
C THR A 177 -38.71 -13.58 -14.15
N TYR A 178 -39.18 -12.56 -14.88
CA TYR A 178 -38.55 -12.23 -16.15
C TYR A 178 -37.16 -11.65 -15.93
N ASP A 179 -36.27 -11.93 -16.87
CA ASP A 179 -34.88 -11.48 -16.81
C ASP A 179 -34.58 -10.62 -18.03
N PRO A 180 -34.14 -9.37 -17.87
CA PRO A 180 -33.84 -8.50 -19.02
C PRO A 180 -32.41 -8.53 -19.50
N THR A 181 -31.53 -9.36 -18.92
CA THR A 181 -30.13 -9.35 -19.31
C THR A 181 -29.96 -9.75 -20.77
N ASP A 182 -30.72 -10.75 -21.22
CA ASP A 182 -30.64 -11.16 -22.62
C ASP A 182 -31.09 -10.04 -23.55
N ASP A 183 -32.17 -9.35 -23.18
CA ASP A 183 -32.62 -8.22 -23.99
C ASP A 183 -31.59 -7.09 -24.00
N ILE A 184 -30.96 -6.84 -22.86
CA ILE A 184 -29.93 -5.80 -22.79
C ILE A 184 -28.76 -6.16 -23.70
N GLU A 185 -28.34 -7.44 -23.67
CA GLU A 185 -27.25 -7.87 -24.53
C GLU A 185 -27.62 -7.76 -26.00
N ALA A 186 -28.85 -8.15 -26.36
CA ALA A 186 -29.30 -8.02 -27.74
C ALA A 186 -29.33 -6.56 -28.18
N TYR A 187 -29.80 -5.67 -27.31
CA TYR A 187 -29.82 -4.26 -27.64
C TYR A 187 -28.41 -3.71 -27.81
N ALA A 188 -27.48 -4.15 -26.97
CA ALA A 188 -26.11 -3.66 -27.05
C ALA A 188 -25.32 -4.31 -28.18
N LEU A 189 -25.82 -5.40 -28.76
CA LEU A 189 -25.09 -6.06 -29.85
C LEU A 189 -24.85 -5.10 -31.01
N ASN A 190 -25.88 -4.39 -31.45
CA ASN A 190 -25.75 -3.47 -32.59
C ASN A 190 -25.40 -2.07 -32.11
N ALA A 191 -24.23 -1.96 -31.48
CA ALA A 191 -23.76 -0.69 -30.95
C ALA A 191 -22.43 -0.24 -31.55
N SER A 192 -21.71 -1.11 -32.24
CA SER A 192 -20.43 -0.78 -32.87
C SER A 192 -19.45 -0.21 -31.85
N GLY A 193 -19.17 -1.01 -30.82
CA GLY A 193 -18.25 -0.59 -29.78
C GLY A 193 -18.67 -1.03 -28.39
N VAL A 194 -17.75 -0.92 -27.43
CA VAL A 194 -18.07 -1.31 -26.06
C VAL A 194 -19.13 -0.38 -25.49
N VAL A 195 -20.02 -0.94 -24.69
CA VAL A 195 -21.07 -0.19 -24.01
C VAL A 195 -20.95 -0.40 -22.51
N ASN A 196 -20.98 0.70 -21.76
CA ASN A 196 -20.92 0.62 -20.30
C ASN A 196 -21.80 1.64 -19.58
N ILE A 197 -22.58 2.45 -20.30
CA ILE A 197 -23.47 3.44 -19.70
C ILE A 197 -24.84 3.31 -20.33
N ILE A 198 -25.88 3.18 -19.49
CA ILE A 198 -27.25 2.99 -19.95
C ILE A 198 -28.22 4.02 -19.37
N VAL A 199 -27.80 5.28 -19.24
CA VAL A 199 -28.54 6.29 -18.50
C VAL A 199 -30.05 6.21 -18.74
N PHE A 200 -30.80 6.21 -17.64
CA PHE A 200 -32.24 5.97 -17.63
C PHE A 200 -33.00 7.28 -17.47
N ASP A 201 -34.31 7.17 -17.25
CA ASP A 201 -35.22 8.26 -16.99
C ASP A 201 -35.74 8.15 -15.56
N PRO A 202 -36.22 9.24 -14.96
CA PRO A 202 -36.71 9.16 -13.59
C PRO A 202 -37.89 8.21 -13.41
N LYS A 203 -38.69 8.00 -14.45
CA LYS A 203 -39.71 6.97 -14.42
C LYS A 203 -39.44 5.81 -15.37
N GLY A 204 -38.45 5.95 -16.24
CA GLY A 204 -38.01 4.82 -17.06
C GLY A 204 -37.16 3.83 -16.32
N TRP A 205 -36.82 4.13 -15.06
CA TRP A 205 -36.03 3.24 -14.23
C TRP A 205 -36.83 2.59 -13.11
N ALA A 206 -37.98 3.17 -12.74
CA ALA A 206 -38.79 2.60 -11.67
C ALA A 206 -39.36 1.24 -12.02
N LEU A 207 -39.49 0.93 -13.31
CA LEU A 207 -39.97 -0.39 -13.72
C LEU A 207 -38.84 -1.37 -14.01
N PHE A 208 -37.69 -0.88 -14.46
CA PHE A 208 -36.55 -1.76 -14.66
C PHE A 208 -36.07 -2.36 -13.35
N ARG A 209 -36.05 -1.55 -12.29
CA ARG A 209 -35.71 -2.07 -10.97
C ARG A 209 -36.76 -3.03 -10.44
N SER A 210 -38.01 -2.93 -10.91
CA SER A 210 -39.07 -3.77 -10.38
C SER A 210 -38.83 -5.24 -10.67
N PHE A 211 -38.00 -5.55 -11.67
CA PHE A 211 -37.67 -6.94 -11.96
C PHE A 211 -36.94 -7.57 -10.78
N LYS A 212 -37.33 -8.80 -10.43
CA LYS A 212 -36.75 -9.47 -9.28
C LYS A 212 -35.28 -9.80 -9.50
N ALA A 213 -34.93 -10.21 -10.72
CA ALA A 213 -33.54 -10.56 -10.99
C ALA A 213 -32.63 -9.34 -10.93
N VAL A 214 -33.15 -8.17 -11.34
CA VAL A 214 -32.32 -6.97 -11.41
C VAL A 214 -31.86 -6.55 -10.02
N LYS A 215 -32.77 -6.51 -9.05
CA LYS A 215 -32.39 -6.08 -7.70
C LYS A 215 -31.42 -7.04 -7.03
N GLU A 216 -31.29 -8.27 -7.53
CA GLU A 216 -30.26 -9.17 -7.04
C GLU A 216 -28.95 -8.96 -7.78
N LYS A 217 -29.02 -8.74 -9.10
CA LYS A 217 -27.80 -8.57 -9.89
C LYS A 217 -27.17 -7.21 -9.68
N LEU A 218 -27.96 -6.19 -9.36
CA LEU A 218 -27.47 -4.82 -9.25
C LEU A 218 -26.60 -4.69 -8.00
N ASP A 219 -25.37 -4.24 -8.19
CA ASP A 219 -24.43 -4.01 -7.08
C ASP A 219 -24.46 -2.52 -6.72
N THR A 220 -25.26 -2.19 -5.72
CA THR A 220 -25.43 -0.79 -5.29
C THR A 220 -24.35 -0.34 -4.31
N ARG A 221 -23.32 -1.14 -4.10
CA ARG A 221 -22.28 -0.82 -3.14
C ARG A 221 -21.52 0.44 -3.57
N ARG A 222 -21.13 1.24 -2.59
CA ARG A 222 -20.29 2.40 -2.88
C ARG A 222 -18.90 1.95 -3.31
N GLY A 223 -18.05 2.93 -3.64
CA GLY A 223 -16.76 2.60 -4.20
C GLY A 223 -16.86 1.88 -5.52
N SER A 224 -17.78 2.30 -6.38
CA SER A 224 -18.11 1.58 -7.60
C SER A 224 -17.12 1.87 -8.72
N ASN A 225 -17.53 1.56 -9.96
CA ASN A 225 -16.67 1.37 -11.12
C ASN A 225 -15.48 2.33 -11.22
N SER A 226 -15.72 3.62 -11.26
CA SER A 226 -14.63 4.52 -11.63
C SER A 226 -14.91 5.92 -11.08
N GLU A 227 -14.18 6.91 -11.59
CA GLU A 227 -14.30 8.31 -11.18
C GLU A 227 -15.64 8.90 -11.57
N LEU A 228 -16.52 8.09 -12.16
CA LEU A 228 -17.84 8.59 -12.55
C LEU A 228 -18.59 9.17 -11.36
N GLU A 229 -18.31 8.68 -10.15
CA GLU A 229 -18.95 9.21 -8.95
C GLU A 229 -18.67 10.70 -8.76
N THR A 230 -17.59 11.22 -9.34
CA THR A 230 -17.35 12.66 -9.31
C THR A 230 -18.51 13.42 -9.94
N ALA A 231 -19.03 12.92 -11.06
CA ALA A 231 -20.21 13.53 -11.67
C ALA A 231 -21.36 13.57 -10.68
N VAL A 232 -21.44 12.59 -9.79
CA VAL A 232 -22.46 12.63 -8.75
C VAL A 232 -22.18 13.76 -7.77
N LYS A 233 -20.92 13.91 -7.34
CA LYS A 233 -20.61 14.95 -6.36
C LYS A 233 -20.81 16.34 -6.94
N ASP A 234 -20.39 16.56 -8.19
CA ASP A 234 -20.63 17.85 -8.83
C ASP A 234 -22.11 18.06 -9.08
N LEU A 235 -22.78 17.07 -9.67
CA LEU A 235 -24.20 17.16 -10.01
C LEU A 235 -25.00 16.38 -8.97
N GLY A 236 -25.17 17.00 -7.80
CA GLY A 236 -26.00 16.42 -6.76
C GLY A 236 -27.46 16.79 -6.86
N LYS A 237 -27.86 17.52 -7.89
CA LYS A 237 -29.22 18.02 -8.02
C LYS A 237 -30.06 17.26 -9.03
N ALA A 238 -29.44 16.66 -10.04
CA ALA A 238 -30.21 16.03 -11.12
C ALA A 238 -29.73 14.66 -11.54
N VAL A 239 -28.59 14.17 -11.05
CA VAL A 239 -28.01 12.92 -11.51
C VAL A 239 -27.80 12.01 -10.30
N SER A 240 -28.27 10.77 -10.39
CA SER A 240 -28.02 9.78 -9.37
C SER A 240 -27.30 8.58 -9.99
N TYR A 241 -26.58 7.85 -9.14
CA TYR A 241 -25.83 6.68 -9.57
C TYR A 241 -26.37 5.48 -8.79
N LYS A 242 -27.18 4.65 -9.45
CA LYS A 242 -27.87 3.57 -8.75
C LYS A 242 -26.93 2.44 -8.38
N GLY A 243 -25.90 2.19 -9.18
CA GLY A 243 -24.94 1.15 -8.88
C GLY A 243 -24.45 0.48 -10.13
N MET A 244 -24.01 -0.76 -9.97
CA MET A 244 -23.42 -1.54 -11.05
C MET A 244 -24.42 -2.54 -11.61
N TYR A 245 -24.13 -3.01 -12.82
CA TYR A 245 -24.93 -4.07 -13.46
C TYR A 245 -24.03 -5.06 -14.20
N GLY A 246 -22.75 -5.14 -13.82
CA GLY A 246 -21.81 -5.98 -14.53
C GLY A 246 -20.79 -5.14 -15.29
N ASP A 247 -20.91 -5.15 -16.63
CA ASP A 247 -20.07 -4.32 -17.48
C ASP A 247 -20.76 -3.01 -17.85
N VAL A 248 -21.65 -2.52 -16.99
CA VAL A 248 -22.42 -1.32 -17.28
C VAL A 248 -22.96 -0.75 -15.98
N ALA A 249 -22.96 0.57 -15.87
CA ALA A 249 -23.44 1.27 -14.70
C ALA A 249 -24.85 1.79 -14.91
N ILE A 250 -25.52 2.09 -13.81
CA ILE A 250 -26.91 2.57 -13.83
C ILE A 250 -26.91 4.03 -13.41
N VAL A 251 -27.33 4.91 -14.31
CA VAL A 251 -27.39 6.34 -14.05
C VAL A 251 -28.79 6.82 -14.34
N VAL A 252 -29.38 7.56 -13.39
CA VAL A 252 -30.70 8.15 -13.55
C VAL A 252 -30.51 9.66 -13.65
N TYR A 253 -30.97 10.24 -14.75
CA TYR A 253 -30.77 11.65 -15.04
C TYR A 253 -32.13 12.32 -15.15
N SER A 254 -32.58 12.93 -14.05
CA SER A 254 -33.85 13.65 -14.00
C SER A 254 -33.67 15.15 -14.17
N GLY A 255 -32.69 15.57 -14.97
CA GLY A 255 -32.46 16.98 -15.17
C GLY A 255 -33.61 17.66 -15.87
N GLN A 256 -33.74 18.97 -15.63
CA GLN A 256 -34.83 19.76 -16.17
C GLN A 256 -34.31 21.06 -16.75
N TYR A 257 -34.91 21.46 -17.86
CA TYR A 257 -34.71 22.76 -18.46
C TYR A 257 -36.00 23.56 -18.36
N VAL A 258 -35.88 24.88 -18.21
CA VAL A 258 -37.06 25.72 -17.98
C VAL A 258 -37.34 26.53 -19.24
N GLU A 259 -38.55 26.36 -19.76
CA GLU A 259 -39.04 27.18 -20.87
C GLU A 259 -39.59 28.49 -20.31
N ASN A 260 -40.36 29.21 -21.13
CA ASN A 260 -40.87 30.54 -20.80
C ASN A 260 -41.27 30.70 -19.33
N GLY A 261 -42.11 29.78 -18.83
CA GLY A 261 -42.47 29.83 -17.43
C GLY A 261 -42.47 28.48 -16.75
N VAL A 262 -42.39 27.41 -17.53
CA VAL A 262 -42.56 26.06 -17.00
C VAL A 262 -41.24 25.30 -16.95
N LYS A 263 -41.24 24.18 -16.25
CA LYS A 263 -40.11 23.27 -16.15
C LYS A 263 -40.43 22.00 -16.93
N LYS A 264 -39.44 21.50 -17.68
CA LYS A 264 -39.64 20.31 -18.50
C LYS A 264 -38.41 19.43 -18.41
N ASN A 265 -38.58 18.16 -18.76
CA ASN A 265 -37.50 17.20 -18.67
C ASN A 265 -36.72 17.13 -19.98
N PHE A 266 -35.40 16.95 -19.87
CA PHE A 266 -34.58 16.77 -21.07
C PHE A 266 -34.97 15.51 -21.83
N LEU A 267 -35.19 14.41 -21.10
CA LEU A 267 -35.41 13.12 -21.73
C LEU A 267 -36.88 12.75 -21.66
N PRO A 268 -37.41 12.11 -22.71
CA PRO A 268 -38.77 11.57 -22.62
C PRO A 268 -38.89 10.56 -21.49
N ASP A 269 -40.14 10.23 -21.16
CA ASP A 269 -40.39 9.52 -19.90
C ASP A 269 -39.81 8.10 -19.90
N ASN A 270 -39.79 7.43 -21.05
CA ASN A 270 -39.37 6.03 -21.11
C ASN A 270 -38.34 5.86 -22.24
N THR A 271 -37.07 6.08 -21.92
CA THR A 271 -35.97 5.87 -22.85
C THR A 271 -34.73 5.41 -22.09
N MET A 272 -33.81 4.80 -22.82
CA MET A 272 -32.47 4.53 -22.30
C MET A 272 -31.47 4.65 -23.43
N VAL A 273 -30.23 4.93 -23.07
CA VAL A 273 -29.15 5.14 -24.03
C VAL A 273 -28.02 4.17 -23.72
N LEU A 274 -27.88 3.15 -24.55
CA LEU A 274 -26.73 2.24 -24.52
C LEU A 274 -25.54 3.01 -25.07
N GLY A 275 -24.63 3.43 -24.19
CA GLY A 275 -23.55 4.29 -24.60
C GLY A 275 -22.17 3.89 -24.10
N ASN A 276 -21.14 4.54 -24.65
CA ASN A 276 -19.75 4.31 -24.28
C ASN A 276 -19.25 5.58 -23.59
N THR A 277 -18.71 5.43 -22.39
CA THR A 277 -18.22 6.59 -21.66
C THR A 277 -16.99 7.21 -22.31
N GLN A 278 -16.30 6.49 -23.19
CA GLN A 278 -15.15 7.02 -23.90
C GLN A 278 -15.48 7.50 -25.30
N ALA A 279 -16.75 7.45 -25.70
CA ALA A 279 -17.13 7.92 -27.03
C ALA A 279 -16.86 9.41 -27.15
N ARG A 280 -16.27 9.80 -28.28
CA ARG A 280 -15.89 11.19 -28.49
C ARG A 280 -17.07 12.00 -29.02
N GLY A 281 -17.16 13.24 -28.56
CA GLY A 281 -18.21 14.14 -29.00
C GLY A 281 -17.67 15.52 -29.32
N LEU A 282 -18.08 16.08 -30.45
CA LEU A 282 -17.56 17.37 -30.87
C LEU A 282 -18.34 18.51 -30.22
N ARG A 283 -17.62 19.56 -29.85
CA ARG A 283 -18.20 20.77 -29.29
C ARG A 283 -17.87 21.95 -30.20
N THR A 284 -18.10 21.76 -31.49
CA THR A 284 -17.73 22.76 -32.49
C THR A 284 -18.52 24.05 -32.28
N TYR A 285 -17.84 25.17 -32.52
CA TYR A 285 -18.43 26.49 -32.40
C TYR A 285 -18.20 27.28 -33.68
N GLY A 286 -19.14 28.17 -33.98
CA GLY A 286 -19.01 29.07 -35.11
C GLY A 286 -18.21 30.30 -34.75
N CYS A 287 -18.19 31.24 -35.69
CA CYS A 287 -17.54 32.52 -35.47
C CYS A 287 -18.49 33.50 -34.81
N ILE A 288 -17.92 34.40 -34.00
CA ILE A 288 -18.70 35.46 -33.39
C ILE A 288 -18.95 36.53 -34.44
N GLN A 289 -20.11 36.48 -35.08
CA GLN A 289 -20.42 37.39 -36.18
C GLN A 289 -20.90 38.73 -35.64
N ASP A 290 -19.98 39.42 -34.97
CA ASP A 290 -20.23 40.72 -34.37
C ASP A 290 -19.24 41.73 -34.95
N ALA A 291 -19.73 42.94 -35.20
CA ALA A 291 -18.86 43.97 -35.77
C ALA A 291 -17.70 44.33 -34.85
N ASP A 292 -17.97 44.40 -33.54
CA ASP A 292 -16.91 44.73 -32.60
C ASP A 292 -15.92 43.59 -32.44
N ALA A 293 -16.41 42.34 -32.49
CA ALA A 293 -15.55 41.20 -32.21
C ALA A 293 -14.40 41.09 -33.20
N GLN A 294 -14.68 41.33 -34.48
CA GLN A 294 -13.63 41.24 -35.50
C GLN A 294 -12.56 42.29 -35.28
N ARG A 295 -12.91 43.41 -34.65
CA ARG A 295 -11.93 44.48 -34.45
C ARG A 295 -10.83 44.05 -33.50
N GLU A 296 -11.17 43.31 -32.44
CA GLU A 296 -10.17 42.84 -31.48
C GLU A 296 -9.69 41.43 -31.79
N GLY A 297 -10.06 40.86 -32.93
CA GLY A 297 -9.63 39.51 -33.26
C GLY A 297 -10.19 38.43 -32.35
N ILE A 298 -11.47 38.51 -32.03
CA ILE A 298 -12.12 37.50 -31.18
C ILE A 298 -13.10 36.76 -32.08
N ASN A 299 -12.78 36.68 -33.37
CA ASN A 299 -13.69 36.04 -34.32
C ASN A 299 -13.86 34.56 -34.00
N ALA A 300 -12.78 33.88 -33.64
CA ALA A 300 -12.82 32.45 -33.32
C ALA A 300 -12.77 32.30 -31.80
N SER A 301 -13.93 32.10 -31.18
CA SER A 301 -14.01 31.93 -29.74
C SER A 301 -15.30 31.22 -29.40
N ALA A 302 -15.36 30.71 -28.17
CA ALA A 302 -16.55 30.00 -27.71
C ALA A 302 -17.66 30.96 -27.30
N ARG A 303 -17.39 31.80 -26.30
CA ARG A 303 -18.35 32.79 -25.84
C ARG A 303 -17.78 34.19 -26.10
N TYR A 304 -18.68 35.17 -26.07
CA TYR A 304 -18.27 36.55 -26.29
C TYR A 304 -19.18 37.50 -25.51
N PRO A 305 -18.72 38.01 -24.38
CA PRO A 305 -19.51 39.00 -23.65
C PRO A 305 -19.29 40.41 -24.21
N LYS A 306 -20.27 41.27 -23.97
CA LYS A 306 -20.18 42.66 -24.41
C LYS A 306 -21.17 43.49 -23.63
N ASN A 307 -20.66 44.51 -22.93
CA ASN A 307 -21.49 45.43 -22.16
C ASN A 307 -21.50 46.78 -22.88
N TRP A 308 -22.69 47.33 -23.08
CA TRP A 308 -22.79 48.54 -23.89
C TRP A 308 -24.00 49.34 -23.44
N VAL A 309 -24.13 50.56 -23.98
CA VAL A 309 -25.16 51.51 -23.57
C VAL A 309 -25.94 51.93 -24.80
N THR A 310 -27.21 51.55 -24.87
CA THR A 310 -28.07 51.97 -25.95
C THR A 310 -28.63 53.37 -25.66
N THR A 311 -28.90 54.13 -26.72
CA THR A 311 -29.39 55.49 -26.58
C THR A 311 -30.57 55.72 -27.52
N GLY A 312 -31.22 56.86 -27.33
CA GLY A 312 -32.31 57.36 -28.15
C GLY A 312 -33.70 56.84 -27.83
N ASP A 313 -34.08 55.66 -28.33
CA ASP A 313 -35.38 55.15 -27.93
C ASP A 313 -35.31 54.39 -26.61
N PRO A 314 -34.56 53.26 -26.51
CA PRO A 314 -34.47 52.55 -25.22
C PRO A 314 -33.26 53.01 -24.41
N ALA A 315 -33.36 54.19 -23.81
CA ALA A 315 -32.17 54.80 -23.22
C ALA A 315 -31.74 54.07 -21.96
N ARG A 316 -31.34 52.81 -22.12
CA ARG A 316 -30.79 52.00 -21.04
C ARG A 316 -29.47 51.39 -21.52
N GLU A 317 -28.89 50.51 -20.72
CA GLU A 317 -27.64 49.84 -21.10
C GLU A 317 -27.78 48.35 -20.85
N PHE A 318 -27.19 47.56 -21.74
CA PHE A 318 -27.41 46.13 -21.80
C PHE A 318 -26.08 45.39 -21.66
N THR A 319 -26.19 44.09 -21.35
CA THR A 319 -25.02 43.22 -21.42
C THR A 319 -25.43 41.94 -22.13
N MET A 320 -24.71 41.60 -23.20
CA MET A 320 -25.07 40.50 -24.07
C MET A 320 -23.94 39.48 -24.13
N ILE A 321 -24.31 38.21 -24.35
CA ILE A 321 -23.33 37.16 -24.55
C ILE A 321 -23.68 36.42 -25.83
N GLN A 322 -22.73 36.35 -26.75
CA GLN A 322 -22.93 35.68 -28.02
C GLN A 322 -22.14 34.38 -28.08
N SER A 323 -22.68 33.41 -28.82
CA SER A 323 -22.01 32.14 -29.06
C SER A 323 -22.66 31.49 -30.27
N ALA A 324 -22.28 30.24 -30.56
CA ALA A 324 -22.86 29.49 -31.66
C ALA A 324 -22.61 28.00 -31.47
N PRO A 325 -23.35 27.35 -30.57
CA PRO A 325 -23.08 25.93 -30.30
C PRO A 325 -23.62 25.03 -31.40
N LEU A 326 -22.79 24.06 -31.80
CA LEU A 326 -23.15 23.08 -32.83
C LEU A 326 -22.73 21.69 -32.38
N MET A 327 -23.19 21.30 -31.19
CA MET A 327 -22.96 19.97 -30.64
C MET A 327 -23.01 18.89 -31.71
N LEU A 328 -21.97 18.05 -31.75
CA LEU A 328 -21.82 17.05 -32.80
C LEU A 328 -21.16 15.81 -32.22
N LEU A 329 -21.32 14.70 -32.93
CA LEU A 329 -20.71 13.43 -32.59
C LEU A 329 -19.97 12.90 -33.81
N ALA A 330 -18.72 12.50 -33.61
CA ALA A 330 -17.94 11.92 -34.70
C ALA A 330 -18.53 10.59 -35.16
N ASP A 331 -18.99 9.78 -34.19
CA ASP A 331 -19.54 8.45 -34.48
C ASP A 331 -20.96 8.33 -33.94
N PRO A 332 -21.97 8.71 -34.71
CA PRO A 332 -23.35 8.64 -34.19
C PRO A 332 -23.79 7.22 -33.86
N ASP A 333 -23.27 6.21 -34.55
CA ASP A 333 -23.67 4.83 -34.34
C ASP A 333 -23.05 4.21 -33.11
N GLU A 334 -22.40 5.00 -32.26
CA GLU A 334 -21.77 4.48 -31.05
C GLU A 334 -22.76 4.27 -29.92
N PHE A 335 -24.00 4.70 -30.08
CA PHE A 335 -25.02 4.59 -29.04
C PHE A 335 -26.24 3.88 -29.57
N VAL A 336 -27.12 3.46 -28.65
CA VAL A 336 -28.40 2.85 -28.99
C VAL A 336 -29.47 3.53 -28.16
N SER A 337 -30.52 4.00 -28.82
CA SER A 337 -31.61 4.71 -28.15
C SER A 337 -32.81 3.78 -28.06
N VAL A 338 -32.97 3.12 -26.91
CA VAL A 338 -34.09 2.22 -26.73
C VAL A 338 -35.27 2.99 -26.16
N GLN A 339 -36.42 2.86 -26.82
CA GLN A 339 -37.65 3.54 -26.42
C GLN A 339 -38.53 2.53 -25.67
N LEU A 340 -38.52 2.64 -24.34
CA LEU A 340 -39.30 1.73 -23.52
C LEU A 340 -40.79 2.00 -23.69
N ALA A 341 -41.60 1.11 -23.11
CA ALA A 341 -43.05 1.24 -23.16
C ALA A 341 -43.68 0.66 -21.91
N ALA B 7 12.05 23.24 -41.75
CA ALA B 7 11.34 22.30 -40.88
C ALA B 7 11.94 22.31 -39.48
N GLN B 8 11.14 21.94 -38.49
CA GLN B 8 11.62 21.88 -37.12
C GLN B 8 12.62 20.74 -36.95
N LEU B 9 13.65 20.98 -36.14
CA LEU B 9 14.76 20.07 -36.01
C LEU B 9 14.38 18.89 -35.10
N LEU B 10 15.37 18.06 -34.76
CA LEU B 10 15.15 16.92 -33.89
C LEU B 10 14.90 17.32 -32.45
N ALA B 11 15.19 18.57 -32.08
CA ALA B 11 14.94 19.03 -30.72
C ALA B 11 13.46 19.06 -30.38
N ALA B 12 12.58 18.94 -31.37
CA ALA B 12 11.14 18.88 -31.11
C ALA B 12 10.78 17.51 -30.53
N ASN B 13 11.27 17.23 -29.32
CA ASN B 13 10.99 16.00 -28.61
C ASN B 13 10.55 16.30 -27.18
N GLU B 14 9.96 17.48 -26.96
CA GLU B 14 9.58 17.93 -25.63
C GLU B 14 8.19 17.42 -25.30
N GLN B 15 8.10 16.16 -24.87
CA GLN B 15 6.87 15.62 -24.33
C GLN B 15 7.03 15.25 -22.86
N LYS B 16 7.97 14.36 -22.54
CA LYS B 16 8.26 13.92 -21.18
C LYS B 16 6.97 13.63 -20.39
N PHE B 17 6.15 12.76 -20.98
CA PHE B 17 4.93 12.28 -20.34
C PHE B 17 5.03 10.76 -20.19
N LYS B 18 4.87 10.28 -18.96
CA LYS B 18 4.96 8.86 -18.65
C LYS B 18 3.57 8.36 -18.27
N PHE B 19 2.80 7.95 -19.28
CA PHE B 19 1.46 7.43 -19.09
C PHE B 19 1.34 5.99 -19.60
N ASP B 20 2.38 5.19 -19.40
CA ASP B 20 2.34 3.80 -19.83
C ASP B 20 1.28 3.04 -19.03
N PRO B 21 0.31 2.42 -19.68
CA PRO B 21 -0.91 1.91 -19.01
C PRO B 21 -0.86 0.50 -18.43
N LEU B 22 -0.29 0.39 -17.23
CA LEU B 22 -0.48 -0.75 -16.33
C LEU B 22 0.26 -2.00 -16.77
N PHE B 23 0.76 -2.03 -17.99
CA PHE B 23 1.51 -3.18 -18.47
C PHE B 23 2.95 -2.88 -18.83
N LEU B 24 3.24 -1.65 -19.25
CA LEU B 24 4.62 -1.22 -19.42
C LEU B 24 5.19 -0.62 -18.14
N ARG B 25 4.35 -0.41 -17.12
CA ARG B 25 4.80 0.15 -15.86
C ARG B 25 4.83 -0.84 -14.71
N LEU B 26 4.07 -1.94 -14.81
CA LEU B 26 3.98 -2.88 -13.70
C LEU B 26 4.82 -4.14 -13.89
N PHE B 27 5.06 -4.57 -15.13
CA PHE B 27 5.85 -5.77 -15.38
C PHE B 27 7.00 -5.54 -16.36
N PHE B 28 6.84 -4.64 -17.32
CA PHE B 28 7.81 -4.43 -18.38
C PHE B 28 8.62 -3.16 -18.16
N ARG B 29 9.00 -2.91 -16.90
CA ARG B 29 9.64 -1.64 -16.56
C ARG B 29 10.97 -1.47 -17.27
N GLU B 30 11.79 -2.51 -17.32
CA GLU B 30 13.12 -2.41 -17.91
C GLU B 30 13.08 -2.59 -19.42
N SER B 31 13.97 -1.88 -20.11
CA SER B 31 13.99 -1.86 -21.57
C SER B 31 15.41 -2.08 -22.07
N TYR B 32 15.53 -2.79 -23.20
CA TYR B 32 16.80 -3.15 -23.80
C TYR B 32 16.81 -2.81 -25.28
N PRO B 33 17.01 -1.55 -25.63
CA PRO B 33 17.18 -1.20 -27.05
C PRO B 33 18.44 -1.82 -27.62
N PHE B 34 18.38 -2.17 -28.90
CA PHE B 34 19.45 -2.91 -29.56
C PHE B 34 20.11 -2.05 -30.65
N THR B 35 21.26 -2.52 -31.11
CA THR B 35 22.02 -1.88 -32.17
C THR B 35 22.18 -2.83 -33.34
N THR B 36 21.08 -3.49 -33.72
CA THR B 36 21.08 -4.42 -34.84
C THR B 36 19.65 -4.54 -35.36
N GLU B 37 19.53 -5.02 -36.60
CA GLU B 37 18.22 -5.07 -37.24
C GLU B 37 17.24 -5.96 -36.49
N LYS B 38 17.71 -7.12 -36.04
CA LYS B 38 16.87 -8.07 -35.33
C LYS B 38 17.14 -7.94 -33.83
N VAL B 39 16.57 -8.85 -33.05
CA VAL B 39 16.74 -8.88 -31.60
C VAL B 39 17.35 -10.22 -31.22
N TYR B 40 18.48 -10.19 -30.51
CA TYR B 40 19.18 -11.38 -30.08
C TYR B 40 19.14 -11.47 -28.55
N LEU B 41 18.67 -12.61 -28.04
CA LEU B 41 18.60 -12.80 -26.60
C LEU B 41 19.94 -13.12 -25.97
N SER B 42 20.98 -13.37 -26.77
CA SER B 42 22.30 -13.67 -26.20
C SER B 42 22.83 -12.48 -25.41
N GLN B 43 22.68 -11.27 -25.95
CA GLN B 43 23.19 -10.09 -25.26
C GLN B 43 22.42 -9.76 -23.99
N ILE B 44 21.22 -10.31 -23.83
CA ILE B 44 20.44 -10.05 -22.62
C ILE B 44 21.17 -10.67 -21.42
N PRO B 45 21.26 -9.98 -20.28
CA PRO B 45 21.97 -10.55 -19.13
C PRO B 45 21.43 -11.90 -18.68
N GLY B 46 20.13 -12.13 -18.80
CA GLY B 46 19.56 -13.38 -18.38
C GLY B 46 19.40 -13.44 -16.86
N LEU B 47 19.46 -14.67 -16.35
CA LEU B 47 19.28 -14.92 -14.92
C LEU B 47 20.58 -15.40 -14.31
N VAL B 48 20.80 -15.03 -13.05
CA VAL B 48 21.99 -15.44 -12.32
C VAL B 48 21.89 -16.93 -12.03
N ASN B 49 23.04 -17.61 -11.97
CA ASN B 49 23.12 -19.02 -11.69
C ASN B 49 23.42 -19.25 -10.21
N MET B 50 23.72 -20.49 -9.84
CA MET B 50 24.11 -20.83 -8.49
C MET B 50 25.57 -20.40 -8.31
N ALA B 51 26.13 -20.55 -7.11
CA ALA B 51 27.48 -20.06 -6.85
C ALA B 51 28.56 -21.13 -6.93
N LEU B 52 28.21 -22.41 -6.86
CA LEU B 52 29.15 -23.48 -7.20
C LEU B 52 30.40 -23.50 -6.34
N TYR B 53 30.28 -23.94 -5.08
CA TYR B 53 31.42 -24.15 -4.19
C TYR B 53 32.65 -24.63 -4.93
N VAL B 54 33.78 -23.96 -4.71
CA VAL B 54 35.06 -24.39 -5.24
C VAL B 54 36.09 -24.35 -4.12
N SER B 55 37.24 -24.94 -4.40
CA SER B 55 38.35 -25.03 -3.47
C SER B 55 38.99 -23.66 -3.26
N PRO B 56 39.99 -23.54 -2.40
CA PRO B 56 40.78 -22.30 -2.34
C PRO B 56 41.60 -22.09 -3.60
N ILE B 57 42.55 -21.17 -3.53
CA ILE B 57 43.19 -20.52 -4.69
C ILE B 57 43.73 -21.51 -5.71
N VAL B 58 43.68 -22.81 -5.37
CA VAL B 58 44.08 -23.87 -6.30
C VAL B 58 43.56 -23.61 -7.71
N SER B 59 42.28 -23.28 -7.85
CA SER B 59 41.70 -23.19 -9.18
C SER B 59 40.56 -22.18 -9.18
N GLY B 60 39.86 -22.09 -10.32
CA GLY B 60 38.73 -21.19 -10.50
C GLY B 60 38.21 -21.25 -11.94
N GLU B 61 36.90 -21.28 -12.11
CA GLU B 61 36.29 -21.50 -13.41
C GLU B 61 35.36 -20.34 -13.76
N VAL B 62 35.32 -19.99 -15.06
CA VAL B 62 34.65 -18.77 -15.51
C VAL B 62 33.19 -19.06 -15.82
N ILE B 63 32.32 -18.15 -15.40
CA ILE B 63 30.87 -18.31 -15.58
C ILE B 63 30.44 -17.53 -16.82
N ARG B 64 29.72 -18.20 -17.71
CA ARG B 64 29.15 -17.59 -18.90
C ARG B 64 27.64 -17.70 -18.86
N SER B 65 26.95 -16.59 -19.08
CA SER B 65 25.49 -16.55 -19.08
C SER B 65 25.00 -16.68 -20.52
N ARG B 66 24.50 -17.87 -20.86
CA ARG B 66 24.05 -18.15 -22.21
C ARG B 66 22.63 -17.60 -22.41
N GLY B 67 22.09 -17.84 -23.61
CA GLY B 67 20.76 -17.35 -23.94
C GLY B 67 19.75 -18.46 -24.17
N GLY B 68 20.17 -19.71 -23.96
CA GLY B 68 19.28 -20.84 -24.13
C GLY B 68 19.28 -21.43 -25.52
N SER B 69 18.12 -21.48 -26.15
CA SER B 69 17.96 -22.10 -27.46
C SER B 69 17.63 -21.09 -28.55
N THR B 70 16.58 -20.28 -28.38
CA THR B 70 16.18 -19.31 -29.38
C THR B 70 16.69 -17.92 -29.01
N SER B 71 17.41 -17.30 -29.94
CA SER B 71 17.98 -15.98 -29.69
C SER B 71 17.92 -15.09 -30.93
N GLU B 72 16.88 -15.24 -31.76
CA GLU B 72 16.71 -14.41 -32.95
C GLU B 72 15.23 -14.12 -33.15
N PHE B 73 14.86 -12.86 -33.03
CA PHE B 73 13.49 -12.39 -33.22
C PHE B 73 13.48 -11.19 -34.14
N THR B 74 12.36 -11.00 -34.83
CA THR B 74 12.22 -9.89 -35.77
C THR B 74 11.37 -8.79 -35.15
N PRO B 75 11.90 -7.58 -34.97
CA PRO B 75 11.12 -6.52 -34.33
C PRO B 75 9.96 -6.05 -35.19
N GLY B 76 8.93 -5.55 -34.52
CA GLY B 76 7.77 -5.02 -35.20
C GLY B 76 7.93 -3.57 -35.63
N TYR B 77 8.65 -3.33 -36.71
CA TYR B 77 8.93 -1.96 -37.14
C TYR B 77 7.62 -1.24 -37.49
N VAL B 78 7.59 0.06 -37.19
CA VAL B 78 6.39 0.86 -37.38
C VAL B 78 6.80 2.30 -37.62
N LYS B 79 6.12 2.94 -38.58
CA LYS B 79 6.40 4.34 -38.93
C LYS B 79 5.12 5.02 -39.40
N PRO B 80 4.23 5.38 -38.46
CA PRO B 80 3.01 6.09 -38.84
C PRO B 80 3.30 7.54 -39.20
N LYS B 81 2.64 8.02 -40.25
CA LYS B 81 2.87 9.35 -40.80
C LYS B 81 1.65 10.23 -40.65
N HIS B 82 1.88 11.52 -40.41
CA HIS B 82 0.83 12.53 -40.46
C HIS B 82 1.25 13.72 -41.31
N GLU B 83 0.25 14.41 -41.84
CA GLU B 83 0.43 15.65 -42.57
C GLU B 83 0.18 16.83 -41.64
N VAL B 84 0.78 17.98 -41.98
CA VAL B 84 0.72 19.14 -41.12
C VAL B 84 0.04 20.31 -41.84
N ASN B 85 -0.95 19.99 -42.67
CA ASN B 85 -1.78 20.96 -43.38
C ASN B 85 -2.22 22.06 -42.44
N PRO B 86 -1.78 23.31 -42.65
CA PRO B 86 -2.10 24.42 -41.73
C PRO B 86 -3.50 24.98 -41.90
N GLN B 87 -4.49 24.09 -41.99
CA GLN B 87 -5.89 24.49 -42.02
C GLN B 87 -6.75 23.79 -40.99
N MET B 88 -6.25 22.75 -40.32
CA MET B 88 -7.03 22.04 -39.33
C MET B 88 -7.36 22.97 -38.16
N THR B 89 -8.62 22.93 -37.73
CA THR B 89 -9.05 23.77 -36.62
C THR B 89 -8.45 23.27 -35.32
N LEU B 90 -7.61 24.10 -34.69
CA LEU B 90 -6.95 23.70 -33.46
C LEU B 90 -7.97 23.54 -32.34
N ARG B 91 -7.75 22.52 -31.51
CA ARG B 91 -8.61 22.30 -30.35
C ARG B 91 -8.41 23.40 -29.32
N ARG B 92 -9.49 23.73 -28.61
CA ARG B 92 -9.47 24.80 -27.61
C ARG B 92 -8.87 24.24 -26.32
N LEU B 93 -7.55 24.13 -26.33
CA LEU B 93 -6.84 23.82 -25.10
C LEU B 93 -6.97 25.02 -24.15
N PRO B 94 -7.09 24.77 -22.84
CA PRO B 94 -7.28 25.88 -21.89
C PRO B 94 -6.17 26.91 -21.92
N ASP B 95 -6.42 28.06 -21.29
CA ASP B 95 -5.45 29.17 -21.16
C ASP B 95 -4.79 29.51 -22.50
N GLU B 96 -5.55 29.45 -23.58
CA GLU B 96 -5.05 29.71 -24.93
C GLU B 96 -5.67 30.99 -25.45
N ASP B 97 -4.87 32.04 -25.55
CA ASP B 97 -5.33 33.29 -26.13
C ASP B 97 -5.32 33.19 -27.65
N PRO B 98 -6.44 33.44 -28.32
CA PRO B 98 -6.41 33.47 -29.79
C PRO B 98 -5.54 34.57 -30.38
N GLN B 99 -5.23 35.61 -29.61
CA GLN B 99 -4.47 36.74 -30.15
C GLN B 99 -3.04 36.34 -30.50
N ASN B 100 -2.35 35.64 -29.62
CA ASN B 100 -1.04 35.10 -29.95
C ASN B 100 -1.13 33.74 -30.65
N LEU B 101 -2.30 33.43 -31.20
CA LEU B 101 -2.54 32.18 -31.90
C LEU B 101 -2.77 32.36 -33.39
N ALA B 102 -3.28 33.51 -33.82
CA ALA B 102 -3.59 33.70 -35.24
C ALA B 102 -2.33 33.65 -36.10
N ASP B 103 -1.17 33.98 -35.54
CA ASP B 103 0.06 33.92 -36.31
C ASP B 103 0.38 32.48 -36.68
N PRO B 104 0.75 32.20 -37.94
CA PRO B 104 1.10 30.83 -38.32
C PRO B 104 2.30 30.28 -37.59
N ALA B 105 3.22 31.15 -37.14
CA ALA B 105 4.42 30.67 -36.46
C ALA B 105 4.09 29.90 -35.19
N TYR B 106 2.97 30.20 -34.56
CA TYR B 106 2.51 29.48 -33.38
C TYR B 106 1.53 28.38 -33.71
N ARG B 107 0.66 28.61 -34.70
CA ARG B 107 -0.29 27.59 -35.11
C ARG B 107 0.42 26.33 -35.61
N ARG B 108 1.41 26.50 -36.48
CA ARG B 108 2.18 25.36 -36.97
C ARG B 108 2.98 24.72 -35.84
N ARG B 109 3.57 25.53 -34.98
CA ARG B 109 4.37 25.00 -33.88
C ARG B 109 3.53 24.19 -32.91
N ARG B 110 2.24 24.49 -32.78
CA ARG B 110 1.37 23.68 -31.93
C ARG B 110 0.76 22.49 -32.66
N ILE B 111 0.47 22.61 -33.95
CA ILE B 111 -0.03 21.43 -34.67
C ILE B 111 1.06 20.37 -34.77
N ILE B 112 2.33 20.77 -34.88
CA ILE B 112 3.42 19.80 -34.84
C ILE B 112 3.40 19.03 -33.53
N MET B 113 3.23 19.73 -32.42
CA MET B 113 3.21 19.08 -31.12
C MET B 113 1.99 18.16 -30.98
N GLN B 114 0.85 18.58 -31.53
CA GLN B 114 -0.33 17.72 -31.50
C GLN B 114 -0.09 16.43 -32.27
N ASN B 115 0.54 16.53 -33.44
CA ASN B 115 0.88 15.32 -34.19
C ASN B 115 1.85 14.44 -33.41
N MET B 116 2.84 15.05 -32.76
CA MET B 116 3.75 14.24 -31.95
C MET B 116 2.99 13.52 -30.84
N ARG B 117 2.07 14.22 -30.18
CA ARG B 117 1.32 13.60 -29.08
C ARG B 117 0.49 12.41 -29.57
N ASP B 118 -0.28 12.57 -30.65
CA ASP B 118 -1.12 11.43 -31.00
C ASP B 118 -0.32 10.31 -31.66
N GLU B 119 0.79 10.62 -32.34
CA GLU B 119 1.68 9.56 -32.78
C GLU B 119 2.20 8.74 -31.60
N GLU B 120 2.69 9.43 -30.56
CA GLU B 120 3.21 8.71 -29.40
C GLU B 120 2.11 7.92 -28.70
N LEU B 121 0.91 8.49 -28.62
CA LEU B 121 -0.21 7.77 -28.01
C LEU B 121 -0.52 6.49 -28.78
N ALA B 122 -0.58 6.57 -30.11
CA ALA B 122 -0.86 5.37 -30.90
C ALA B 122 0.22 4.33 -30.71
N ILE B 123 1.49 4.74 -30.73
CA ILE B 123 2.58 3.77 -30.60
C ILE B 123 2.55 3.10 -29.23
N ALA B 124 2.35 3.89 -28.17
CA ALA B 124 2.34 3.33 -26.83
C ALA B 124 1.16 2.39 -26.64
N GLN B 125 -0.01 2.74 -27.20
CA GLN B 125 -1.17 1.89 -27.09
C GLN B 125 -0.98 0.59 -27.86
N VAL B 126 -0.31 0.64 -29.01
CA VAL B 126 0.01 -0.60 -29.73
C VAL B 126 1.00 -1.44 -28.93
N GLU B 127 1.95 -0.79 -28.26
CA GLU B 127 2.88 -1.52 -27.41
C GLU B 127 2.15 -2.23 -26.28
N GLU B 128 1.17 -1.57 -25.67
CA GLU B 128 0.38 -2.22 -24.64
C GLU B 128 -0.44 -3.38 -25.20
N MET B 129 -1.03 -3.20 -26.38
CA MET B 129 -1.75 -4.30 -27.03
C MET B 129 -0.82 -5.48 -27.25
N GLN B 130 0.41 -5.20 -27.67
CA GLN B 130 1.41 -6.25 -27.85
C GLN B 130 1.71 -6.96 -26.54
N ALA B 131 1.87 -6.19 -25.46
CA ALA B 131 2.17 -6.78 -24.16
C ALA B 131 1.02 -7.64 -23.66
N VAL B 132 -0.22 -7.21 -23.88
CA VAL B 132 -1.38 -7.98 -23.44
C VAL B 132 -1.52 -9.25 -24.26
N SER B 133 -1.34 -9.15 -25.59
CA SER B 133 -1.38 -10.34 -26.41
C SER B 133 -0.27 -11.30 -26.01
N ALA B 134 0.88 -10.77 -25.61
CA ALA B 134 1.97 -11.60 -25.10
C ALA B 134 1.55 -12.32 -23.82
N VAL B 135 1.37 -11.59 -22.72
CA VAL B 135 0.88 -12.24 -21.52
C VAL B 135 -0.63 -12.08 -21.40
N LEU B 136 -1.37 -12.80 -22.23
CA LEU B 136 -2.70 -13.28 -21.88
C LEU B 136 -2.76 -14.76 -22.19
N LYS B 137 -1.93 -15.20 -23.14
CA LYS B 137 -1.89 -16.60 -23.56
C LYS B 137 -0.49 -17.12 -23.77
N GLY B 138 0.53 -16.29 -23.60
CA GLY B 138 1.90 -16.69 -23.85
C GLY B 138 2.36 -16.61 -25.28
N LYS B 139 1.47 -16.88 -26.24
CA LYS B 139 1.82 -16.81 -27.65
C LYS B 139 1.61 -15.38 -28.16
N TYR B 140 2.01 -15.13 -29.40
CA TYR B 140 1.92 -13.80 -29.99
C TYR B 140 2.17 -13.85 -31.49
N THR B 141 1.68 -12.87 -32.23
CA THR B 141 1.87 -12.82 -33.67
C THR B 141 2.01 -11.38 -34.13
N MET B 142 2.60 -11.21 -35.31
CA MET B 142 2.73 -9.92 -35.97
C MET B 142 2.06 -10.04 -37.33
N THR B 143 1.06 -9.19 -37.58
CA THR B 143 0.38 -9.17 -38.86
C THR B 143 0.28 -7.73 -39.34
N GLY B 144 -0.28 -7.55 -40.53
CA GLY B 144 -0.47 -6.23 -41.08
C GLY B 144 -0.43 -6.20 -42.59
N GLU B 145 -1.17 -5.27 -43.18
CA GLU B 145 -1.16 -5.11 -44.63
C GLU B 145 0.20 -4.59 -45.09
N ALA B 146 0.66 -5.10 -46.24
CA ALA B 146 1.97 -4.75 -46.79
C ALA B 146 3.08 -5.05 -45.80
N PHE B 147 2.96 -6.17 -45.09
CA PHE B 147 3.96 -6.61 -44.13
C PHE B 147 3.86 -8.11 -43.96
N ASP B 148 5.02 -8.77 -43.93
CA ASP B 148 5.04 -10.23 -43.84
C ASP B 148 4.66 -10.67 -42.43
N PRO B 149 3.71 -11.59 -42.28
CA PRO B 149 3.34 -12.04 -40.93
C PRO B 149 4.50 -12.69 -40.20
N VAL B 150 4.55 -12.46 -38.89
CA VAL B 150 5.60 -13.01 -38.03
C VAL B 150 4.96 -13.48 -36.74
N GLU B 151 5.37 -14.66 -36.28
CA GLU B 151 4.84 -15.24 -35.06
C GLU B 151 5.94 -15.30 -34.00
N VAL B 152 5.57 -14.98 -32.76
CA VAL B 152 6.50 -14.96 -31.64
C VAL B 152 5.92 -15.82 -30.52
N ASP B 153 6.72 -16.78 -30.05
CA ASP B 153 6.30 -17.72 -29.02
C ASP B 153 7.18 -17.52 -27.79
N MET B 154 6.57 -17.12 -26.68
CA MET B 154 7.32 -16.93 -25.44
C MET B 154 7.77 -18.27 -24.86
N GLY B 155 6.92 -19.28 -24.95
CA GLY B 155 7.21 -20.56 -24.33
C GLY B 155 6.40 -20.79 -23.07
N ARG B 156 5.14 -20.34 -23.09
CA ARG B 156 4.27 -20.51 -21.94
C ARG B 156 3.93 -21.99 -21.74
N SER B 157 3.95 -22.43 -20.49
CA SER B 157 3.57 -23.80 -20.16
C SER B 157 2.05 -23.95 -20.25
N GLU B 158 1.62 -25.15 -20.65
CA GLU B 158 0.19 -25.41 -20.79
C GLU B 158 -0.54 -25.42 -19.45
N GLU B 159 0.18 -25.55 -18.34
CA GLU B 159 -0.44 -25.57 -17.02
C GLU B 159 -0.84 -24.19 -16.54
N ASN B 160 -0.48 -23.12 -17.26
CA ASN B 160 -0.81 -21.75 -16.87
C ASN B 160 -1.87 -21.15 -17.77
N ASN B 161 -2.77 -21.97 -18.30
CA ASN B 161 -3.87 -21.53 -19.15
C ASN B 161 -5.16 -22.19 -18.70
N ILE B 162 -5.42 -22.14 -17.40
CA ILE B 162 -6.57 -22.84 -16.82
C ILE B 162 -7.85 -22.28 -17.42
N THR B 163 -8.72 -23.18 -17.90
CA THR B 163 -9.99 -22.81 -18.52
C THR B 163 -11.11 -23.15 -17.53
N GLN B 164 -11.83 -22.11 -17.09
CA GLN B 164 -12.87 -22.30 -16.08
C GLN B 164 -14.11 -22.97 -16.64
N SER B 165 -14.33 -22.90 -17.95
CA SER B 165 -15.57 -23.41 -18.53
C SER B 165 -15.70 -24.92 -18.32
N GLY B 166 -14.61 -25.65 -18.44
CA GLY B 166 -14.65 -27.10 -18.34
C GLY B 166 -15.13 -27.62 -17.00
N GLY B 167 -16.33 -28.18 -16.98
CA GLY B 167 -16.85 -28.83 -15.80
C GLY B 167 -17.31 -27.90 -14.70
N THR B 168 -16.37 -27.23 -14.05
CA THR B 168 -16.65 -26.41 -12.86
C THR B 168 -16.32 -24.95 -13.16
N GLU B 169 -17.37 -24.17 -13.39
CA GLU B 169 -17.23 -22.73 -13.58
C GLU B 169 -17.50 -22.02 -12.25
N TRP B 170 -17.62 -20.69 -12.29
CA TRP B 170 -18.03 -19.91 -11.14
C TRP B 170 -19.44 -19.37 -11.26
N SER B 171 -20.00 -19.35 -12.47
CA SER B 171 -21.31 -18.74 -12.69
C SER B 171 -22.48 -19.63 -12.30
N LYS B 172 -22.24 -20.91 -12.03
CA LYS B 172 -23.29 -21.86 -11.75
C LYS B 172 -23.20 -22.42 -10.34
N ARG B 173 -22.78 -21.60 -9.40
CA ARG B 173 -22.74 -21.96 -7.99
C ARG B 173 -23.58 -21.00 -7.17
N ASP B 174 -23.87 -21.42 -5.94
CA ASP B 174 -24.65 -20.58 -5.04
C ASP B 174 -23.90 -19.29 -4.75
N LYS B 175 -24.61 -18.17 -4.83
CA LYS B 175 -23.98 -16.86 -4.70
C LYS B 175 -23.80 -16.44 -3.24
N SER B 176 -24.26 -17.24 -2.29
CA SER B 176 -24.17 -16.91 -0.88
C SER B 176 -23.47 -17.97 -0.05
N THR B 177 -23.15 -19.12 -0.62
CA THR B 177 -22.48 -20.19 0.11
C THR B 177 -21.13 -20.59 -0.47
N TYR B 178 -20.95 -20.45 -1.79
CA TYR B 178 -19.70 -20.87 -2.41
C TYR B 178 -18.59 -19.90 -2.11
N ASP B 179 -17.44 -20.42 -1.67
CA ASP B 179 -16.27 -19.61 -1.35
C ASP B 179 -15.23 -19.78 -2.43
N PRO B 180 -14.86 -18.73 -3.17
CA PRO B 180 -13.90 -18.88 -4.27
C PRO B 180 -12.44 -18.78 -3.87
N THR B 181 -12.13 -18.70 -2.57
CA THR B 181 -10.72 -18.64 -2.15
C THR B 181 -9.99 -19.94 -2.51
N ASP B 182 -10.66 -21.08 -2.34
CA ASP B 182 -10.01 -22.35 -2.65
C ASP B 182 -9.67 -22.45 -4.13
N ASP B 183 -10.55 -21.98 -5.00
CA ASP B 183 -10.27 -21.99 -6.43
C ASP B 183 -9.08 -21.10 -6.76
N ILE B 184 -9.01 -19.92 -6.13
CA ILE B 184 -7.88 -19.02 -6.38
C ILE B 184 -6.57 -19.65 -5.92
N GLU B 185 -6.59 -20.30 -4.75
CA GLU B 185 -5.38 -20.96 -4.26
C GLU B 185 -4.96 -22.09 -5.19
N ALA B 186 -5.93 -22.90 -5.63
CA ALA B 186 -5.61 -24.02 -6.52
C ALA B 186 -5.11 -23.55 -7.88
N TYR B 187 -5.59 -22.40 -8.36
CA TYR B 187 -5.13 -21.88 -9.64
C TYR B 187 -3.80 -21.16 -9.53
N ALA B 188 -3.49 -20.59 -8.37
CA ALA B 188 -2.22 -19.89 -8.16
C ALA B 188 -1.13 -20.78 -7.60
N LEU B 189 -1.43 -22.03 -7.27
CA LEU B 189 -0.38 -22.95 -6.81
C LEU B 189 0.71 -23.12 -7.85
N ASN B 190 0.32 -23.32 -9.11
CA ASN B 190 1.29 -23.52 -10.19
C ASN B 190 1.67 -22.21 -10.86
N ALA B 191 2.13 -21.25 -10.06
CA ALA B 191 2.50 -19.93 -10.56
C ALA B 191 4.00 -19.69 -10.55
N SER B 192 4.80 -20.63 -10.05
CA SER B 192 6.26 -20.49 -9.97
C SER B 192 6.65 -19.21 -9.24
N GLY B 193 5.95 -18.91 -8.15
CA GLY B 193 6.19 -17.70 -7.40
C GLY B 193 4.91 -17.16 -6.80
N VAL B 194 5.01 -16.57 -5.60
CA VAL B 194 3.82 -16.05 -4.93
C VAL B 194 3.24 -14.89 -5.74
N VAL B 195 1.94 -14.93 -5.98
CA VAL B 195 1.26 -13.89 -6.73
C VAL B 195 0.77 -12.81 -5.78
N ASN B 196 0.70 -11.59 -6.29
CA ASN B 196 0.10 -10.49 -5.55
C ASN B 196 -0.79 -9.60 -6.41
N ILE B 197 -0.94 -9.90 -7.69
CA ILE B 197 -1.77 -9.13 -8.60
C ILE B 197 -2.73 -10.09 -9.30
N ILE B 198 -4.02 -9.83 -9.17
CA ILE B 198 -5.05 -10.72 -9.69
C ILE B 198 -5.98 -9.97 -10.63
N VAL B 199 -5.42 -9.03 -11.41
CA VAL B 199 -6.17 -8.13 -12.28
C VAL B 199 -7.29 -8.85 -13.04
N PHE B 200 -8.50 -8.32 -12.94
CA PHE B 200 -9.70 -8.89 -13.52
C PHE B 200 -10.07 -8.13 -14.79
N ASP B 201 -11.24 -8.45 -15.33
CA ASP B 201 -11.87 -7.72 -16.41
C ASP B 201 -13.12 -7.01 -15.90
N PRO B 202 -13.54 -5.92 -16.56
CA PRO B 202 -14.74 -5.21 -16.08
C PRO B 202 -15.97 -6.09 -16.00
N LYS B 203 -16.15 -7.01 -16.95
CA LYS B 203 -17.27 -7.94 -16.87
C LYS B 203 -16.94 -9.14 -15.99
N GLY B 204 -15.68 -9.58 -16.01
CA GLY B 204 -15.29 -10.74 -15.23
C GLY B 204 -15.28 -10.53 -13.74
N TRP B 205 -15.15 -9.28 -13.28
CA TRP B 205 -15.12 -9.02 -11.84
C TRP B 205 -16.49 -9.14 -11.19
N ALA B 206 -17.57 -8.95 -11.97
CA ALA B 206 -18.91 -8.95 -11.39
C ALA B 206 -19.25 -10.31 -10.79
N LEU B 207 -19.00 -11.38 -11.54
CA LEU B 207 -19.32 -12.72 -11.04
C LEU B 207 -18.46 -13.08 -9.84
N PHE B 208 -17.19 -12.66 -9.85
CA PHE B 208 -16.32 -12.94 -8.71
C PHE B 208 -16.79 -12.22 -7.47
N ARG B 209 -17.16 -10.95 -7.60
CA ARG B 209 -17.59 -10.16 -6.45
C ARG B 209 -18.99 -10.53 -5.98
N SER B 210 -19.81 -11.13 -6.84
CA SER B 210 -21.18 -11.44 -6.47
C SER B 210 -21.27 -12.41 -5.30
N PHE B 211 -20.23 -13.22 -5.06
CA PHE B 211 -20.23 -14.10 -3.91
C PHE B 211 -20.16 -13.29 -2.61
N LYS B 212 -20.94 -13.72 -1.62
CA LYS B 212 -21.01 -12.95 -0.38
C LYS B 212 -19.76 -13.15 0.47
N ALA B 213 -19.14 -14.33 0.40
CA ALA B 213 -17.99 -14.63 1.26
C ALA B 213 -16.83 -13.68 1.00
N VAL B 214 -16.70 -13.17 -0.22
CA VAL B 214 -15.64 -12.21 -0.52
C VAL B 214 -15.91 -10.85 0.10
N LYS B 215 -17.18 -10.45 0.20
CA LYS B 215 -17.51 -9.06 0.54
C LYS B 215 -16.94 -8.64 1.88
N GLU B 216 -17.21 -9.41 2.94
CA GLU B 216 -16.73 -9.04 4.26
C GLU B 216 -15.21 -9.07 4.33
N LYS B 217 -14.59 -10.09 3.76
CA LYS B 217 -13.14 -10.21 3.80
C LYS B 217 -12.47 -9.19 2.88
N LEU B 218 -13.12 -8.83 1.77
CA LEU B 218 -12.54 -7.86 0.86
C LEU B 218 -12.35 -6.52 1.56
N ASP B 219 -11.19 -5.90 1.33
CA ASP B 219 -10.88 -4.61 1.91
C ASP B 219 -11.10 -3.51 0.87
N THR B 220 -11.37 -2.30 1.39
CA THR B 220 -11.52 -1.11 0.56
C THR B 220 -10.68 0.04 1.15
N ARG B 221 -9.89 -0.25 2.19
CA ARG B 221 -9.16 0.76 2.96
C ARG B 221 -8.06 1.41 2.11
N ARG B 222 -8.48 2.07 1.03
CA ARG B 222 -7.62 3.01 0.32
C ARG B 222 -6.39 2.33 -0.28
N GLY B 223 -6.20 1.06 0.03
CA GLY B 223 -4.99 0.36 -0.37
C GLY B 223 -3.84 0.56 0.59
N SER B 224 -3.19 -0.54 0.98
CA SER B 224 -2.05 -0.51 1.87
C SER B 224 -0.95 -1.45 1.40
N ASN B 225 -0.88 -1.70 0.10
CA ASN B 225 0.09 -2.63 -0.46
C ASN B 225 1.46 -2.00 -0.66
N SER B 226 1.53 -0.99 -1.54
CA SER B 226 2.79 -0.44 -1.98
C SER B 226 2.56 0.92 -2.63
N GLU B 227 3.56 1.40 -3.37
CA GLU B 227 3.35 2.57 -4.21
C GLU B 227 2.43 2.29 -5.40
N LEU B 228 1.83 1.10 -5.46
CA LEU B 228 0.95 0.74 -6.57
C LEU B 228 -0.23 1.71 -6.71
N GLU B 229 -0.74 2.22 -5.59
CA GLU B 229 -1.84 3.17 -5.64
C GLU B 229 -1.44 4.45 -6.35
N THR B 230 -0.18 4.88 -6.17
CA THR B 230 0.33 5.99 -6.94
C THR B 230 0.41 5.66 -8.43
N ALA B 231 0.82 4.42 -8.74
CA ALA B 231 0.88 4.00 -10.15
C ALA B 231 -0.51 3.83 -10.75
N VAL B 232 -1.55 3.80 -9.92
CA VAL B 232 -2.91 3.65 -10.41
C VAL B 232 -3.60 5.01 -10.53
N LYS B 233 -3.34 5.93 -9.61
CA LYS B 233 -4.06 7.20 -9.58
C LYS B 233 -3.87 8.00 -10.86
N ASP B 234 -2.69 7.88 -11.50
CA ASP B 234 -2.48 8.56 -12.77
C ASP B 234 -3.38 7.99 -13.85
N LEU B 235 -3.61 6.68 -13.83
CA LEU B 235 -4.55 6.03 -14.76
C LEU B 235 -5.94 5.96 -14.13
N GLY B 236 -6.51 7.14 -13.88
CA GLY B 236 -7.80 7.19 -13.22
C GLY B 236 -8.96 6.74 -14.07
N LYS B 237 -8.82 6.74 -15.39
CA LYS B 237 -9.95 6.46 -16.26
C LYS B 237 -10.22 4.97 -16.39
N ALA B 238 -9.26 4.21 -16.93
CA ALA B 238 -9.49 2.81 -17.26
C ALA B 238 -8.99 1.84 -16.20
N VAL B 239 -8.44 2.34 -15.09
CA VAL B 239 -7.85 1.49 -14.06
C VAL B 239 -8.55 1.83 -12.75
N SER B 240 -9.06 0.82 -12.06
CA SER B 240 -9.62 0.98 -10.73
C SER B 240 -8.97 0.01 -9.77
N TYR B 241 -8.54 0.51 -8.62
CA TYR B 241 -7.96 -0.31 -7.57
C TYR B 241 -8.99 -0.51 -6.48
N LYS B 242 -9.28 -1.77 -6.16
CA LYS B 242 -10.39 -2.10 -5.27
C LYS B 242 -9.93 -2.27 -3.82
N GLY B 243 -9.00 -3.20 -3.57
CA GLY B 243 -8.53 -3.39 -2.21
C GLY B 243 -7.72 -4.65 -1.97
N MET B 244 -7.95 -5.29 -0.83
CA MET B 244 -7.16 -6.43 -0.39
C MET B 244 -8.02 -7.70 -0.44
N TYR B 245 -7.44 -8.77 -0.97
CA TYR B 245 -7.99 -10.12 -0.86
C TYR B 245 -7.45 -10.84 0.37
N GLY B 246 -6.66 -10.16 1.18
CA GLY B 246 -6.02 -10.75 2.35
C GLY B 246 -4.52 -10.69 2.23
N ASP B 247 -4.02 -10.98 1.02
CA ASP B 247 -2.59 -10.83 0.73
C ASP B 247 -2.32 -10.17 -0.61
N VAL B 248 -3.21 -10.31 -1.59
CA VAL B 248 -2.97 -9.83 -2.95
C VAL B 248 -3.80 -8.58 -3.19
N ALA B 249 -3.44 -7.82 -4.22
CA ALA B 249 -4.18 -6.63 -4.59
C ALA B 249 -5.11 -6.92 -5.75
N ILE B 250 -6.24 -6.21 -5.78
CA ILE B 250 -7.26 -6.39 -6.80
C ILE B 250 -7.31 -5.14 -7.66
N VAL B 251 -7.20 -5.32 -8.97
CA VAL B 251 -7.27 -4.24 -9.93
C VAL B 251 -8.22 -4.63 -11.05
N VAL B 252 -9.15 -3.74 -11.38
CA VAL B 252 -10.05 -3.93 -12.51
C VAL B 252 -9.66 -2.92 -13.58
N TYR B 253 -9.24 -3.42 -14.75
CA TYR B 253 -8.70 -2.59 -15.80
C TYR B 253 -9.57 -2.74 -17.03
N SER B 254 -10.04 -1.60 -17.56
CA SER B 254 -10.99 -1.59 -18.68
C SER B 254 -10.49 -0.67 -19.78
N GLY B 255 -9.25 -0.88 -20.21
CA GLY B 255 -8.71 -0.08 -21.29
C GLY B 255 -9.37 -0.40 -22.62
N GLN B 256 -9.24 0.55 -23.54
CA GLN B 256 -9.81 0.40 -24.88
C GLN B 256 -8.81 0.90 -25.91
N TYR B 257 -8.92 0.35 -27.12
CA TYR B 257 -8.10 0.77 -28.25
C TYR B 257 -8.98 0.94 -29.47
N VAL B 258 -8.54 1.79 -30.39
CA VAL B 258 -9.34 2.19 -31.54
C VAL B 258 -8.83 1.45 -32.77
N GLU B 259 -9.67 0.56 -33.31
CA GLU B 259 -9.43 -0.05 -34.61
C GLU B 259 -9.84 0.91 -35.73
N ASN B 260 -10.02 0.38 -36.94
CA ASN B 260 -10.47 1.14 -38.09
C ASN B 260 -11.52 2.18 -37.73
N GLY B 261 -12.61 1.75 -37.09
CA GLY B 261 -13.60 2.69 -36.61
C GLY B 261 -14.26 2.31 -35.29
N VAL B 262 -13.84 1.19 -34.70
CA VAL B 262 -14.53 0.60 -33.57
C VAL B 262 -13.58 0.48 -32.39
N LYS B 263 -14.06 0.84 -31.20
CA LYS B 263 -13.29 0.70 -29.97
C LYS B 263 -13.47 -0.70 -29.41
N LYS B 264 -12.37 -1.34 -29.01
CA LYS B 264 -12.41 -2.68 -28.44
C LYS B 264 -11.54 -2.75 -27.19
N ASN B 265 -11.87 -3.69 -26.32
CA ASN B 265 -11.06 -3.94 -25.13
C ASN B 265 -9.81 -4.74 -25.49
N PHE B 266 -8.75 -4.54 -24.69
CA PHE B 266 -7.56 -5.37 -24.80
C PHE B 266 -7.84 -6.82 -24.42
N LEU B 267 -8.57 -7.03 -23.36
CA LEU B 267 -8.63 -8.39 -22.89
C LEU B 267 -9.88 -9.10 -23.41
N PRO B 268 -9.80 -10.42 -23.62
CA PRO B 268 -11.01 -11.18 -23.92
C PRO B 268 -12.01 -11.04 -22.78
N ASP B 269 -13.30 -11.02 -23.13
CA ASP B 269 -14.35 -10.53 -22.26
C ASP B 269 -14.30 -11.11 -20.84
N ASN B 270 -14.53 -12.41 -20.71
CA ASN B 270 -14.59 -13.06 -19.40
C ASN B 270 -13.28 -13.77 -19.11
N THR B 271 -12.26 -13.00 -18.75
CA THR B 271 -10.95 -13.54 -18.42
C THR B 271 -10.37 -12.80 -17.22
N MET B 272 -9.36 -13.41 -16.61
CA MET B 272 -8.63 -12.79 -15.52
C MET B 272 -7.22 -13.35 -15.50
N VAL B 273 -6.31 -12.63 -14.83
CA VAL B 273 -4.92 -13.06 -14.73
C VAL B 273 -4.43 -12.92 -13.30
N LEU B 274 -3.67 -13.92 -12.87
CA LEU B 274 -2.89 -13.88 -11.64
C LEU B 274 -1.42 -13.75 -11.99
N GLY B 275 -0.67 -13.10 -11.10
CA GLY B 275 0.75 -12.94 -11.34
C GLY B 275 1.39 -12.11 -10.25
N ASN B 276 2.65 -11.76 -10.49
CA ASN B 276 3.44 -11.01 -9.54
C ASN B 276 3.73 -9.62 -10.09
N THR B 277 3.74 -8.63 -9.21
CA THR B 277 4.08 -7.26 -9.59
C THR B 277 5.58 -7.04 -9.70
N GLN B 278 6.40 -8.04 -9.38
CA GLN B 278 7.84 -7.94 -9.47
C GLN B 278 8.40 -8.80 -10.59
N ALA B 279 7.57 -9.15 -11.58
CA ALA B 279 8.03 -9.96 -12.70
C ALA B 279 8.97 -9.14 -13.59
N ARG B 280 9.73 -9.86 -14.41
CA ARG B 280 10.70 -9.26 -15.32
C ARG B 280 10.11 -9.26 -16.73
N GLY B 281 9.85 -8.08 -17.26
CA GLY B 281 9.28 -7.95 -18.59
C GLY B 281 10.19 -7.20 -19.54
N LEU B 282 10.66 -7.89 -20.57
CA LEU B 282 11.59 -7.29 -21.52
C LEU B 282 10.88 -6.28 -22.41
N ARG B 283 11.60 -5.21 -22.75
CA ARG B 283 11.10 -4.15 -23.62
C ARG B 283 12.07 -3.92 -24.77
N THR B 284 12.46 -5.01 -25.43
CA THR B 284 13.47 -4.93 -26.48
C THR B 284 12.99 -4.11 -27.67
N TYR B 285 13.91 -3.40 -28.29
CA TYR B 285 13.65 -2.58 -29.46
C TYR B 285 14.71 -2.82 -30.51
N GLY B 286 14.32 -2.74 -31.78
CA GLY B 286 15.24 -2.85 -32.88
C GLY B 286 15.86 -1.53 -33.25
N CYS B 287 16.60 -1.53 -34.35
CA CYS B 287 17.17 -0.29 -34.86
C CYS B 287 16.15 0.51 -35.64
N ILE B 288 16.36 1.83 -35.66
CA ILE B 288 15.54 2.74 -36.47
C ILE B 288 16.26 2.86 -37.80
N GLN B 289 15.84 2.03 -38.76
CA GLN B 289 16.55 1.93 -40.03
C GLN B 289 16.30 3.14 -40.91
N ASP B 290 16.87 4.28 -40.53
CA ASP B 290 16.74 5.51 -41.28
C ASP B 290 18.13 6.11 -41.49
N ALA B 291 18.28 6.83 -42.61
CA ALA B 291 19.58 7.41 -42.93
C ALA B 291 20.01 8.45 -41.89
N ASP B 292 19.07 9.31 -41.48
CA ASP B 292 19.42 10.36 -40.52
C ASP B 292 19.75 9.77 -39.16
N ALA B 293 18.99 8.76 -38.71
CA ALA B 293 19.27 8.16 -37.41
C ALA B 293 20.65 7.52 -37.38
N GLN B 294 21.02 6.80 -38.43
CA GLN B 294 22.35 6.21 -38.49
C GLN B 294 23.43 7.28 -38.61
N ARG B 295 23.13 8.35 -39.35
CA ARG B 295 24.08 9.45 -39.51
C ARG B 295 24.30 10.24 -38.23
N GLU B 296 23.33 10.22 -37.31
CA GLU B 296 23.45 10.94 -36.04
C GLU B 296 23.73 10.00 -34.87
N GLY B 297 24.05 8.74 -35.15
CA GLY B 297 24.36 7.78 -34.09
C GLY B 297 23.23 7.52 -33.14
N ILE B 298 22.00 7.43 -33.65
CA ILE B 298 20.83 7.23 -32.81
C ILE B 298 20.17 5.93 -33.28
N ASN B 299 20.97 4.98 -33.75
CA ASN B 299 20.44 3.72 -34.22
C ASN B 299 19.76 2.94 -33.09
N ALA B 300 20.31 3.01 -31.88
CA ALA B 300 19.77 2.30 -30.73
C ALA B 300 18.91 3.28 -29.94
N SER B 301 17.60 3.25 -30.18
CA SER B 301 16.68 4.14 -29.49
C SER B 301 15.29 3.54 -29.55
N ALA B 302 14.43 3.98 -28.62
CA ALA B 302 13.06 3.50 -28.55
C ALA B 302 12.14 4.23 -29.53
N ARG B 303 12.30 5.54 -29.65
CA ARG B 303 11.48 6.35 -30.55
C ARG B 303 12.40 7.19 -31.43
N TYR B 304 11.89 7.57 -32.60
CA TYR B 304 12.63 8.48 -33.49
C TYR B 304 11.65 9.41 -34.18
N PRO B 305 11.59 10.66 -33.75
CA PRO B 305 10.80 11.65 -34.48
C PRO B 305 11.54 12.15 -35.70
N LYS B 306 10.77 12.57 -36.70
CA LYS B 306 11.38 13.12 -37.90
C LYS B 306 10.37 14.05 -38.59
N ASN B 307 10.87 15.18 -39.08
CA ASN B 307 10.08 16.19 -39.78
C ASN B 307 10.81 16.61 -41.03
N TRP B 308 10.08 16.69 -42.14
CA TRP B 308 10.68 17.05 -43.41
C TRP B 308 9.57 17.52 -44.37
N VAL B 309 10.00 18.02 -45.52
CA VAL B 309 9.09 18.50 -46.57
C VAL B 309 9.47 17.78 -47.86
N THR B 310 8.54 17.03 -48.42
CA THR B 310 8.75 16.35 -49.68
C THR B 310 8.16 17.19 -50.81
N THR B 311 8.88 17.28 -51.92
CA THR B 311 8.51 18.16 -53.01
C THR B 311 8.25 17.35 -54.28
N GLY B 312 7.76 18.07 -55.29
CA GLY B 312 7.50 17.57 -56.63
C GLY B 312 6.17 16.86 -56.83
N ASP B 313 6.07 15.58 -56.50
CA ASP B 313 4.76 14.97 -56.60
C ASP B 313 3.94 15.25 -55.34
N PRO B 314 4.37 14.80 -54.14
CA PRO B 314 3.63 15.15 -52.92
C PRO B 314 4.21 16.38 -52.24
N ALA B 315 4.01 17.57 -52.80
CA ALA B 315 4.68 18.75 -52.25
C ALA B 315 4.07 19.14 -50.90
N ARG B 316 4.32 18.32 -49.89
CA ARG B 316 3.72 18.50 -48.57
C ARG B 316 4.76 18.22 -47.50
N GLU B 317 4.50 18.71 -46.29
CA GLU B 317 5.35 18.50 -45.14
C GLU B 317 4.75 17.41 -44.25
N PHE B 318 5.61 16.53 -43.73
CA PHE B 318 5.14 15.35 -43.02
C PHE B 318 5.82 15.25 -41.66
N THR B 319 5.22 14.42 -40.79
CA THR B 319 5.80 14.09 -39.50
C THR B 319 5.73 12.58 -39.30
N MET B 320 6.83 12.00 -38.83
CA MET B 320 6.95 10.57 -38.60
C MET B 320 7.48 10.29 -37.22
N ILE B 321 7.03 9.19 -36.64
CA ILE B 321 7.57 8.65 -35.40
C ILE B 321 7.87 7.18 -35.65
N GLN B 322 9.14 6.84 -35.87
CA GLN B 322 9.53 5.48 -36.17
C GLN B 322 9.97 4.76 -34.91
N SER B 323 9.60 3.49 -34.81
CA SER B 323 9.99 2.64 -33.69
C SER B 323 9.91 1.19 -34.15
N ALA B 324 10.22 0.27 -33.22
CA ALA B 324 10.18 -1.15 -33.53
C ALA B 324 10.08 -1.98 -32.27
N PRO B 325 8.89 -2.10 -31.68
CA PRO B 325 8.75 -2.88 -30.45
C PRO B 325 8.73 -4.38 -30.69
N LEU B 326 9.27 -5.13 -29.73
CA LEU B 326 9.23 -6.58 -29.72
C LEU B 326 8.95 -7.03 -28.29
N MET B 327 7.86 -6.49 -27.71
CA MET B 327 7.51 -6.72 -26.30
C MET B 327 7.68 -8.18 -25.92
N LEU B 328 8.53 -8.43 -24.93
CA LEU B 328 8.97 -9.78 -24.62
C LEU B 328 8.90 -10.00 -23.10
N LEU B 329 8.72 -11.25 -22.70
CA LEU B 329 8.61 -11.61 -21.30
C LEU B 329 9.70 -12.60 -20.94
N ALA B 330 10.34 -12.39 -19.79
CA ALA B 330 11.43 -13.25 -19.34
C ALA B 330 10.93 -14.67 -19.08
N ASP B 331 10.06 -14.84 -18.09
CA ASP B 331 9.51 -16.14 -17.76
C ASP B 331 8.00 -16.11 -17.96
N PRO B 332 7.48 -16.72 -19.03
CA PRO B 332 6.03 -16.67 -19.26
C PRO B 332 5.22 -17.44 -18.22
N ASP B 333 5.86 -18.30 -17.44
CA ASP B 333 5.15 -19.19 -16.52
C ASP B 333 4.98 -18.58 -15.13
N GLU B 334 5.19 -17.27 -14.99
CA GLU B 334 4.99 -16.59 -13.72
C GLU B 334 3.58 -16.04 -13.57
N PHE B 335 2.71 -16.27 -14.54
CA PHE B 335 1.34 -15.79 -14.51
C PHE B 335 0.39 -16.94 -14.82
N VAL B 336 -0.87 -16.77 -14.43
CA VAL B 336 -1.92 -17.73 -14.72
C VAL B 336 -3.08 -16.99 -15.37
N SER B 337 -3.52 -17.45 -16.54
CA SER B 337 -4.59 -16.80 -17.29
C SER B 337 -5.84 -17.65 -17.17
N VAL B 338 -6.74 -17.25 -16.27
CA VAL B 338 -7.99 -17.97 -16.09
C VAL B 338 -9.00 -17.49 -17.14
N GLN B 339 -9.46 -18.41 -17.98
CA GLN B 339 -10.51 -18.14 -18.95
C GLN B 339 -11.84 -18.43 -18.27
N LEU B 340 -12.47 -17.38 -17.73
CA LEU B 340 -13.71 -17.55 -17.01
C LEU B 340 -14.87 -17.77 -17.99
N ALA B 341 -15.97 -18.29 -17.45
CA ALA B 341 -17.16 -18.55 -18.25
C ALA B 341 -18.39 -18.70 -17.35
N ALA C 7 42.21 -0.06 -14.61
CA ALA C 7 41.43 -1.02 -13.85
C ALA C 7 40.65 -0.33 -12.75
N GLN C 8 39.48 -0.87 -12.42
CA GLN C 8 38.66 -0.30 -11.36
C GLN C 8 39.34 -0.45 -10.01
N LEU C 9 39.25 0.59 -9.20
CA LEU C 9 39.85 0.57 -7.87
C LEU C 9 39.11 -0.40 -6.96
N LEU C 10 39.83 -0.92 -5.96
CA LEU C 10 39.24 -1.86 -5.02
C LEU C 10 38.13 -1.21 -4.19
N ALA C 11 38.21 0.10 -3.96
CA ALA C 11 37.19 0.82 -3.21
C ALA C 11 35.88 0.94 -3.96
N ALA C 12 35.84 0.58 -5.24
CA ALA C 12 34.60 0.61 -6.03
C ALA C 12 33.73 -0.55 -5.55
N ASN C 13 33.08 -0.34 -4.42
CA ASN C 13 32.21 -1.32 -3.77
C ASN C 13 30.89 -0.65 -3.39
N GLU C 14 30.32 0.12 -4.31
CA GLU C 14 29.13 0.91 -4.06
C GLU C 14 27.90 0.08 -4.42
N GLN C 15 27.43 -0.70 -3.44
CA GLN C 15 26.25 -1.53 -3.64
C GLN C 15 25.11 -1.16 -2.70
N LYS C 16 25.34 -1.17 -1.39
CA LYS C 16 24.36 -0.80 -0.36
C LYS C 16 22.97 -1.39 -0.56
N PHE C 17 22.88 -2.58 -1.15
CA PHE C 17 21.62 -3.31 -1.27
C PHE C 17 21.58 -4.41 -0.20
N LYS C 18 20.50 -4.43 0.58
CA LYS C 18 20.28 -5.41 1.63
C LYS C 18 19.08 -6.26 1.23
N PHE C 19 19.35 -7.41 0.63
CA PHE C 19 18.29 -8.30 0.14
C PHE C 19 18.37 -9.68 0.78
N ASP C 20 18.51 -9.74 2.10
CA ASP C 20 18.60 -11.02 2.78
C ASP C 20 17.25 -11.73 2.76
N PRO C 21 17.15 -12.94 2.20
CA PRO C 21 15.87 -13.63 1.98
C PRO C 21 15.28 -14.31 3.20
N LEU C 22 14.85 -13.51 4.17
CA LEU C 22 13.94 -13.92 5.24
C LEU C 22 14.58 -14.85 6.27
N PHE C 23 15.79 -15.33 5.99
CA PHE C 23 16.51 -16.16 6.95
C PHE C 23 17.77 -15.50 7.48
N LEU C 24 18.57 -14.89 6.60
CA LEU C 24 19.67 -14.07 7.07
C LEU C 24 19.19 -12.75 7.63
N ARG C 25 17.92 -12.42 7.48
CA ARG C 25 17.36 -11.15 7.93
C ARG C 25 16.53 -11.29 9.19
N LEU C 26 16.26 -12.51 9.66
CA LEU C 26 15.46 -12.73 10.85
C LEU C 26 16.13 -13.58 11.91
N PHE C 27 17.03 -14.48 11.53
CA PHE C 27 17.64 -15.40 12.46
C PHE C 27 19.16 -15.27 12.55
N PHE C 28 19.80 -14.83 11.47
CA PHE C 28 21.25 -14.82 11.36
C PHE C 28 21.80 -13.41 11.26
N ARG C 29 21.31 -12.52 12.12
CA ARG C 29 21.66 -11.11 12.03
C ARG C 29 23.15 -10.89 12.30
N GLU C 30 23.62 -11.26 13.48
CA GLU C 30 25.00 -10.98 13.87
C GLU C 30 25.98 -11.80 13.04
N SER C 31 27.13 -11.21 12.74
CA SER C 31 28.15 -11.83 11.89
C SER C 31 29.49 -11.83 12.60
N TYR C 32 30.27 -12.89 12.38
CA TYR C 32 31.58 -13.07 13.00
C TYR C 32 32.60 -13.45 11.94
N PRO C 33 33.10 -12.49 11.16
CA PRO C 33 34.21 -12.80 10.26
C PRO C 33 35.44 -13.20 11.04
N PHE C 34 36.21 -14.13 10.49
CA PHE C 34 37.35 -14.71 11.18
C PHE C 34 38.66 -14.35 10.48
N THR C 35 39.71 -14.24 11.28
CA THR C 35 41.04 -13.91 10.81
C THR C 35 41.90 -15.14 10.58
N THR C 36 41.36 -16.33 10.83
CA THR C 36 42.08 -17.58 10.60
C THR C 36 41.37 -18.39 9.52
N GLU C 37 42.13 -19.26 8.86
CA GLU C 37 41.64 -19.95 7.67
C GLU C 37 40.39 -20.77 7.97
N LYS C 38 40.54 -21.79 8.81
CA LYS C 38 39.37 -22.55 9.25
C LYS C 38 38.55 -21.72 10.24
N VAL C 39 37.34 -22.19 10.51
CA VAL C 39 36.44 -21.53 11.44
C VAL C 39 36.40 -22.35 12.71
N TYR C 40 36.90 -21.78 13.81
CA TYR C 40 36.99 -22.44 15.10
C TYR C 40 35.78 -22.03 15.93
N LEU C 41 34.91 -23.00 16.24
CA LEU C 41 33.66 -22.68 16.91
C LEU C 41 33.89 -22.24 18.35
N SER C 42 34.98 -22.67 18.96
CA SER C 42 35.25 -22.35 20.37
C SER C 42 35.63 -20.90 20.59
N GLN C 43 35.51 -20.02 19.60
CA GLN C 43 35.90 -18.63 19.75
C GLN C 43 34.73 -17.67 19.86
N ILE C 44 33.49 -18.17 19.79
CA ILE C 44 32.30 -17.33 19.89
C ILE C 44 32.19 -16.81 21.32
N PRO C 45 31.50 -15.69 21.57
CA PRO C 45 31.44 -15.15 22.94
C PRO C 45 30.71 -16.07 23.91
N GLY C 46 29.53 -16.56 23.52
CA GLY C 46 28.79 -17.50 24.33
C GLY C 46 27.86 -16.82 25.32
N LEU C 47 27.41 -17.62 26.28
CA LEU C 47 26.43 -17.20 27.28
C LEU C 47 27.14 -16.91 28.61
N VAL C 48 26.35 -16.48 29.60
CA VAL C 48 26.88 -15.88 30.82
C VAL C 48 26.21 -16.50 32.04
N ASN C 49 26.98 -16.72 33.09
CA ASN C 49 26.48 -17.24 34.36
C ASN C 49 25.67 -16.15 35.06
N MET C 50 25.12 -16.45 36.25
CA MET C 50 24.15 -15.51 36.79
C MET C 50 24.78 -14.35 37.54
N ALA C 51 25.25 -14.54 38.79
CA ALA C 51 26.16 -13.56 39.38
C ALA C 51 27.17 -14.17 40.34
N LEU C 52 26.82 -15.31 40.95
CA LEU C 52 27.64 -15.89 42.00
C LEU C 52 27.81 -14.93 43.18
N TYR C 53 26.74 -14.73 43.97
CA TYR C 53 26.77 -13.89 45.16
C TYR C 53 28.10 -13.97 45.91
N VAL C 54 28.59 -12.82 46.35
CA VAL C 54 29.86 -12.74 47.08
C VAL C 54 29.81 -11.53 48.02
N SER C 55 30.31 -11.72 49.23
CA SER C 55 30.33 -10.64 50.21
C SER C 55 31.30 -9.55 49.78
N PRO C 56 31.05 -8.29 50.17
CA PRO C 56 31.90 -7.19 49.70
C PRO C 56 33.15 -6.98 50.56
N ILE C 57 33.81 -8.06 50.94
CA ILE C 57 35.10 -7.95 51.63
C ILE C 57 36.11 -8.85 50.94
N VAL C 58 35.62 -9.86 50.24
CA VAL C 58 36.46 -10.85 49.57
C VAL C 58 36.29 -10.71 48.07
N SER C 59 37.38 -10.90 47.33
CA SER C 59 37.33 -10.80 45.88
C SER C 59 36.56 -11.97 45.29
N GLY C 60 36.06 -11.76 44.08
CA GLY C 60 35.28 -12.76 43.37
C GLY C 60 36.07 -13.33 42.21
N GLU C 61 35.73 -14.57 41.83
CA GLU C 61 36.40 -15.24 40.73
C GLU C 61 36.06 -14.57 39.41
N VAL C 62 37.08 -14.42 38.56
CA VAL C 62 36.86 -13.81 37.25
C VAL C 62 36.05 -14.76 36.37
N ILE C 63 35.17 -14.18 35.57
CA ILE C 63 34.25 -14.95 34.74
C ILE C 63 34.90 -15.26 33.40
N ARG C 64 34.68 -16.47 32.91
CA ARG C 64 35.23 -16.91 31.63
C ARG C 64 34.16 -17.68 30.88
N SER C 65 33.86 -17.24 29.66
CA SER C 65 32.89 -17.89 28.80
C SER C 65 33.58 -18.28 27.50
N ARG C 66 33.39 -19.53 27.08
CA ARG C 66 34.13 -20.08 25.94
C ARG C 66 33.23 -20.33 24.73
N GLY C 67 32.22 -21.17 24.86
CA GLY C 67 31.27 -21.38 23.78
C GLY C 67 31.61 -22.55 22.88
N GLY C 68 30.87 -23.66 23.00
CA GLY C 68 31.07 -24.79 22.12
C GLY C 68 32.36 -25.56 22.34
N SER C 69 32.38 -26.81 21.89
CA SER C 69 33.56 -27.67 22.02
C SER C 69 34.15 -28.04 20.67
N THR C 70 33.36 -28.64 19.78
CA THR C 70 33.86 -29.01 18.46
C THR C 70 34.10 -27.74 17.65
N SER C 71 35.33 -27.54 17.22
CA SER C 71 35.74 -26.27 16.64
C SER C 71 36.20 -26.36 15.20
N GLU C 72 37.07 -27.31 14.87
CA GLU C 72 37.78 -27.26 13.60
C GLU C 72 36.87 -27.55 12.42
N PHE C 73 35.98 -26.61 12.11
CA PHE C 73 35.18 -26.68 10.90
C PHE C 73 35.97 -26.16 9.71
N THR C 74 35.36 -26.21 8.53
CA THR C 74 35.99 -25.67 7.33
C THR C 74 34.92 -25.10 6.40
N PRO C 75 34.96 -23.82 6.09
CA PRO C 75 33.93 -23.22 5.25
C PRO C 75 34.21 -23.40 3.77
N GLY C 76 33.15 -23.30 2.98
CA GLY C 76 33.31 -23.22 1.54
C GLY C 76 33.99 -21.93 1.12
N TYR C 77 34.62 -21.96 -0.05
CA TYR C 77 35.37 -20.82 -0.55
C TYR C 77 34.88 -20.42 -1.93
N VAL C 78 33.56 -20.23 -2.05
CA VAL C 78 32.95 -19.79 -3.30
C VAL C 78 33.60 -18.53 -3.82
N LYS C 79 33.85 -18.48 -5.14
CA LYS C 79 34.46 -17.31 -5.76
C LYS C 79 33.99 -17.15 -7.20
N PRO C 80 32.74 -16.76 -7.43
CA PRO C 80 32.27 -16.60 -8.81
C PRO C 80 32.98 -15.47 -9.55
N LYS C 81 33.21 -15.71 -10.83
CA LYS C 81 33.86 -14.78 -11.76
C LYS C 81 32.85 -14.31 -12.81
N HIS C 82 33.24 -13.25 -13.51
CA HIS C 82 32.50 -12.78 -14.67
C HIS C 82 33.44 -12.03 -15.60
N GLU C 83 33.17 -12.13 -16.90
CA GLU C 83 33.87 -11.36 -17.90
C GLU C 83 33.14 -10.04 -18.16
N VAL C 84 33.81 -9.12 -18.84
CA VAL C 84 33.25 -7.81 -19.08
C VAL C 84 33.17 -7.53 -20.58
N ASN C 85 32.93 -8.58 -21.36
CA ASN C 85 32.81 -8.49 -22.81
C ASN C 85 31.87 -7.35 -23.20
N PRO C 86 32.39 -6.29 -23.83
CA PRO C 86 31.55 -5.12 -24.11
C PRO C 86 30.65 -5.30 -25.30
N GLN C 87 29.97 -6.45 -25.39
CA GLN C 87 28.96 -6.68 -26.40
C GLN C 87 27.56 -6.72 -25.82
N MET C 88 27.42 -6.81 -24.50
CA MET C 88 26.12 -6.86 -23.88
C MET C 88 25.33 -5.60 -24.18
N THR C 89 24.05 -5.77 -24.49
CA THR C 89 23.15 -4.64 -24.74
C THR C 89 22.80 -4.04 -23.38
N LEU C 90 23.36 -2.86 -23.08
CA LEU C 90 23.14 -2.26 -21.78
C LEU C 90 21.69 -1.86 -21.61
N ARG C 91 21.19 -2.03 -20.39
CA ARG C 91 19.82 -1.63 -20.08
C ARG C 91 19.65 -0.13 -20.27
N ARG C 92 18.56 0.27 -20.89
CA ARG C 92 18.26 1.68 -21.04
C ARG C 92 17.77 2.24 -19.71
N LEU C 93 18.69 2.82 -18.95
CA LEU C 93 18.32 3.46 -17.69
C LEU C 93 17.34 4.59 -18.01
N PRO C 94 16.30 4.79 -17.19
CA PRO C 94 15.33 5.84 -17.48
C PRO C 94 15.98 7.21 -17.59
N ASP C 95 15.49 8.00 -18.56
CA ASP C 95 15.85 9.39 -18.80
C ASP C 95 17.37 9.62 -18.89
N GLU C 96 18.13 8.62 -19.29
CA GLU C 96 19.55 8.83 -19.57
C GLU C 96 19.74 9.31 -21.00
N ASP C 97 20.75 10.15 -21.20
CA ASP C 97 21.05 10.64 -22.53
C ASP C 97 21.73 9.56 -23.36
N PRO C 98 21.54 9.58 -24.68
CA PRO C 98 22.28 8.65 -25.55
C PRO C 98 23.72 9.10 -25.82
N GLN C 99 24.06 10.35 -25.52
CA GLN C 99 25.41 10.83 -25.75
C GLN C 99 26.41 10.11 -24.86
N ASN C 100 26.04 9.89 -23.59
CA ASN C 100 26.95 9.23 -22.66
C ASN C 100 27.17 7.77 -23.02
N LEU C 101 26.17 7.13 -23.64
CA LEU C 101 26.31 5.72 -24.00
C LEU C 101 27.42 5.51 -25.02
N ALA C 102 27.74 6.54 -25.81
CA ALA C 102 28.80 6.42 -26.81
C ALA C 102 30.17 6.29 -26.14
N ASP C 103 30.32 6.87 -24.94
CA ASP C 103 31.60 6.85 -24.24
C ASP C 103 31.95 5.44 -23.81
N PRO C 104 33.08 4.89 -24.26
CA PRO C 104 33.45 3.53 -23.86
C PRO C 104 33.69 3.38 -22.37
N ALA C 105 34.25 4.40 -21.72
CA ALA C 105 34.54 4.30 -20.29
C ALA C 105 33.26 4.18 -19.47
N TYR C 106 32.25 4.98 -19.81
CA TYR C 106 30.98 4.90 -19.10
C TYR C 106 30.31 3.56 -19.31
N ARG C 107 30.37 3.03 -20.55
CA ARG C 107 29.81 1.72 -20.83
C ARG C 107 30.51 0.64 -20.03
N ARG C 108 31.85 0.71 -19.96
CA ARG C 108 32.60 -0.27 -19.17
C ARG C 108 32.23 -0.18 -17.70
N ARG C 109 32.10 1.03 -17.17
CA ARG C 109 31.71 1.18 -15.77
C ARG C 109 30.33 0.63 -15.51
N ARG C 110 29.39 0.86 -16.44
CA ARG C 110 28.05 0.30 -16.29
C ARG C 110 28.08 -1.22 -16.30
N ILE C 111 28.90 -1.80 -17.19
CA ILE C 111 29.01 -3.26 -17.24
C ILE C 111 29.58 -3.80 -15.94
N ILE C 112 30.60 -3.13 -15.40
CA ILE C 112 31.19 -3.56 -14.13
C ILE C 112 30.14 -3.49 -13.02
N MET C 113 29.36 -2.40 -13.00
CA MET C 113 28.34 -2.25 -11.97
C MET C 113 27.27 -3.33 -12.06
N GLN C 114 26.85 -3.69 -13.28
CA GLN C 114 25.87 -4.76 -13.42
C GLN C 114 26.45 -6.11 -13.05
N ASN C 115 27.71 -6.34 -13.40
CA ASN C 115 28.36 -7.60 -13.02
C ASN C 115 28.46 -7.72 -11.51
N MET C 116 28.67 -6.60 -10.81
CA MET C 116 28.69 -6.65 -9.35
C MET C 116 27.35 -7.10 -8.79
N ARG C 117 26.25 -6.59 -9.34
CA ARG C 117 24.93 -7.02 -8.89
C ARG C 117 24.74 -8.52 -9.16
N ASP C 118 25.10 -8.96 -10.36
CA ASP C 118 24.93 -10.38 -10.69
C ASP C 118 25.77 -11.25 -9.77
N GLU C 119 26.98 -10.79 -9.42
CA GLU C 119 27.84 -11.55 -8.52
C GLU C 119 27.24 -11.63 -7.12
N GLU C 120 26.80 -10.50 -6.57
CA GLU C 120 26.26 -10.50 -5.22
C GLU C 120 24.95 -11.27 -5.11
N LEU C 121 24.14 -11.29 -6.17
CA LEU C 121 22.96 -12.16 -6.17
C LEU C 121 23.31 -13.63 -6.29
N ALA C 122 24.53 -13.96 -6.70
CA ALA C 122 24.97 -15.34 -6.76
C ALA C 122 25.49 -15.86 -5.43
N ILE C 123 25.99 -14.99 -4.57
CA ILE C 123 26.53 -15.39 -3.27
C ILE C 123 25.43 -15.62 -2.25
N ALA C 124 24.45 -14.72 -2.20
CA ALA C 124 23.37 -14.85 -1.23
C ALA C 124 22.57 -16.13 -1.42
N GLN C 125 22.59 -16.71 -2.63
CA GLN C 125 21.89 -17.97 -2.87
C GLN C 125 22.48 -19.08 -2.00
N VAL C 126 23.81 -19.18 -1.96
CA VAL C 126 24.45 -20.16 -1.09
C VAL C 126 24.25 -19.79 0.38
N GLU C 127 24.36 -18.50 0.70
CA GLU C 127 24.19 -18.08 2.09
C GLU C 127 22.80 -18.35 2.60
N GLU C 128 21.82 -18.53 1.70
CA GLU C 128 20.47 -18.88 2.13
C GLU C 128 20.21 -20.38 2.03
N MET C 129 20.83 -21.06 1.07
CA MET C 129 20.72 -22.50 1.01
C MET C 129 21.32 -23.13 2.27
N GLN C 130 22.43 -22.58 2.74
CA GLN C 130 23.03 -23.05 3.99
C GLN C 130 22.07 -22.86 5.16
N ALA C 131 21.41 -21.70 5.23
CA ALA C 131 20.48 -21.45 6.32
C ALA C 131 19.29 -22.39 6.27
N VAL C 132 18.75 -22.61 5.07
CA VAL C 132 17.61 -23.52 4.92
C VAL C 132 17.99 -24.93 5.32
N SER C 133 19.16 -25.40 4.85
CA SER C 133 19.63 -26.73 5.21
C SER C 133 19.89 -26.83 6.71
N ALA C 134 20.44 -25.78 7.31
CA ALA C 134 20.70 -25.81 8.76
C ALA C 134 19.39 -25.93 9.53
N VAL C 135 18.44 -25.03 9.27
CA VAL C 135 17.14 -25.20 9.90
C VAL C 135 16.22 -25.98 8.97
N LEU C 136 16.50 -27.27 8.79
CA LEU C 136 15.49 -28.26 8.45
C LEU C 136 15.82 -29.56 9.18
N LYS C 137 17.13 -29.81 9.34
CA LYS C 137 17.62 -31.01 9.99
C LYS C 137 18.80 -30.77 10.91
N GLY C 138 19.48 -29.63 10.83
CA GLY C 138 20.69 -29.42 11.60
C GLY C 138 21.86 -30.20 11.06
N LYS C 139 21.71 -30.75 9.87
CA LYS C 139 22.79 -31.45 9.17
C LYS C 139 22.94 -30.84 7.79
N TYR C 140 24.18 -30.56 7.40
CA TYR C 140 24.37 -29.87 6.12
C TYR C 140 25.74 -30.20 5.57
N THR C 141 25.78 -30.72 4.36
CA THR C 141 27.03 -31.10 3.71
C THR C 141 27.31 -30.18 2.53
N MET C 142 28.58 -29.81 2.37
CA MET C 142 29.03 -28.98 1.26
C MET C 142 29.68 -29.88 0.23
N THR C 143 29.24 -29.75 -1.01
CA THR C 143 29.77 -30.55 -2.12
C THR C 143 30.15 -29.58 -3.23
N GLY C 144 30.44 -30.14 -4.41
CA GLY C 144 30.82 -29.36 -5.57
C GLY C 144 32.09 -29.94 -6.16
N GLU C 145 32.25 -29.74 -7.46
CA GLU C 145 33.42 -30.26 -8.15
C GLU C 145 34.69 -29.61 -7.60
N ALA C 146 35.68 -30.45 -7.32
CA ALA C 146 36.96 -30.01 -6.76
C ALA C 146 36.76 -29.27 -5.43
N PHE C 147 36.11 -29.94 -4.49
CA PHE C 147 35.96 -29.37 -3.15
C PHE C 147 36.20 -30.36 -2.01
N ASP C 148 36.23 -31.67 -2.25
CA ASP C 148 36.34 -32.65 -1.17
C ASP C 148 35.24 -32.43 -0.15
N PRO C 149 33.98 -32.84 -0.46
CA PRO C 149 32.82 -32.51 0.39
C PRO C 149 33.06 -32.51 1.88
N VAL C 150 32.55 -31.48 2.57
CA VAL C 150 32.79 -31.26 3.99
C VAL C 150 31.46 -31.32 4.72
N GLU C 151 31.39 -32.11 5.78
CA GLU C 151 30.16 -32.28 6.55
C GLU C 151 30.06 -31.21 7.63
N VAL C 152 28.82 -30.89 8.02
CA VAL C 152 28.55 -29.95 9.09
C VAL C 152 27.42 -30.54 9.93
N ASP C 153 27.76 -30.94 11.16
CA ASP C 153 26.80 -31.47 12.13
C ASP C 153 26.53 -30.39 13.16
N MET C 154 25.33 -29.83 13.14
CA MET C 154 25.00 -28.73 14.04
C MET C 154 24.81 -29.20 15.47
N GLY C 155 24.54 -30.48 15.68
CA GLY C 155 24.31 -31.00 17.02
C GLY C 155 22.86 -30.98 17.42
N ARG C 156 21.98 -31.41 16.52
CA ARG C 156 20.56 -31.45 16.81
C ARG C 156 20.21 -32.64 17.69
N SER C 157 19.07 -32.52 18.37
CA SER C 157 18.46 -33.64 19.05
C SER C 157 17.67 -34.45 18.03
N GLU C 158 16.99 -35.50 18.48
CA GLU C 158 16.17 -36.33 17.61
C GLU C 158 14.71 -35.96 17.66
N GLU C 159 14.20 -35.55 18.82
CA GLU C 159 12.79 -35.21 18.96
C GLU C 159 12.41 -33.96 18.18
N ASN C 160 13.36 -33.13 17.76
CA ASN C 160 13.03 -31.92 17.02
C ASN C 160 13.05 -32.18 15.50
N ASN C 161 12.41 -33.26 15.09
CA ASN C 161 12.19 -33.54 13.67
C ASN C 161 10.85 -34.21 13.44
N ILE C 162 9.85 -33.89 14.27
CA ILE C 162 8.59 -34.61 14.28
C ILE C 162 7.88 -34.49 12.94
N THR C 163 7.77 -35.60 12.22
CA THR C 163 7.02 -35.66 10.99
C THR C 163 5.71 -36.41 11.21
N GLN C 164 4.62 -35.87 10.69
CA GLN C 164 3.32 -36.51 10.84
C GLN C 164 3.26 -37.70 9.88
N SER C 165 3.49 -38.89 10.42
CA SER C 165 3.47 -40.11 9.61
C SER C 165 2.81 -41.27 10.33
N GLY C 166 2.02 -41.00 11.37
CA GLY C 166 1.36 -42.03 12.13
C GLY C 166 0.04 -42.45 11.53
N GLY C 167 -0.87 -42.91 12.39
CA GLY C 167 -2.17 -43.32 11.91
C GLY C 167 -2.97 -42.18 11.31
N THR C 168 -2.90 -41.00 11.93
CA THR C 168 -3.66 -39.84 11.49
C THR C 168 -2.71 -38.74 11.08
N GLU C 169 -2.90 -38.22 9.87
CA GLU C 169 -2.16 -37.08 9.35
C GLU C 169 -3.11 -35.93 9.06
N TRP C 170 -2.53 -34.76 8.79
CA TRP C 170 -3.33 -33.58 8.51
C TRP C 170 -4.07 -33.68 7.18
N SER C 171 -3.72 -34.62 6.32
CA SER C 171 -4.36 -34.73 5.01
C SER C 171 -5.49 -35.75 4.98
N LYS C 172 -5.43 -36.79 5.80
CA LYS C 172 -6.39 -37.88 5.77
C LYS C 172 -7.30 -37.87 7.00
N ARG C 173 -7.74 -36.68 7.42
CA ARG C 173 -8.69 -36.58 8.51
C ARG C 173 -9.82 -35.61 8.19
N ASP C 174 -10.66 -35.33 9.18
CA ASP C 174 -11.79 -34.44 8.97
C ASP C 174 -11.31 -33.02 8.68
N LYS C 175 -11.98 -32.35 7.76
CA LYS C 175 -11.61 -31.01 7.33
C LYS C 175 -12.54 -29.94 7.88
N SER C 176 -13.45 -30.30 8.78
CA SER C 176 -14.43 -29.37 9.33
C SER C 176 -14.39 -29.28 10.84
N THR C 177 -14.19 -30.41 11.53
CA THR C 177 -14.24 -30.43 12.99
C THR C 177 -12.87 -30.45 13.65
N TYR C 178 -11.82 -30.88 12.96
CA TYR C 178 -10.51 -30.94 13.56
C TYR C 178 -9.96 -29.54 13.79
N ASP C 179 -9.33 -29.34 14.93
CA ASP C 179 -8.70 -28.07 15.28
C ASP C 179 -7.21 -28.29 15.42
N PRO C 180 -6.37 -27.71 14.54
CA PRO C 180 -4.93 -28.00 14.58
C PRO C 180 -4.18 -27.27 15.68
N THR C 181 -4.86 -26.50 16.54
CA THR C 181 -4.17 -25.79 17.60
C THR C 181 -3.47 -26.76 18.54
N ASP C 182 -4.17 -27.83 18.93
CA ASP C 182 -3.59 -28.80 19.86
C ASP C 182 -2.39 -29.50 19.24
N ASP C 183 -2.48 -29.88 17.97
CA ASP C 183 -1.36 -30.55 17.32
C ASP C 183 -0.17 -29.61 17.17
N ILE C 184 -0.42 -28.35 16.83
CA ILE C 184 0.67 -27.38 16.71
C ILE C 184 1.34 -27.17 18.05
N GLU C 185 0.55 -27.06 19.13
CA GLU C 185 1.13 -26.90 20.46
C GLU C 185 1.91 -28.14 20.86
N ALA C 186 1.42 -29.33 20.52
CA ALA C 186 2.16 -30.54 20.81
C ALA C 186 3.49 -30.58 20.09
N TYR C 187 3.52 -30.14 18.83
CA TYR C 187 4.78 -30.02 18.11
C TYR C 187 5.70 -28.98 18.73
N ALA C 188 5.14 -27.86 19.21
CA ALA C 188 5.96 -26.78 19.75
C ALA C 188 6.36 -26.99 21.20
N LEU C 189 5.84 -28.03 21.87
CA LEU C 189 6.22 -28.28 23.25
C LEU C 189 7.72 -28.51 23.38
N ASN C 190 8.30 -29.32 22.49
CA ASN C 190 9.73 -29.59 22.54
C ASN C 190 10.49 -28.64 21.62
N ALA C 191 10.34 -27.34 21.90
CA ALA C 191 11.02 -26.30 21.15
C ALA C 191 12.01 -25.50 21.99
N SER C 192 12.16 -25.82 23.28
CA SER C 192 13.11 -25.14 24.16
C SER C 192 12.89 -23.62 24.16
N GLY C 193 11.63 -23.23 24.16
CA GLY C 193 11.28 -21.82 24.15
C GLY C 193 9.86 -21.61 23.68
N VAL C 194 9.47 -20.34 23.63
CA VAL C 194 8.15 -19.96 23.16
C VAL C 194 8.19 -19.80 21.65
N VAL C 195 7.35 -20.55 20.95
CA VAL C 195 7.34 -20.53 19.49
C VAL C 195 6.68 -19.23 19.01
N ASN C 196 7.19 -18.72 17.89
CA ASN C 196 6.67 -17.45 17.36
C ASN C 196 6.41 -17.44 15.85
N ILE C 197 7.07 -18.27 15.05
CA ILE C 197 6.92 -18.25 13.61
C ILE C 197 6.70 -19.68 13.11
N ILE C 198 5.69 -19.85 12.25
CA ILE C 198 5.31 -21.17 11.75
C ILE C 198 5.36 -21.12 10.23
N VAL C 199 6.36 -20.42 9.69
CA VAL C 199 6.51 -20.24 8.24
C VAL C 199 6.27 -21.52 7.45
N PHE C 200 5.49 -21.41 6.37
CA PHE C 200 5.09 -22.53 5.52
C PHE C 200 5.76 -22.48 4.14
N ASP C 201 5.79 -23.66 3.53
CA ASP C 201 5.99 -23.82 2.09
C ASP C 201 4.61 -23.84 1.45
N PRO C 202 4.32 -22.99 0.46
CA PRO C 202 2.93 -22.82 0.01
C PRO C 202 2.21 -24.12 -0.35
N LYS C 203 2.92 -25.09 -0.92
CA LYS C 203 2.30 -26.39 -1.18
C LYS C 203 1.83 -27.03 0.12
N GLY C 204 2.67 -26.98 1.17
CA GLY C 204 2.25 -27.43 2.48
C GLY C 204 1.28 -26.49 3.16
N TRP C 205 1.30 -25.21 2.78
CA TRP C 205 0.35 -24.24 3.34
C TRP C 205 -1.08 -24.56 2.92
N ALA C 206 -1.28 -24.87 1.64
CA ALA C 206 -2.63 -25.08 1.13
C ALA C 206 -3.37 -26.17 1.89
N LEU C 207 -2.64 -27.17 2.40
CA LEU C 207 -3.26 -28.20 3.22
C LEU C 207 -3.79 -27.61 4.53
N PHE C 208 -2.97 -26.80 5.20
CA PHE C 208 -3.37 -26.22 6.47
C PHE C 208 -4.52 -25.23 6.28
N ARG C 209 -4.51 -24.52 5.16
CA ARG C 209 -5.50 -23.47 4.91
C ARG C 209 -6.91 -24.03 4.74
N SER C 210 -7.05 -25.29 4.35
CA SER C 210 -8.37 -25.84 4.05
C SER C 210 -9.23 -25.95 5.31
N PHE C 211 -8.61 -26.10 6.47
CA PHE C 211 -9.37 -26.25 7.70
C PHE C 211 -10.19 -25.00 7.98
N LYS C 212 -11.49 -25.19 8.24
CA LYS C 212 -12.33 -24.06 8.63
C LYS C 212 -12.01 -23.60 10.04
N ALA C 213 -11.61 -24.52 10.91
CA ALA C 213 -11.17 -24.13 12.25
C ALA C 213 -10.01 -23.16 12.19
N VAL C 214 -9.23 -23.20 11.11
CA VAL C 214 -8.16 -22.22 10.93
C VAL C 214 -8.75 -20.86 10.60
N LYS C 215 -9.53 -20.78 9.51
CA LYS C 215 -10.09 -19.50 9.08
C LYS C 215 -11.12 -18.96 10.05
N GLU C 216 -11.69 -19.79 10.92
CA GLU C 216 -12.58 -19.28 11.95
C GLU C 216 -11.82 -18.54 13.04
N LYS C 217 -10.51 -18.69 13.12
CA LYS C 217 -9.72 -18.02 14.14
C LYS C 217 -8.48 -17.32 13.60
N LEU C 218 -8.14 -17.51 12.32
CA LEU C 218 -6.99 -16.83 11.74
C LEU C 218 -7.32 -15.37 11.44
N ASP C 219 -7.01 -14.48 12.37
CA ASP C 219 -7.26 -13.06 12.17
C ASP C 219 -6.19 -12.46 11.27
N THR C 220 -6.37 -12.60 9.95
CA THR C 220 -5.38 -12.14 8.98
C THR C 220 -5.53 -10.65 8.67
N ARG C 221 -5.57 -9.83 9.72
CA ARG C 221 -5.66 -8.40 9.53
C ARG C 221 -4.36 -7.85 8.98
N ARG C 222 -4.46 -6.86 8.10
CA ARG C 222 -3.28 -6.26 7.50
C ARG C 222 -2.43 -5.57 8.57
N GLY C 223 -1.13 -5.84 8.53
CA GLY C 223 -0.23 -5.40 9.58
C GLY C 223 0.11 -6.56 10.49
N SER C 224 1.29 -7.16 10.29
CA SER C 224 1.62 -8.40 10.98
C SER C 224 1.82 -8.17 12.47
N ASN C 225 2.86 -7.41 12.81
CA ASN C 225 3.13 -7.06 14.20
C ASN C 225 3.72 -5.66 14.32
N SER C 226 3.77 -4.91 13.22
CA SER C 226 4.39 -3.60 13.07
C SER C 226 5.91 -3.67 12.88
N GLU C 227 6.51 -4.86 12.95
CA GLU C 227 7.91 -4.94 12.58
C GLU C 227 8.21 -6.03 11.55
N LEU C 228 7.44 -7.12 11.55
CA LEU C 228 7.72 -8.19 10.60
C LEU C 228 7.45 -7.74 9.17
N GLU C 229 6.27 -7.15 8.92
CA GLU C 229 5.96 -6.70 7.57
C GLU C 229 6.87 -5.57 7.12
N THR C 230 7.47 -4.85 8.06
CA THR C 230 8.48 -3.86 7.71
C THR C 230 9.76 -4.53 7.21
N ALA C 231 10.10 -5.69 7.76
CA ALA C 231 11.29 -6.41 7.36
C ALA C 231 11.07 -7.31 6.15
N VAL C 232 9.83 -7.59 5.77
CA VAL C 232 9.58 -8.53 4.68
C VAL C 232 8.96 -7.89 3.45
N LYS C 233 8.70 -6.57 3.43
CA LYS C 233 8.13 -6.01 2.22
C LYS C 233 9.14 -5.96 1.08
N ASP C 234 10.44 -5.92 1.39
CA ASP C 234 11.44 -5.78 0.35
C ASP C 234 11.42 -6.97 -0.60
N LEU C 235 11.04 -8.14 -0.12
CA LEU C 235 10.96 -9.34 -0.97
C LEU C 235 9.52 -9.54 -1.44
N GLY C 236 9.09 -8.64 -2.32
CA GLY C 236 7.77 -8.76 -2.90
C GLY C 236 7.63 -9.87 -3.92
N LYS C 237 8.71 -10.60 -4.20
CA LYS C 237 8.69 -11.66 -5.19
C LYS C 237 8.67 -13.05 -4.59
N ALA C 238 9.27 -13.25 -3.43
CA ALA C 238 9.44 -14.59 -2.86
C ALA C 238 8.61 -14.84 -1.61
N VAL C 239 8.54 -13.88 -0.68
CA VAL C 239 7.91 -14.09 0.62
C VAL C 239 6.54 -13.46 0.63
N SER C 240 5.66 -13.97 1.48
CA SER C 240 4.35 -13.40 1.70
C SER C 240 3.95 -13.63 3.15
N TYR C 241 3.01 -12.81 3.64
CA TYR C 241 2.54 -12.91 5.02
C TYR C 241 1.07 -13.26 5.02
N LYS C 242 0.70 -14.31 5.76
CA LYS C 242 -0.71 -14.71 5.81
C LYS C 242 -1.48 -13.90 6.84
N GLY C 243 -1.11 -14.03 8.11
CA GLY C 243 -1.88 -13.42 9.17
C GLY C 243 -1.33 -13.84 10.52
N MET C 244 -2.09 -13.53 11.56
CA MET C 244 -1.73 -13.85 12.93
C MET C 244 -2.65 -14.96 13.44
N TYR C 245 -2.04 -16.01 13.98
CA TYR C 245 -2.78 -17.16 14.51
C TYR C 245 -2.99 -17.05 16.01
N GLY C 246 -3.14 -15.82 16.51
CA GLY C 246 -3.21 -15.60 17.93
C GLY C 246 -1.95 -14.93 18.44
N ASP C 247 -1.11 -15.68 19.15
CA ASP C 247 0.17 -15.17 19.63
C ASP C 247 1.28 -15.33 18.60
N VAL C 248 1.00 -15.93 17.45
CA VAL C 248 2.02 -16.28 16.48
C VAL C 248 1.58 -15.82 15.09
N ALA C 249 2.58 -15.62 14.22
CA ALA C 249 2.35 -15.16 12.86
C ALA C 249 2.69 -16.27 11.88
N ILE C 250 2.16 -16.15 10.66
CA ILE C 250 2.37 -17.14 9.61
C ILE C 250 2.95 -16.44 8.38
N VAL C 251 4.05 -16.99 7.88
CA VAL C 251 4.72 -16.51 6.68
C VAL C 251 4.77 -17.66 5.68
N VAL C 252 4.58 -17.33 4.41
CA VAL C 252 4.71 -18.28 3.31
C VAL C 252 5.95 -17.89 2.53
N TYR C 253 6.97 -18.75 2.58
CA TYR C 253 8.23 -18.51 1.89
C TYR C 253 8.28 -19.42 0.66
N SER C 254 8.45 -18.80 -0.51
CA SER C 254 8.47 -19.55 -1.75
C SER C 254 9.69 -19.22 -2.61
N GLY C 255 10.76 -18.71 -2.01
CA GLY C 255 11.95 -18.40 -2.78
C GLY C 255 12.55 -19.65 -3.40
N GLN C 256 13.10 -19.47 -4.60
CA GLN C 256 13.68 -20.57 -5.35
C GLN C 256 15.14 -20.27 -5.64
N TYR C 257 15.98 -21.30 -5.49
CA TYR C 257 17.38 -21.21 -5.83
C TYR C 257 17.59 -21.89 -7.18
N VAL C 258 18.37 -21.25 -8.04
CA VAL C 258 18.53 -21.70 -9.42
C VAL C 258 19.73 -22.61 -9.52
N GLU C 259 19.55 -23.76 -10.18
CA GLU C 259 20.65 -24.64 -10.50
C GLU C 259 21.34 -24.12 -11.76
N ASN C 260 22.16 -24.95 -12.40
CA ASN C 260 22.85 -24.54 -13.62
C ASN C 260 21.90 -23.93 -14.64
N GLY C 261 20.76 -24.55 -14.85
CA GLY C 261 19.78 -24.00 -15.77
C GLY C 261 18.34 -24.01 -15.26
N VAL C 262 18.10 -24.67 -14.13
CA VAL C 262 16.74 -24.94 -13.68
C VAL C 262 16.55 -24.40 -12.26
N LYS C 263 15.32 -23.99 -11.98
CA LYS C 263 14.93 -23.51 -10.66
C LYS C 263 14.59 -24.69 -9.76
N LYS C 264 14.85 -24.54 -8.46
CA LYS C 264 14.48 -25.54 -7.47
C LYS C 264 14.02 -24.84 -6.20
N ASN C 265 13.21 -25.54 -5.42
CA ASN C 265 12.66 -24.98 -4.19
C ASN C 265 13.61 -25.19 -3.02
N PHE C 266 13.73 -24.17 -2.18
CA PHE C 266 14.52 -24.29 -0.96
C PHE C 266 13.96 -25.36 -0.04
N LEU C 267 12.65 -25.37 0.14
CA LEU C 267 12.07 -26.31 1.10
C LEU C 267 11.35 -27.43 0.38
N PRO C 268 11.32 -28.63 0.97
CA PRO C 268 10.39 -29.65 0.51
C PRO C 268 8.96 -29.13 0.59
N ASP C 269 8.15 -29.52 -0.40
CA ASP C 269 6.88 -28.85 -0.63
C ASP C 269 5.96 -28.91 0.59
N ASN C 270 5.79 -30.09 1.16
CA ASN C 270 4.85 -30.27 2.27
C ASN C 270 5.59 -30.28 3.60
N THR C 271 6.20 -29.15 3.93
CA THR C 271 6.94 -29.02 5.18
C THR C 271 6.70 -27.66 5.80
N MET C 272 6.87 -27.60 7.12
CA MET C 272 6.79 -26.35 7.87
C MET C 272 7.85 -26.37 8.95
N VAL C 273 8.20 -25.19 9.46
CA VAL C 273 9.22 -25.09 10.50
C VAL C 273 8.81 -24.01 11.50
N LEU C 274 9.11 -24.25 12.76
CA LEU C 274 8.71 -23.39 13.87
C LEU C 274 9.94 -22.90 14.62
N GLY C 275 9.95 -21.61 14.94
CA GLY C 275 11.05 -20.99 15.66
C GLY C 275 10.69 -19.66 16.27
N ASN C 276 11.66 -18.75 16.38
CA ASN C 276 11.42 -17.42 16.93
C ASN C 276 12.17 -16.39 16.10
N THR C 277 11.64 -15.17 16.09
CA THR C 277 12.31 -14.05 15.43
C THR C 277 13.48 -13.51 16.23
N GLN C 278 13.58 -13.84 17.51
CA GLN C 278 14.68 -13.38 18.35
C GLN C 278 15.78 -14.41 18.48
N ALA C 279 15.67 -15.55 17.80
CA ALA C 279 16.71 -16.57 17.87
C ALA C 279 18.01 -16.05 17.28
N ARG C 280 19.13 -16.44 17.88
CA ARG C 280 20.44 -15.99 17.46
C ARG C 280 21.04 -17.00 16.48
N GLY C 281 21.57 -16.48 15.37
CA GLY C 281 22.20 -17.32 14.38
C GLY C 281 23.53 -16.76 13.94
N LEU C 282 24.58 -17.57 14.04
CA LEU C 282 25.91 -17.10 13.71
C LEU C 282 26.07 -16.95 12.21
N ARG C 283 26.91 -15.99 11.81
CA ARG C 283 27.23 -15.73 10.41
C ARG C 283 28.74 -15.77 10.21
N THR C 284 29.35 -16.82 10.74
CA THR C 284 30.80 -16.92 10.73
C THR C 284 31.33 -17.03 9.31
N TYR C 285 32.41 -16.30 9.04
CA TYR C 285 33.13 -16.35 7.78
C TYR C 285 34.55 -16.84 8.03
N GLY C 286 35.37 -16.82 6.98
CA GLY C 286 36.74 -17.25 7.11
C GLY C 286 37.72 -16.30 6.44
N CYS C 287 39.00 -16.71 6.39
CA CYS C 287 39.99 -15.90 5.71
C CYS C 287 39.67 -15.78 4.23
N ILE C 288 39.87 -14.59 3.70
CA ILE C 288 39.80 -14.35 2.25
C ILE C 288 41.23 -14.58 1.76
N GLN C 289 41.54 -15.81 1.42
CA GLN C 289 42.91 -16.20 1.10
C GLN C 289 43.33 -15.65 -0.25
N ASP C 290 43.58 -14.35 -0.32
CA ASP C 290 43.99 -13.71 -1.57
C ASP C 290 45.34 -13.03 -1.37
N ALA C 291 46.18 -13.08 -2.40
CA ALA C 291 47.49 -12.46 -2.32
C ALA C 291 47.38 -10.96 -2.10
N ASP C 292 46.48 -10.30 -2.83
CA ASP C 292 46.32 -8.86 -2.69
C ASP C 292 45.59 -8.50 -1.40
N ALA C 293 44.58 -9.30 -1.03
CA ALA C 293 43.82 -9.01 0.19
C ALA C 293 44.72 -9.05 1.41
N GLN C 294 45.71 -9.95 1.43
CA GLN C 294 46.67 -9.95 2.53
C GLN C 294 47.49 -8.66 2.54
N ARG C 295 47.82 -8.13 1.37
CA ARG C 295 48.61 -6.90 1.29
C ARG C 295 47.80 -5.66 1.65
N GLU C 296 46.48 -5.69 1.50
CA GLU C 296 45.64 -4.54 1.82
C GLU C 296 45.00 -4.67 3.21
N GLY C 297 45.45 -5.65 3.99
CA GLY C 297 44.97 -5.77 5.36
C GLY C 297 43.48 -5.99 5.49
N ILE C 298 42.92 -6.84 4.64
CA ILE C 298 41.48 -7.13 4.67
C ILE C 298 41.31 -8.64 4.79
N ASN C 299 42.25 -9.29 5.48
CA ASN C 299 42.22 -10.75 5.62
C ASN C 299 40.87 -11.23 6.15
N ALA C 300 40.37 -10.61 7.21
CA ALA C 300 39.10 -10.97 7.80
C ALA C 300 38.04 -9.98 7.30
N SER C 301 37.11 -10.48 6.48
CA SER C 301 36.07 -9.63 5.92
C SER C 301 34.94 -10.52 5.41
N ALA C 302 33.83 -9.88 5.08
CA ALA C 302 32.67 -10.62 4.56
C ALA C 302 32.85 -10.93 3.08
N ARG C 303 33.00 -9.91 2.26
CA ARG C 303 33.19 -10.07 0.82
C ARG C 303 34.49 -9.40 0.39
N TYR C 304 34.92 -9.70 -0.83
CA TYR C 304 36.14 -9.13 -1.38
C TYR C 304 36.02 -9.08 -2.89
N PRO C 305 35.68 -7.93 -3.45
CA PRO C 305 35.68 -7.79 -4.91
C PRO C 305 37.08 -7.67 -5.46
N LYS C 306 37.25 -8.09 -6.71
CA LYS C 306 38.54 -7.91 -7.37
C LYS C 306 38.33 -7.83 -8.86
N ASN C 307 39.06 -6.94 -9.51
CA ASN C 307 39.04 -6.82 -10.97
C ASN C 307 40.46 -6.89 -11.50
N TRP C 308 40.66 -7.66 -12.56
CA TRP C 308 41.99 -7.75 -13.14
C TRP C 308 41.86 -7.94 -14.64
N VAL C 309 42.99 -7.85 -15.34
CA VAL C 309 43.07 -8.05 -16.77
C VAL C 309 44.05 -9.20 -17.02
N THR C 310 43.53 -10.31 -17.53
CA THR C 310 44.37 -11.45 -17.87
C THR C 310 44.97 -11.25 -19.25
N THR C 311 46.12 -11.90 -19.49
CA THR C 311 46.84 -11.74 -20.74
C THR C 311 47.15 -13.09 -21.37
N GLY C 312 47.11 -13.09 -22.70
CA GLY C 312 47.59 -14.17 -23.54
C GLY C 312 46.64 -15.32 -23.82
N ASP C 313 46.52 -16.30 -22.92
CA ASP C 313 45.67 -17.42 -23.31
C ASP C 313 44.20 -17.10 -23.09
N PRO C 314 43.73 -16.84 -21.86
CA PRO C 314 42.34 -16.40 -21.70
C PRO C 314 42.24 -14.90 -21.67
N ALA C 315 42.72 -14.23 -22.72
CA ALA C 315 42.91 -12.78 -22.68
C ALA C 315 41.56 -12.10 -22.54
N ARG C 316 41.26 -11.65 -21.32
CA ARG C 316 40.01 -10.98 -20.99
C ARG C 316 40.22 -10.18 -19.72
N GLU C 317 39.17 -9.49 -19.29
CA GLU C 317 39.16 -8.76 -18.03
C GLU C 317 38.08 -9.34 -17.14
N PHE C 318 38.47 -9.74 -15.93
CA PHE C 318 37.59 -10.49 -15.04
C PHE C 318 37.28 -9.70 -13.78
N THR C 319 36.06 -9.89 -13.29
CA THR C 319 35.63 -9.38 -11.99
C THR C 319 35.14 -10.56 -11.16
N MET C 320 35.66 -10.69 -9.95
CA MET C 320 35.41 -11.86 -9.12
C MET C 320 35.03 -11.44 -7.71
N ILE C 321 34.11 -12.20 -7.12
CA ILE C 321 33.65 -11.99 -5.74
C ILE C 321 33.91 -13.27 -4.98
N GLN C 322 34.57 -13.18 -3.84
CA GLN C 322 34.92 -14.36 -3.05
C GLN C 322 34.64 -14.12 -1.58
N SER C 323 34.09 -15.14 -0.92
CA SER C 323 33.76 -15.10 0.50
C SER C 323 33.87 -16.52 1.05
N ALA C 324 33.30 -16.73 2.25
CA ALA C 324 33.35 -18.04 2.89
C ALA C 324 32.20 -18.16 3.89
N PRO C 325 31.04 -18.64 3.47
CA PRO C 325 29.90 -18.77 4.38
C PRO C 325 29.85 -20.10 5.11
N LEU C 326 29.71 -20.03 6.43
CA LEU C 326 29.59 -21.22 7.28
C LEU C 326 28.49 -20.97 8.31
N MET C 327 27.29 -20.62 7.84
CA MET C 327 26.13 -20.37 8.69
C MET C 327 26.06 -21.35 9.86
N LEU C 328 25.77 -20.83 11.05
CA LEU C 328 25.70 -21.63 12.26
C LEU C 328 24.58 -21.11 13.14
N LEU C 329 24.29 -21.89 14.18
CA LEU C 329 23.29 -21.55 15.18
C LEU C 329 23.85 -21.84 16.57
N ALA C 330 23.31 -21.15 17.57
CA ALA C 330 23.69 -21.40 18.96
C ALA C 330 22.86 -22.53 19.55
N ASP C 331 21.55 -22.43 19.46
CA ASP C 331 20.66 -23.49 19.93
C ASP C 331 19.93 -24.09 18.74
N PRO C 332 20.54 -25.05 18.05
CA PRO C 332 19.90 -25.60 16.85
C PRO C 332 18.59 -26.32 17.13
N ASP C 333 18.39 -26.81 18.35
CA ASP C 333 17.21 -27.59 18.69
C ASP C 333 16.02 -26.72 19.09
N GLU C 334 16.11 -25.41 18.90
CA GLU C 334 14.99 -24.54 19.23
C GLU C 334 13.95 -24.49 18.12
N PHE C 335 14.35 -24.75 16.88
CA PHE C 335 13.43 -24.82 15.76
C PHE C 335 13.00 -26.27 15.57
N VAL C 336 11.72 -26.48 15.26
CA VAL C 336 11.21 -27.81 14.97
C VAL C 336 10.70 -27.82 13.53
N SER C 337 11.24 -28.72 12.72
CA SER C 337 10.89 -28.83 11.31
C SER C 337 9.95 -30.02 11.15
N VAL C 338 8.67 -29.73 10.94
CA VAL C 338 7.67 -30.79 10.76
C VAL C 338 7.53 -31.08 9.28
N GLN C 339 7.78 -32.34 8.91
CA GLN C 339 7.59 -32.83 7.55
C GLN C 339 6.14 -33.28 7.43
N LEU C 340 5.31 -32.45 6.81
CA LEU C 340 3.89 -32.74 6.71
C LEU C 340 3.64 -33.89 5.73
N ALA C 341 2.40 -34.36 5.72
CA ALA C 341 2.00 -35.44 4.82
C ALA C 341 0.55 -35.30 4.42
N ALA D 7 43.69 2.95 32.66
CA ALA D 7 42.35 3.02 33.22
C ALA D 7 41.45 3.91 32.38
N GLN D 8 40.15 3.86 32.65
CA GLN D 8 39.17 4.64 31.93
C GLN D 8 38.28 5.38 32.94
N LEU D 9 37.78 6.53 32.52
CA LEU D 9 36.99 7.37 33.41
C LEU D 9 35.74 6.64 33.89
N LEU D 10 35.37 6.90 35.14
CA LEU D 10 34.21 6.23 35.73
C LEU D 10 32.91 6.72 35.11
N ALA D 11 32.92 7.90 34.48
CA ALA D 11 31.71 8.43 33.87
C ALA D 11 31.30 7.62 32.64
N ALA D 12 32.14 6.72 32.15
CA ALA D 12 31.84 5.90 30.98
C ALA D 12 30.85 4.82 31.39
N ASN D 13 29.60 5.23 31.59
CA ASN D 13 28.52 4.29 31.89
C ASN D 13 27.22 4.60 31.20
N GLU D 14 27.18 5.56 30.28
CA GLU D 14 25.94 5.94 29.60
C GLU D 14 25.64 4.92 28.50
N GLN D 15 24.62 4.12 28.70
CA GLN D 15 24.19 3.17 27.68
C GLN D 15 22.69 3.23 27.38
N LYS D 16 21.85 3.43 28.41
CA LYS D 16 20.41 3.52 28.27
C LYS D 16 19.84 2.29 27.57
N PHE D 17 19.97 1.16 28.25
CA PHE D 17 19.35 -0.11 27.84
C PHE D 17 18.62 -0.68 29.04
N LYS D 18 17.35 -0.30 29.19
CA LYS D 18 16.51 -0.74 30.30
C LYS D 18 15.48 -1.73 29.77
N PHE D 19 15.88 -3.00 29.69
CA PHE D 19 15.00 -4.07 29.23
C PHE D 19 14.66 -4.96 30.42
N ASP D 20 13.63 -4.56 31.16
CA ASP D 20 13.20 -5.33 32.31
C ASP D 20 12.32 -6.50 31.86
N PRO D 21 12.69 -7.73 32.22
CA PRO D 21 11.98 -8.92 31.73
C PRO D 21 10.80 -9.38 32.59
N LEU D 22 9.72 -8.58 32.58
CA LEU D 22 8.37 -8.98 32.98
C LEU D 22 8.19 -9.13 34.48
N PHE D 23 9.26 -9.15 35.26
CA PHE D 23 9.11 -9.08 36.70
C PHE D 23 9.75 -7.84 37.29
N LEU D 24 10.80 -7.33 36.66
CA LEU D 24 11.28 -5.99 36.94
C LEU D 24 10.50 -4.94 36.16
N ARG D 25 9.46 -5.35 35.43
CA ARG D 25 8.70 -4.47 34.55
C ARG D 25 7.22 -4.41 34.86
N LEU D 26 6.63 -5.44 35.46
CA LEU D 26 5.19 -5.46 35.70
C LEU D 26 4.79 -5.25 37.15
N PHE D 27 5.68 -5.49 38.10
CA PHE D 27 5.33 -5.39 39.52
C PHE D 27 6.30 -4.56 40.35
N PHE D 28 7.54 -4.38 39.91
CA PHE D 28 8.56 -3.70 40.71
C PHE D 28 9.08 -2.47 39.98
N ARG D 29 8.18 -1.66 39.44
CA ARG D 29 8.59 -0.50 38.64
C ARG D 29 9.23 0.59 39.50
N GLU D 30 9.05 0.54 40.82
CA GLU D 30 9.52 1.59 41.71
C GLU D 30 10.76 1.13 42.45
N SER D 31 11.81 1.95 42.41
CA SER D 31 13.10 1.63 43.03
C SER D 31 13.33 2.52 44.25
N TYR D 32 14.29 2.11 45.07
CA TYR D 32 14.61 2.83 46.30
C TYR D 32 16.03 2.54 46.77
N PRO D 33 17.04 3.16 46.17
CA PRO D 33 18.40 3.03 46.72
C PRO D 33 18.50 3.69 48.08
N PHE D 34 19.37 3.13 48.92
CA PHE D 34 19.54 3.59 50.29
C PHE D 34 20.92 4.22 50.48
N THR D 35 21.06 4.93 51.60
CA THR D 35 22.32 5.53 51.99
C THR D 35 22.95 4.83 53.19
N THR D 36 22.38 3.71 53.63
CA THR D 36 22.94 2.91 54.71
C THR D 36 23.03 1.46 54.26
N GLU D 37 23.99 0.73 54.83
CA GLU D 37 24.34 -0.59 54.29
C GLU D 37 23.18 -1.56 54.40
N LYS D 38 22.45 -1.54 55.52
CA LYS D 38 21.32 -2.44 55.71
C LYS D 38 20.02 -1.70 55.44
N VAL D 39 19.13 -2.34 54.69
CA VAL D 39 17.92 -1.71 54.18
C VAL D 39 16.85 -1.77 55.26
N TYR D 40 16.30 -0.61 55.62
CA TYR D 40 15.23 -0.51 56.61
C TYR D 40 13.92 -0.25 55.87
N LEU D 41 12.97 -1.18 56.04
CA LEU D 41 11.71 -1.10 55.30
C LEU D 41 10.82 0.04 55.78
N SER D 42 11.04 0.54 56.99
CA SER D 42 10.19 1.60 57.53
C SER D 42 10.47 2.97 56.92
N GLN D 43 11.49 3.10 56.08
CA GLN D 43 11.86 4.37 55.47
C GLN D 43 11.21 4.61 54.12
N ILE D 44 10.38 3.67 53.65
CA ILE D 44 9.64 3.85 52.40
C ILE D 44 8.30 4.48 52.73
N PRO D 45 7.84 5.48 51.94
CA PRO D 45 6.58 6.16 52.27
C PRO D 45 5.39 5.23 52.36
N GLY D 46 5.12 4.47 51.30
CA GLY D 46 4.01 3.54 51.31
C GLY D 46 2.93 3.86 50.31
N LEU D 47 1.73 3.34 50.53
CA LEU D 47 0.61 3.56 49.62
C LEU D 47 0.02 4.94 49.87
N VAL D 48 -1.15 5.20 49.28
CA VAL D 48 -1.89 6.43 49.51
C VAL D 48 -3.32 6.05 49.88
N ASN D 49 -3.71 6.35 51.12
CA ASN D 49 -5.07 6.07 51.55
C ASN D 49 -5.98 7.10 50.89
N MET D 50 -7.30 6.89 50.93
CA MET D 50 -8.15 7.46 49.90
C MET D 50 -8.18 8.99 49.91
N ALA D 51 -9.01 9.61 50.77
CA ALA D 51 -8.85 11.01 51.15
C ALA D 51 -9.60 11.34 52.43
N LEU D 52 -9.70 10.42 53.38
CA LEU D 52 -10.83 10.29 54.30
C LEU D 52 -11.50 11.60 54.69
N TYR D 53 -12.83 11.63 54.53
CA TYR D 53 -13.62 12.84 54.79
C TYR D 53 -13.51 13.26 56.24
N VAL D 54 -13.30 14.56 56.46
CA VAL D 54 -13.33 15.14 57.81
C VAL D 54 -14.00 16.51 57.73
N SER D 55 -14.74 16.84 58.77
CA SER D 55 -15.36 18.16 58.87
C SER D 55 -14.30 19.21 59.17
N PRO D 56 -14.51 20.45 58.73
CA PRO D 56 -13.51 21.51 59.00
C PRO D 56 -13.63 22.09 60.40
N ILE D 57 -13.82 21.22 61.40
CA ILE D 57 -13.83 21.65 62.79
C ILE D 57 -12.88 20.84 63.66
N VAL D 58 -12.55 19.60 63.28
CA VAL D 58 -11.66 18.75 64.06
C VAL D 58 -10.36 18.60 63.29
N SER D 59 -9.24 18.58 64.02
CA SER D 59 -7.93 18.48 63.39
C SER D 59 -7.80 17.17 62.63
N GLY D 60 -7.24 17.24 61.42
CA GLY D 60 -7.06 16.06 60.62
C GLY D 60 -6.03 15.11 61.23
N GLU D 61 -6.20 13.83 60.93
CA GLU D 61 -5.33 12.80 61.47
C GLU D 61 -4.14 12.56 60.55
N VAL D 62 -2.96 12.48 61.15
CA VAL D 62 -1.73 12.29 60.38
C VAL D 62 -1.75 10.94 59.69
N ILE D 63 -1.31 10.89 58.44
CA ILE D 63 -1.23 9.67 57.66
C ILE D 63 0.20 9.16 57.75
N ARG D 64 0.37 7.96 58.27
CA ARG D 64 1.67 7.33 58.41
C ARG D 64 1.56 5.85 58.04
N SER D 65 2.67 5.29 57.58
CA SER D 65 2.73 3.89 57.19
C SER D 65 3.17 3.06 58.39
N ARG D 66 2.22 2.37 59.01
CA ARG D 66 2.49 1.51 60.15
C ARG D 66 1.83 0.16 59.94
N GLY D 67 2.46 -0.87 60.51
CA GLY D 67 1.99 -2.23 60.37
C GLY D 67 3.11 -3.24 60.22
N GLY D 68 4.23 -2.80 59.66
CA GLY D 68 5.40 -3.66 59.55
C GLY D 68 5.97 -4.06 60.89
N SER D 69 6.16 -5.36 61.11
CA SER D 69 6.73 -5.83 62.37
C SER D 69 8.22 -5.55 62.43
N THR D 70 8.98 -6.13 61.50
CA THR D 70 10.41 -5.89 61.37
C THR D 70 10.69 -5.25 60.02
N SER D 71 11.63 -4.31 60.00
CA SER D 71 11.91 -3.53 58.80
C SER D 71 13.34 -3.67 58.30
N GLU D 72 14.18 -4.42 59.00
CA GLU D 72 15.60 -4.49 58.67
C GLU D 72 15.87 -5.72 57.81
N PHE D 73 16.45 -5.50 56.64
CA PHE D 73 16.83 -6.58 55.73
C PHE D 73 18.22 -6.30 55.17
N THR D 74 18.98 -7.36 54.94
CA THR D 74 20.35 -7.25 54.44
C THR D 74 20.36 -7.51 52.93
N PRO D 75 20.88 -6.58 52.14
CA PRO D 75 20.82 -6.73 50.68
C PRO D 75 21.75 -7.82 50.17
N GLY D 76 21.48 -8.25 48.95
CA GLY D 76 22.27 -9.27 48.28
C GLY D 76 23.44 -8.74 47.48
N TYR D 77 24.52 -8.33 48.14
CA TYR D 77 25.65 -7.75 47.45
C TYR D 77 26.22 -8.71 46.41
N VAL D 78 26.45 -8.20 45.20
CA VAL D 78 27.02 -8.97 44.10
C VAL D 78 28.05 -8.12 43.37
N LYS D 79 29.08 -8.78 42.86
CA LYS D 79 30.10 -8.13 42.05
C LYS D 79 30.71 -9.11 41.06
N PRO D 80 30.37 -9.02 39.78
CA PRO D 80 31.01 -9.85 38.75
C PRO D 80 32.21 -9.16 38.11
N LYS D 81 33.12 -9.99 37.60
CA LYS D 81 34.35 -9.53 36.96
C LYS D 81 34.42 -10.07 35.55
N HIS D 82 35.30 -9.47 34.75
CA HIS D 82 35.58 -9.89 33.38
C HIS D 82 36.97 -9.44 32.99
N GLU D 83 37.33 -9.74 31.74
CA GLU D 83 38.65 -9.44 31.20
C GLU D 83 38.53 -8.47 30.02
N VAL D 84 39.67 -7.89 29.66
CA VAL D 84 39.70 -6.91 28.57
C VAL D 84 40.83 -7.24 27.60
N ASN D 85 41.23 -8.51 27.56
CA ASN D 85 42.30 -8.93 26.68
C ASN D 85 41.95 -8.63 25.23
N PRO D 86 42.80 -7.93 24.48
CA PRO D 86 42.43 -7.52 23.12
C PRO D 86 42.60 -8.64 22.10
N GLN D 87 42.08 -9.83 22.41
CA GLN D 87 42.15 -10.95 21.47
C GLN D 87 40.86 -11.73 21.34
N MET D 88 39.83 -11.42 22.10
CA MET D 88 38.55 -12.12 21.93
C MET D 88 37.96 -11.79 20.57
N THR D 89 37.21 -12.74 20.01
CA THR D 89 36.58 -12.54 18.71
C THR D 89 35.55 -11.45 18.85
N LEU D 90 35.89 -10.25 18.41
CA LEU D 90 35.06 -9.08 18.64
C LEU D 90 34.07 -8.92 17.49
N ARG D 91 32.79 -8.81 17.83
CA ARG D 91 31.73 -8.82 16.84
C ARG D 91 31.85 -7.62 15.91
N ARG D 92 31.51 -7.84 14.65
CA ARG D 92 31.57 -6.82 13.61
C ARG D 92 30.23 -6.11 13.52
N LEU D 93 30.24 -4.79 13.71
CA LEU D 93 29.02 -4.01 13.56
C LEU D 93 28.60 -3.93 12.09
N PRO D 94 27.31 -3.78 11.84
CA PRO D 94 26.83 -3.60 10.46
C PRO D 94 27.36 -2.30 9.88
N ASP D 95 28.09 -2.44 8.76
CA ASP D 95 28.63 -1.30 8.02
C ASP D 95 29.55 -0.45 8.90
N GLU D 96 30.61 -1.09 9.39
CA GLU D 96 31.67 -0.39 10.10
C GLU D 96 32.96 -0.50 9.30
N ASP D 97 33.67 0.61 9.19
CA ASP D 97 34.91 0.62 8.41
C ASP D 97 35.99 -0.19 9.11
N PRO D 98 36.89 -0.81 8.35
CA PRO D 98 38.00 -1.56 8.96
C PRO D 98 39.26 -0.76 9.23
N GLN D 99 39.32 0.54 8.91
CA GLN D 99 40.51 1.31 9.23
C GLN D 99 40.72 1.41 10.74
N ASN D 100 39.63 1.61 11.48
CA ASN D 100 39.73 1.78 12.93
C ASN D 100 39.79 0.46 13.68
N LEU D 101 39.74 -0.69 13.00
CA LEU D 101 39.98 -1.95 13.67
C LEU D 101 41.45 -2.22 13.89
N ALA D 102 42.33 -1.53 13.15
CA ALA D 102 43.76 -1.78 13.29
C ALA D 102 44.29 -1.29 14.64
N ASP D 103 43.96 -0.06 15.01
CA ASP D 103 44.44 0.48 16.27
C ASP D 103 43.66 -0.13 17.44
N PRO D 104 44.34 -0.70 18.43
CA PRO D 104 43.61 -1.36 19.52
C PRO D 104 42.88 -0.41 20.46
N ALA D 105 43.04 0.91 20.28
CA ALA D 105 42.33 1.86 21.15
C ALA D 105 40.83 1.73 21.02
N TYR D 106 40.33 1.61 19.79
CA TYR D 106 38.90 1.44 19.55
C TYR D 106 38.45 0.02 19.91
N ARG D 107 39.30 -0.96 19.65
CA ARG D 107 38.97 -2.34 19.99
C ARG D 107 38.75 -2.49 21.49
N ARG D 108 39.66 -1.93 22.29
CA ARG D 108 39.48 -1.96 23.74
C ARG D 108 38.23 -1.18 24.16
N ARG D 109 38.01 -0.02 23.54
CA ARG D 109 36.89 0.83 23.92
C ARG D 109 35.54 0.17 23.65
N ARG D 110 35.45 -0.73 22.67
CA ARG D 110 34.16 -1.39 22.45
C ARG D 110 34.11 -2.81 23.05
N ILE D 111 35.26 -3.43 23.31
CA ILE D 111 35.26 -4.59 24.20
C ILE D 111 34.74 -4.20 25.57
N ILE D 112 35.04 -2.98 26.02
CA ILE D 112 34.47 -2.48 27.28
C ILE D 112 32.95 -2.45 27.21
N MET D 113 32.40 -2.01 26.08
CA MET D 113 30.95 -1.98 25.93
C MET D 113 30.35 -3.37 25.95
N GLN D 114 31.01 -4.33 25.29
CA GLN D 114 30.56 -5.71 25.36
C GLN D 114 30.55 -6.22 26.79
N ASN D 115 31.61 -5.88 27.55
CA ASN D 115 31.65 -6.27 28.96
C ASN D 115 30.50 -5.64 29.72
N MET D 116 30.16 -4.39 29.42
CA MET D 116 29.02 -3.74 30.08
C MET D 116 27.72 -4.50 29.81
N ARG D 117 27.49 -4.88 28.55
CA ARG D 117 26.36 -5.74 28.23
C ARG D 117 26.35 -6.99 29.10
N ASP D 118 27.49 -7.68 29.17
CA ASP D 118 27.54 -8.95 29.89
C ASP D 118 27.24 -8.76 31.38
N GLU D 119 27.85 -7.75 32.01
CA GLU D 119 27.62 -7.53 33.43
C GLU D 119 26.16 -7.14 33.69
N GLU D 120 25.59 -6.30 32.83
CA GLU D 120 24.20 -5.88 33.03
C GLU D 120 23.26 -7.08 32.95
N LEU D 121 23.48 -7.95 31.96
CA LEU D 121 22.65 -9.17 31.88
C LEU D 121 22.85 -10.05 33.10
N ALA D 122 24.09 -10.16 33.58
CA ALA D 122 24.35 -10.97 34.77
C ALA D 122 23.57 -10.45 35.97
N ILE D 123 23.53 -9.15 36.17
CA ILE D 123 22.78 -8.59 37.28
C ILE D 123 21.28 -8.78 37.08
N ALA D 124 20.81 -8.62 35.84
CA ALA D 124 19.38 -8.74 35.57
C ALA D 124 18.88 -10.15 35.85
N GLN D 125 19.70 -11.17 35.57
CA GLN D 125 19.29 -12.53 35.89
C GLN D 125 19.06 -12.72 37.38
N VAL D 126 19.94 -12.18 38.23
CA VAL D 126 19.74 -12.25 39.67
C VAL D 126 18.49 -11.49 40.07
N GLU D 127 18.25 -10.34 39.42
CA GLU D 127 17.05 -9.57 39.76
C GLU D 127 15.80 -10.39 39.50
N GLU D 128 15.76 -11.08 38.36
CA GLU D 128 14.61 -11.94 38.05
C GLU D 128 14.49 -13.11 39.02
N MET D 129 15.62 -13.77 39.34
CA MET D 129 15.54 -14.89 40.25
C MET D 129 15.03 -14.44 41.61
N GLN D 130 15.49 -13.28 42.08
CA GLN D 130 15.03 -12.75 43.36
C GLN D 130 13.56 -12.38 43.30
N ALA D 131 13.10 -11.77 42.21
CA ALA D 131 11.69 -11.43 42.10
C ALA D 131 10.80 -12.66 42.10
N VAL D 132 11.23 -13.73 41.41
CA VAL D 132 10.43 -14.95 41.37
C VAL D 132 10.43 -15.63 42.73
N SER D 133 11.59 -15.72 43.38
CA SER D 133 11.62 -16.27 44.73
C SER D 133 10.78 -15.43 45.70
N ALA D 134 10.67 -14.12 45.45
CA ALA D 134 9.86 -13.28 46.32
C ALA D 134 8.38 -13.54 46.09
N VAL D 135 7.87 -13.19 44.91
CA VAL D 135 6.48 -13.55 44.63
C VAL D 135 6.44 -14.87 43.86
N LEU D 136 6.80 -15.94 44.53
CA LEU D 136 6.30 -17.28 44.21
C LEU D 136 5.93 -18.10 45.43
N LYS D 137 6.57 -17.88 46.59
CA LYS D 137 6.20 -18.57 47.81
C LYS D 137 6.21 -17.69 49.05
N GLY D 138 6.78 -16.49 48.99
CA GLY D 138 6.88 -15.64 50.16
C GLY D 138 8.15 -15.86 50.93
N LYS D 139 8.82 -16.98 50.66
CA LYS D 139 10.12 -17.24 51.24
C LYS D 139 11.22 -16.61 50.39
N TYR D 140 12.47 -16.76 50.84
CA TYR D 140 13.57 -16.06 50.21
C TYR D 140 14.89 -16.61 50.75
N THR D 141 15.88 -16.77 49.90
CA THR D 141 17.17 -17.29 50.36
C THR D 141 18.27 -16.70 49.50
N MET D 142 19.34 -16.25 50.16
CA MET D 142 20.46 -15.59 49.51
C MET D 142 21.74 -16.23 50.02
N THR D 143 22.39 -17.04 49.18
CA THR D 143 23.58 -17.75 49.60
C THR D 143 24.53 -17.90 48.42
N GLY D 144 25.82 -17.72 48.70
CA GLY D 144 26.89 -18.00 47.76
C GLY D 144 27.76 -19.12 48.29
N GLU D 145 29.01 -19.14 47.85
CA GLU D 145 29.93 -20.15 48.36
C GLU D 145 30.60 -19.65 49.64
N ALA D 146 30.32 -20.34 50.76
CA ALA D 146 30.89 -19.99 52.06
C ALA D 146 30.60 -18.54 52.45
N PHE D 147 29.44 -18.04 52.04
CA PHE D 147 29.01 -16.68 52.35
C PHE D 147 27.75 -16.79 53.21
N ASP D 148 27.71 -16.02 54.30
CA ASP D 148 26.64 -16.05 55.28
C ASP D 148 25.27 -16.02 54.62
N PRO D 149 24.49 -17.08 54.75
CA PRO D 149 23.15 -17.09 54.13
C PRO D 149 22.24 -16.07 54.80
N VAL D 150 21.29 -15.57 54.02
CA VAL D 150 20.32 -14.58 54.48
C VAL D 150 18.92 -15.10 54.18
N GLU D 151 18.08 -15.16 55.19
CA GLU D 151 16.70 -15.58 55.05
C GLU D 151 15.80 -14.36 55.19
N VAL D 152 14.99 -14.10 54.17
CA VAL D 152 14.12 -12.93 54.15
C VAL D 152 12.68 -13.42 54.16
N ASP D 153 11.88 -12.86 55.06
CA ASP D 153 10.48 -13.26 55.22
C ASP D 153 9.60 -12.13 54.70
N MET D 154 8.90 -12.39 53.59
CA MET D 154 7.92 -11.44 53.09
C MET D 154 6.78 -11.25 54.08
N GLY D 155 6.31 -12.34 54.69
CA GLY D 155 5.20 -12.28 55.60
C GLY D 155 3.89 -12.68 54.93
N ARG D 156 3.98 -13.55 53.92
CA ARG D 156 2.80 -13.96 53.20
C ARG D 156 1.98 -14.94 54.04
N SER D 157 0.67 -14.75 54.04
CA SER D 157 -0.22 -15.63 54.78
C SER D 157 -0.25 -17.02 54.15
N GLU D 158 -0.59 -18.01 54.96
CA GLU D 158 -0.60 -19.39 54.48
C GLU D 158 -1.64 -19.59 53.40
N GLU D 159 -2.80 -18.93 53.53
CA GLU D 159 -3.89 -19.11 52.58
C GLU D 159 -3.53 -18.69 51.17
N ASN D 160 -2.48 -17.90 50.98
CA ASN D 160 -2.03 -17.48 49.66
C ASN D 160 -1.11 -18.51 49.01
N ASN D 161 -0.80 -19.60 49.70
CA ASN D 161 0.08 -20.63 49.16
C ASN D 161 -0.68 -21.93 48.97
N ILE D 162 -1.90 -21.84 48.45
CA ILE D 162 -2.72 -23.04 48.26
C ILE D 162 -2.10 -23.91 47.18
N THR D 163 -2.04 -25.22 47.44
CA THR D 163 -1.50 -26.19 46.51
C THR D 163 -2.64 -27.03 45.95
N GLN D 164 -2.65 -27.19 44.62
CA GLN D 164 -3.72 -27.94 43.97
C GLN D 164 -3.75 -29.40 44.38
N SER D 165 -2.64 -29.92 44.93
CA SER D 165 -2.57 -31.33 45.28
C SER D 165 -3.66 -31.73 46.28
N GLY D 166 -4.01 -30.83 47.19
CA GLY D 166 -5.10 -31.11 48.10
C GLY D 166 -6.44 -31.17 47.37
N GLY D 167 -7.34 -32.00 47.91
CA GLY D 167 -8.65 -32.14 47.32
C GLY D 167 -8.65 -32.85 45.97
N THR D 168 -9.04 -32.13 44.93
CA THR D 168 -9.15 -32.69 43.58
C THR D 168 -8.15 -31.99 42.67
N GLU D 169 -7.31 -32.78 42.00
CA GLU D 169 -6.35 -32.23 41.06
C GLU D 169 -7.02 -31.92 39.73
N TRP D 170 -6.43 -30.98 38.99
CA TRP D 170 -6.92 -30.62 37.67
C TRP D 170 -6.56 -31.68 36.62
N SER D 171 -5.44 -32.37 36.79
CA SER D 171 -5.04 -33.39 35.83
C SER D 171 -6.04 -34.54 35.81
N LYS D 172 -6.48 -34.98 37.00
CA LYS D 172 -7.43 -36.08 37.09
C LYS D 172 -8.86 -35.56 37.01
N ARG D 173 -9.16 -34.78 35.97
CA ARG D 173 -10.49 -34.27 35.73
C ARG D 173 -10.79 -34.36 34.24
N ASP D 174 -12.08 -34.37 33.91
CA ASP D 174 -12.49 -34.45 32.52
C ASP D 174 -12.01 -33.23 31.75
N LYS D 175 -11.46 -33.46 30.56
CA LYS D 175 -10.90 -32.41 29.74
C LYS D 175 -11.87 -31.89 28.69
N SER D 176 -13.14 -32.30 28.75
CA SER D 176 -14.11 -31.92 27.73
C SER D 176 -15.37 -31.28 28.29
N THR D 177 -15.61 -31.34 29.60
CA THR D 177 -16.86 -30.82 30.14
C THR D 177 -16.63 -29.87 31.31
N TYR D 178 -15.54 -30.08 32.06
CA TYR D 178 -15.34 -29.34 33.29
C TYR D 178 -15.05 -27.86 33.02
N ASP D 179 -15.46 -27.01 33.96
CA ASP D 179 -15.23 -25.58 33.88
C ASP D 179 -14.31 -25.15 35.01
N PRO D 180 -13.13 -24.60 34.70
CA PRO D 180 -12.21 -24.20 35.78
C PRO D 180 -12.42 -22.76 36.25
N THR D 181 -13.42 -22.08 35.68
CA THR D 181 -13.67 -20.69 36.05
C THR D 181 -14.03 -20.58 37.52
N ASP D 182 -14.84 -21.51 38.03
CA ASP D 182 -15.21 -21.48 39.44
C ASP D 182 -13.99 -21.68 40.32
N ASP D 183 -13.07 -22.55 39.92
CA ASP D 183 -11.84 -22.72 40.68
C ASP D 183 -11.02 -21.43 40.72
N ILE D 184 -10.91 -20.73 39.59
CA ILE D 184 -10.18 -19.48 39.55
C ILE D 184 -10.84 -18.45 40.47
N GLU D 185 -12.17 -18.35 40.40
CA GLU D 185 -12.88 -17.40 41.26
C GLU D 185 -12.69 -17.73 42.73
N ALA D 186 -12.79 -19.00 43.09
CA ALA D 186 -12.60 -19.42 44.47
C ALA D 186 -11.17 -19.21 44.97
N TYR D 187 -10.18 -19.35 44.10
CA TYR D 187 -8.80 -19.11 44.46
C TYR D 187 -8.45 -17.63 44.54
N ALA D 188 -9.14 -16.78 43.79
CA ALA D 188 -8.87 -15.36 43.83
C ALA D 188 -9.54 -14.64 44.99
N LEU D 189 -10.37 -15.34 45.77
CA LEU D 189 -11.04 -14.69 46.90
C LEU D 189 -10.04 -14.22 47.96
N ASN D 190 -9.06 -15.06 48.28
CA ASN D 190 -8.07 -14.72 49.29
C ASN D 190 -6.87 -13.99 48.69
N ALA D 191 -7.16 -12.93 47.93
CA ALA D 191 -6.12 -12.15 47.29
C ALA D 191 -5.95 -10.76 47.85
N SER D 192 -6.94 -10.25 48.60
CA SER D 192 -6.89 -8.91 49.19
C SER D 192 -6.63 -7.85 48.12
N GLY D 193 -7.54 -7.77 47.19
CA GLY D 193 -7.45 -6.83 46.08
C GLY D 193 -7.89 -7.49 44.79
N VAL D 194 -8.05 -6.66 43.75
CA VAL D 194 -8.47 -7.16 42.46
C VAL D 194 -7.33 -7.97 41.83
N VAL D 195 -7.69 -9.00 41.07
CA VAL D 195 -6.73 -9.85 40.37
C VAL D 195 -6.87 -9.59 38.88
N ASN D 196 -5.73 -9.40 38.21
CA ASN D 196 -5.74 -9.10 36.78
C ASN D 196 -4.72 -9.88 35.96
N ILE D 197 -3.73 -10.52 36.57
CA ILE D 197 -2.75 -11.30 35.83
C ILE D 197 -2.68 -12.70 36.43
N ILE D 198 -2.63 -13.70 35.55
CA ILE D 198 -2.70 -15.10 35.95
C ILE D 198 -1.50 -15.88 35.40
N VAL D 199 -0.34 -15.22 35.33
CA VAL D 199 0.85 -15.70 34.64
C VAL D 199 1.09 -17.19 34.83
N PHE D 200 1.34 -17.91 33.73
CA PHE D 200 1.42 -19.35 33.68
C PHE D 200 2.82 -19.80 33.31
N ASP D 201 3.06 -21.10 33.44
CA ASP D 201 4.14 -22.01 33.10
C ASP D 201 3.75 -22.85 31.88
N PRO D 202 4.58 -22.91 30.84
CA PRO D 202 4.21 -23.68 29.65
C PRO D 202 3.81 -25.13 29.94
N LYS D 203 4.48 -25.79 30.87
CA LYS D 203 4.07 -27.12 31.29
C LYS D 203 2.97 -27.10 32.35
N GLY D 204 2.70 -25.94 32.93
CA GLY D 204 1.58 -25.81 33.85
C GLY D 204 0.35 -25.27 33.15
N TRP D 205 0.54 -24.74 31.94
CA TRP D 205 -0.54 -24.22 31.12
C TRP D 205 -0.95 -25.18 30.02
N ALA D 206 -0.14 -26.19 29.72
CA ALA D 206 -0.50 -27.17 28.71
C ALA D 206 -1.75 -27.96 29.09
N LEU D 207 -2.04 -28.07 30.40
CA LEU D 207 -3.23 -28.78 30.84
C LEU D 207 -4.39 -27.85 31.21
N PHE D 208 -4.11 -26.57 31.48
CA PHE D 208 -5.20 -25.64 31.75
C PHE D 208 -6.08 -25.44 30.53
N ARG D 209 -5.49 -25.36 29.34
CA ARG D 209 -6.23 -25.17 28.11
C ARG D 209 -6.81 -26.46 27.55
N SER D 210 -6.46 -27.61 28.13
CA SER D 210 -7.00 -28.87 27.63
C SER D 210 -8.51 -28.94 27.80
N PHE D 211 -9.04 -28.23 28.79
CA PHE D 211 -10.48 -28.20 29.00
C PHE D 211 -11.18 -27.59 27.79
N LYS D 212 -12.32 -28.19 27.42
CA LYS D 212 -13.03 -27.73 26.24
C LYS D 212 -13.55 -26.31 26.40
N ALA D 213 -14.09 -25.98 27.58
CA ALA D 213 -14.70 -24.68 27.76
C ALA D 213 -13.70 -23.55 27.58
N VAL D 214 -12.46 -23.75 28.05
CA VAL D 214 -11.43 -22.73 27.92
C VAL D 214 -11.11 -22.46 26.45
N LYS D 215 -11.23 -23.48 25.60
CA LYS D 215 -10.89 -23.32 24.19
C LYS D 215 -11.76 -22.27 23.50
N GLU D 216 -12.99 -22.06 23.96
CA GLU D 216 -13.84 -21.00 23.42
C GLU D 216 -13.87 -19.76 24.31
N LYS D 217 -13.77 -19.93 25.64
CA LYS D 217 -13.79 -18.79 26.54
C LYS D 217 -12.54 -17.93 26.43
N LEU D 218 -11.50 -18.42 25.75
CA LEU D 218 -10.25 -17.68 25.63
C LEU D 218 -10.33 -16.73 24.45
N ASP D 219 -10.20 -15.43 24.73
CA ASP D 219 -10.24 -14.41 23.68
C ASP D 219 -8.81 -14.20 23.18
N THR D 220 -8.42 -15.01 22.20
CA THR D 220 -7.08 -14.95 21.64
C THR D 220 -6.87 -13.79 20.69
N ARG D 221 -7.80 -12.84 20.63
CA ARG D 221 -7.65 -11.68 19.78
C ARG D 221 -6.48 -10.83 20.28
N ARG D 222 -5.83 -10.14 19.33
CA ARG D 222 -4.65 -9.36 19.66
C ARG D 222 -4.96 -8.13 20.49
N GLY D 223 -6.23 -7.78 20.65
CA GLY D 223 -6.58 -6.71 21.56
C GLY D 223 -6.16 -7.03 22.98
N SER D 224 -5.13 -6.34 23.46
CA SER D 224 -4.54 -6.60 24.76
C SER D 224 -5.44 -6.07 25.87
N ASN D 225 -5.11 -6.43 27.11
CA ASN D 225 -5.85 -5.93 28.25
C ASN D 225 -5.70 -4.42 28.34
N SER D 226 -4.50 -3.94 28.64
CA SER D 226 -4.21 -2.52 28.52
C SER D 226 -3.05 -2.27 27.57
N GLU D 227 -1.89 -2.85 27.89
CA GLU D 227 -0.68 -2.62 27.11
C GLU D 227 0.21 -3.84 26.99
N LEU D 228 -0.22 -5.01 27.44
CA LEU D 228 0.67 -6.16 27.56
C LEU D 228 1.30 -6.57 26.23
N GLU D 229 0.69 -6.20 25.10
CA GLU D 229 1.34 -6.41 23.82
C GLU D 229 2.68 -5.70 23.73
N THR D 230 2.80 -4.49 24.27
CA THR D 230 4.06 -3.77 24.32
C THR D 230 5.11 -4.47 25.17
N ALA D 231 4.72 -4.99 26.33
CA ALA D 231 5.67 -5.77 27.14
C ALA D 231 6.11 -7.02 26.40
N VAL D 232 5.18 -7.69 25.72
CA VAL D 232 5.55 -8.86 24.92
C VAL D 232 6.46 -8.46 23.75
N LYS D 233 6.24 -7.28 23.18
CA LYS D 233 7.01 -6.84 22.02
C LYS D 233 8.50 -6.77 22.29
N ASP D 234 8.92 -6.65 23.54
CA ASP D 234 10.33 -6.65 23.90
C ASP D 234 10.86 -8.05 24.17
N LEU D 235 10.05 -8.91 24.79
CA LEU D 235 10.47 -10.27 25.13
C LEU D 235 9.86 -11.28 24.15
N GLY D 236 10.52 -11.42 23.02
CA GLY D 236 10.12 -12.43 22.05
C GLY D 236 10.72 -13.79 22.27
N LYS D 237 11.45 -13.99 23.37
CA LYS D 237 12.19 -15.23 23.60
C LYS D 237 11.53 -16.17 24.60
N ALA D 238 10.94 -15.65 25.68
CA ALA D 238 10.38 -16.51 26.70
C ALA D 238 9.04 -16.02 27.24
N VAL D 239 8.33 -15.17 26.50
CA VAL D 239 7.06 -14.61 26.96
C VAL D 239 6.04 -14.75 25.83
N SER D 240 4.86 -15.26 26.16
CA SER D 240 3.76 -15.33 25.20
C SER D 240 2.49 -14.79 25.86
N TYR D 241 1.75 -13.97 25.12
CA TYR D 241 0.46 -13.48 25.56
C TYR D 241 -0.61 -14.27 24.82
N LYS D 242 -1.16 -15.29 25.48
CA LYS D 242 -2.07 -16.21 24.79
C LYS D 242 -3.36 -15.50 24.38
N GLY D 243 -3.88 -14.64 25.23
CA GLY D 243 -5.06 -13.88 24.87
C GLY D 243 -5.76 -13.37 26.11
N MET D 244 -6.89 -12.70 25.86
CA MET D 244 -7.73 -12.15 26.90
C MET D 244 -8.64 -13.25 27.45
N TYR D 245 -8.94 -13.16 28.74
CA TYR D 245 -9.80 -14.14 29.41
C TYR D 245 -10.81 -13.45 30.30
N GLY D 246 -11.43 -12.40 29.80
CA GLY D 246 -12.39 -11.63 30.60
C GLY D 246 -11.69 -10.59 31.47
N ASP D 247 -11.52 -10.92 32.76
CA ASP D 247 -10.79 -10.02 33.65
C ASP D 247 -9.29 -10.22 33.51
N VAL D 248 -8.81 -11.43 33.74
CA VAL D 248 -7.38 -11.72 33.86
C VAL D 248 -6.83 -12.09 32.49
N ALA D 249 -5.62 -11.62 32.21
CA ALA D 249 -4.95 -11.91 30.95
C ALA D 249 -4.08 -13.17 31.09
N ILE D 250 -3.98 -13.91 30.01
CA ILE D 250 -3.26 -15.19 29.98
C ILE D 250 -1.86 -14.91 29.47
N VAL D 251 -0.87 -15.02 30.35
CA VAL D 251 0.53 -14.83 29.99
C VAL D 251 1.29 -16.10 30.38
N VAL D 252 2.00 -16.67 29.42
CA VAL D 252 2.83 -17.84 29.64
C VAL D 252 4.28 -17.39 29.64
N TYR D 253 4.99 -17.66 30.75
CA TYR D 253 6.36 -17.23 30.95
C TYR D 253 7.25 -18.46 31.00
N SER D 254 8.18 -18.55 30.05
CA SER D 254 9.11 -19.67 29.95
C SER D 254 10.54 -19.20 30.14
N GLY D 255 10.75 -18.29 31.09
CA GLY D 255 12.08 -17.74 31.30
C GLY D 255 13.03 -18.77 31.87
N GLN D 256 14.30 -18.62 31.52
CA GLN D 256 15.36 -19.50 31.99
C GLN D 256 16.54 -18.67 32.44
N TYR D 257 17.16 -19.09 33.54
CA TYR D 257 18.40 -18.48 34.03
C TYR D 257 19.53 -19.47 33.85
N VAL D 258 20.70 -18.96 33.52
CA VAL D 258 21.84 -19.80 33.15
C VAL D 258 22.64 -20.15 34.40
N GLU D 259 22.78 -21.44 34.66
CA GLU D 259 23.63 -21.93 35.74
C GLU D 259 25.07 -21.94 35.24
N ASN D 260 25.97 -22.62 35.96
CA ASN D 260 27.37 -22.71 35.55
C ASN D 260 27.53 -22.93 34.05
N GLY D 261 26.89 -23.97 33.51
CA GLY D 261 26.92 -24.19 32.08
C GLY D 261 25.57 -24.52 31.50
N VAL D 262 24.58 -24.77 32.35
CA VAL D 262 23.29 -25.25 31.92
C VAL D 262 22.24 -24.16 32.16
N LYS D 263 21.04 -24.40 31.65
CA LYS D 263 19.92 -23.49 31.79
C LYS D 263 18.85 -24.13 32.65
N LYS D 264 18.15 -23.30 33.44
CA LYS D 264 17.11 -23.81 34.32
C LYS D 264 15.90 -22.89 34.29
N ASN D 265 14.72 -23.49 34.34
CA ASN D 265 13.48 -22.72 34.34
C ASN D 265 13.32 -21.95 35.63
N PHE D 266 12.70 -20.77 35.53
CA PHE D 266 12.49 -19.94 36.71
C PHE D 266 11.43 -20.54 37.62
N LEU D 267 10.35 -21.07 37.05
CA LEU D 267 9.27 -21.55 37.89
C LEU D 267 9.25 -23.07 37.93
N PRO D 268 8.79 -23.66 39.04
CA PRO D 268 8.62 -25.11 39.09
C PRO D 268 7.62 -25.60 38.04
N ASP D 269 7.53 -26.92 37.93
CA ASP D 269 6.87 -27.54 36.78
C ASP D 269 5.40 -27.15 36.67
N ASN D 270 4.69 -27.09 37.79
CA ASN D 270 3.25 -26.84 37.77
C ASN D 270 2.90 -25.81 38.85
N THR D 271 2.93 -24.53 38.47
CA THR D 271 2.52 -23.45 39.36
C THR D 271 1.85 -22.36 38.52
N MET D 272 0.91 -21.65 39.13
CA MET D 272 0.30 -20.49 38.49
C MET D 272 0.08 -19.40 39.53
N VAL D 273 0.36 -18.16 39.14
CA VAL D 273 0.29 -17.02 40.04
C VAL D 273 -0.85 -16.11 39.62
N LEU D 274 -1.74 -15.83 40.57
CA LEU D 274 -2.81 -14.86 40.39
C LEU D 274 -2.39 -13.57 41.06
N GLY D 275 -2.30 -12.49 40.29
CA GLY D 275 -1.81 -11.24 40.82
C GLY D 275 -2.43 -10.05 40.10
N ASN D 276 -2.16 -8.87 40.65
CA ASN D 276 -2.65 -7.61 40.11
C ASN D 276 -1.56 -6.96 39.28
N THR D 277 -1.92 -6.45 38.10
CA THR D 277 -0.94 -5.85 37.21
C THR D 277 -0.37 -4.55 37.75
N GLN D 278 -0.99 -3.95 38.78
CA GLN D 278 -0.53 -2.69 39.34
C GLN D 278 -0.06 -2.84 40.78
N ALA D 279 0.30 -4.05 41.20
CA ALA D 279 0.76 -4.26 42.56
C ALA D 279 2.05 -3.50 42.81
N ARG D 280 2.19 -2.97 44.02
CA ARG D 280 3.35 -2.17 44.38
C ARG D 280 4.46 -3.10 44.86
N GLY D 281 5.56 -3.15 44.10
CA GLY D 281 6.71 -3.94 44.48
C GLY D 281 7.95 -3.08 44.58
N LEU D 282 8.58 -3.08 45.75
CA LEU D 282 9.75 -2.24 45.97
C LEU D 282 10.98 -2.87 45.30
N ARG D 283 11.97 -2.02 45.04
CA ARG D 283 13.21 -2.45 44.39
C ARG D 283 14.41 -1.89 45.14
N THR D 284 14.41 -2.09 46.46
CA THR D 284 15.44 -1.51 47.31
C THR D 284 16.83 -2.03 46.94
N TYR D 285 17.82 -1.16 47.06
CA TYR D 285 19.21 -1.49 46.79
C TYR D 285 20.04 -1.13 48.01
N GLY D 286 21.14 -1.87 48.21
CA GLY D 286 22.02 -1.60 49.32
C GLY D 286 22.95 -0.42 49.09
N CYS D 287 24.12 -0.46 49.69
CA CYS D 287 25.12 0.59 49.53
C CYS D 287 26.42 -0.03 49.03
N ILE D 288 27.06 0.64 48.08
CA ILE D 288 28.29 0.14 47.48
C ILE D 288 29.41 0.27 48.51
N GLN D 289 29.86 -0.87 49.05
CA GLN D 289 30.92 -0.89 50.04
C GLN D 289 32.28 -0.87 49.33
N ASP D 290 32.55 0.26 48.70
CA ASP D 290 33.78 0.47 47.93
C ASP D 290 34.52 1.68 48.45
N ALA D 291 35.84 1.60 48.49
CA ALA D 291 36.65 2.72 48.94
C ALA D 291 36.51 3.91 48.00
N ASP D 292 36.50 3.66 46.70
CA ASP D 292 36.41 4.75 45.73
C ASP D 292 35.01 5.35 45.66
N ALA D 293 33.98 4.55 45.91
CA ALA D 293 32.61 5.04 45.83
C ALA D 293 32.37 6.14 46.87
N GLN D 294 32.82 5.92 48.10
CA GLN D 294 32.66 6.95 49.13
C GLN D 294 33.54 8.16 48.85
N ARG D 295 34.71 7.94 48.25
CA ARG D 295 35.57 9.06 47.90
C ARG D 295 34.92 9.95 46.85
N GLU D 296 34.27 9.34 45.86
CA GLU D 296 33.62 10.10 44.79
C GLU D 296 32.19 10.48 45.12
N GLY D 297 31.69 10.14 46.31
CA GLY D 297 30.35 10.53 46.71
C GLY D 297 29.25 9.90 45.89
N ILE D 298 29.35 8.59 45.64
CA ILE D 298 28.33 7.87 44.88
C ILE D 298 27.81 6.73 45.74
N ASN D 299 27.78 6.95 47.06
CA ASN D 299 27.40 5.89 47.99
C ASN D 299 25.97 5.41 47.74
N ALA D 300 25.06 6.32 47.42
CA ALA D 300 23.65 6.00 47.24
C ALA D 300 23.39 5.78 45.75
N SER D 301 23.48 4.52 45.32
CA SER D 301 23.25 4.17 43.93
C SER D 301 22.99 2.67 43.83
N ALA D 302 22.52 2.25 42.66
CA ALA D 302 22.29 0.84 42.40
C ALA D 302 23.49 0.17 41.75
N ARG D 303 23.90 0.68 40.58
CA ARG D 303 25.05 0.17 39.86
C ARG D 303 26.27 1.05 40.12
N TYR D 304 27.45 0.48 39.86
CA TYR D 304 28.69 1.22 40.06
C TYR D 304 29.81 0.63 39.22
N PRO D 305 29.92 1.01 37.94
CA PRO D 305 31.02 0.50 37.11
C PRO D 305 32.36 1.02 37.59
N LYS D 306 33.39 0.20 37.37
CA LYS D 306 34.75 0.57 37.76
C LYS D 306 35.74 -0.23 36.93
N ASN D 307 36.66 0.47 36.28
CA ASN D 307 37.74 -0.15 35.53
C ASN D 307 39.08 0.14 36.20
N TRP D 308 39.94 -0.87 36.26
CA TRP D 308 41.23 -0.71 36.90
C TRP D 308 42.17 -1.80 36.41
N VAL D 309 43.44 -1.67 36.80
CA VAL D 309 44.51 -2.57 36.38
C VAL D 309 45.15 -3.17 37.62
N THR D 310 45.26 -4.50 37.65
CA THR D 310 45.90 -5.21 38.73
C THR D 310 47.25 -5.74 38.26
N THR D 311 48.25 -5.61 39.12
CA THR D 311 49.63 -5.90 38.75
C THR D 311 50.21 -7.04 39.58
N GLY D 312 51.29 -7.60 39.05
CA GLY D 312 52.08 -8.64 39.70
C GLY D 312 51.61 -10.07 39.53
N ASP D 313 50.62 -10.53 40.31
CA ASP D 313 50.23 -11.91 40.12
C ASP D 313 49.27 -12.03 38.92
N PRO D 314 48.09 -11.39 38.94
CA PRO D 314 47.27 -11.34 37.73
C PRO D 314 47.51 -10.06 36.94
N ALA D 315 48.65 -9.93 36.27
CA ALA D 315 49.00 -8.66 35.65
C ALA D 315 48.09 -8.38 34.46
N ARG D 316 46.91 -7.83 34.74
CA ARG D 316 45.86 -7.68 33.74
C ARG D 316 45.04 -6.44 34.08
N GLU D 317 43.97 -6.25 33.32
CA GLU D 317 43.03 -5.15 33.53
C GLU D 317 41.64 -5.72 33.69
N PHE D 318 40.97 -5.37 34.77
CA PHE D 318 39.69 -5.96 35.14
C PHE D 318 38.56 -4.96 34.95
N THR D 319 37.35 -5.38 35.32
CA THR D 319 36.16 -4.53 35.22
C THR D 319 35.11 -5.04 36.19
N MET D 320 34.51 -4.13 36.96
CA MET D 320 33.48 -4.47 37.92
C MET D 320 32.23 -3.65 37.70
N ILE D 321 31.09 -4.27 37.99
CA ILE D 321 29.82 -3.56 38.16
C ILE D 321 29.14 -4.20 39.37
N GLN D 322 29.29 -3.58 40.53
CA GLN D 322 28.79 -4.17 41.77
C GLN D 322 27.48 -3.50 42.18
N SER D 323 26.67 -4.26 42.91
CA SER D 323 25.37 -3.77 43.36
C SER D 323 24.98 -4.56 44.61
N ALA D 324 23.79 -4.27 45.12
CA ALA D 324 23.27 -5.02 46.27
C ALA D 324 21.75 -5.10 46.21
N PRO D 325 21.19 -5.82 45.23
CA PRO D 325 19.73 -5.87 45.11
C PRO D 325 19.10 -6.63 46.25
N LEU D 326 17.93 -6.13 46.69
CA LEU D 326 17.12 -6.77 47.71
C LEU D 326 15.65 -6.68 47.31
N MET D 327 15.34 -7.12 46.09
CA MET D 327 13.98 -7.09 45.56
C MET D 327 12.95 -7.48 46.61
N LEU D 328 12.01 -6.58 46.87
CA LEU D 328 11.14 -6.66 48.04
C LEU D 328 9.71 -6.36 47.63
N LEU D 329 8.78 -7.03 48.28
CA LEU D 329 7.35 -6.84 48.02
C LEU D 329 6.71 -6.21 49.25
N ALA D 330 6.00 -5.10 49.04
CA ALA D 330 5.43 -4.37 50.17
C ALA D 330 4.38 -5.20 50.89
N ASP D 331 3.41 -5.73 50.16
CA ASP D 331 2.37 -6.57 50.72
C ASP D 331 2.37 -7.92 50.01
N PRO D 332 2.92 -8.96 50.63
CA PRO D 332 2.94 -10.28 49.97
C PRO D 332 1.57 -10.88 49.76
N ASP D 333 0.54 -10.38 50.44
CA ASP D 333 -0.78 -11.01 50.42
C ASP D 333 -1.57 -10.73 49.15
N GLU D 334 -1.11 -9.83 48.28
CA GLU D 334 -1.84 -9.50 47.06
C GLU D 334 -1.48 -10.43 45.90
N PHE D 335 -0.99 -11.63 46.20
CA PHE D 335 -0.73 -12.64 45.18
C PHE D 335 -1.17 -13.99 45.71
N VAL D 336 -1.55 -14.88 44.80
CA VAL D 336 -1.93 -16.24 45.12
C VAL D 336 -1.10 -17.19 44.27
N SER D 337 -0.31 -18.04 44.91
CA SER D 337 0.58 -18.97 44.22
C SER D 337 -0.04 -20.36 44.29
N VAL D 338 -0.87 -20.68 43.31
CA VAL D 338 -1.52 -21.99 43.25
C VAL D 338 -0.47 -22.99 42.75
N GLN D 339 -0.06 -23.90 43.62
CA GLN D 339 0.87 -24.96 43.26
C GLN D 339 0.09 -26.08 42.59
N LEU D 340 0.12 -26.09 41.26
CA LEU D 340 -0.59 -27.12 40.51
C LEU D 340 0.17 -28.44 40.63
N ALA D 341 -0.56 -29.54 40.44
CA ALA D 341 0.05 -30.86 40.55
C ALA D 341 -0.55 -31.83 39.54
N ALA E 7 9.66 26.49 57.56
CA ALA E 7 8.44 26.47 56.76
C ALA E 7 8.68 27.01 55.36
N GLN E 8 7.89 26.55 54.42
CA GLN E 8 7.99 26.97 53.03
C GLN E 8 6.77 27.80 52.65
N LEU E 9 6.98 28.77 51.77
CA LEU E 9 5.92 29.70 51.39
C LEU E 9 4.84 28.97 50.61
N LEU E 10 3.70 29.65 50.44
CA LEU E 10 2.55 29.06 49.75
C LEU E 10 2.84 28.78 48.28
N ALA E 11 3.89 29.35 47.71
CA ALA E 11 4.27 29.07 46.33
C ALA E 11 4.88 27.68 46.17
N ALA E 12 4.80 26.83 47.20
CA ALA E 12 5.13 25.42 47.05
C ALA E 12 3.98 24.70 46.38
N ASN E 13 3.58 25.18 45.20
CA ASN E 13 2.43 24.71 44.46
C ASN E 13 2.84 24.35 43.05
N GLU E 14 3.99 23.68 42.92
CA GLU E 14 4.58 23.39 41.61
C GLU E 14 4.23 21.97 41.21
N GLN E 15 2.99 21.78 40.76
CA GLN E 15 2.57 20.52 40.16
C GLN E 15 2.21 20.70 38.70
N LYS E 16 1.22 21.55 38.39
CA LYS E 16 0.84 21.90 37.03
C LYS E 16 0.73 20.66 36.12
N PHE E 17 0.10 19.62 36.66
CA PHE E 17 -0.06 18.35 35.96
C PHE E 17 -1.54 18.02 35.85
N LYS E 18 -1.99 17.77 34.61
CA LYS E 18 -3.39 17.45 34.33
C LYS E 18 -3.48 16.00 33.88
N PHE E 19 -3.85 15.12 34.81
CA PHE E 19 -4.07 13.70 34.52
C PHE E 19 -5.46 13.29 34.99
N ASP E 20 -6.47 14.06 34.62
CA ASP E 20 -7.83 13.73 35.01
C ASP E 20 -8.23 12.39 34.39
N PRO E 21 -8.81 11.48 35.17
CA PRO E 21 -9.04 10.11 34.71
C PRO E 21 -10.38 9.91 34.01
N LEU E 22 -10.53 10.57 32.85
CA LEU E 22 -11.60 10.29 31.88
C LEU E 22 -12.97 10.74 32.37
N PHE E 23 -13.10 11.11 33.63
CA PHE E 23 -14.37 11.61 34.14
C PHE E 23 -14.31 13.09 34.51
N LEU E 24 -13.15 13.58 34.88
CA LEU E 24 -12.95 14.99 35.11
C LEU E 24 -12.39 15.70 33.89
N ARG E 25 -12.27 15.00 32.77
CA ARG E 25 -11.73 15.59 31.55
C ARG E 25 -12.58 15.28 30.32
N LEU E 26 -13.54 14.38 30.40
CA LEU E 26 -14.36 14.00 29.26
C LEU E 26 -15.81 14.41 29.41
N PHE E 27 -16.34 14.42 30.64
CA PHE E 27 -17.69 14.86 30.91
C PHE E 27 -17.77 16.12 31.76
N PHE E 28 -16.88 16.25 32.74
CA PHE E 28 -16.95 17.32 33.74
C PHE E 28 -15.91 18.40 33.49
N ARG E 29 -15.65 18.75 32.24
CA ARG E 29 -14.53 19.62 31.91
C ARG E 29 -14.73 21.07 32.31
N GLU E 30 -15.92 21.47 32.74
CA GLU E 30 -16.17 22.84 33.15
C GLU E 30 -16.33 22.93 34.67
N SER E 31 -15.76 23.98 35.26
CA SER E 31 -15.60 24.09 36.70
C SER E 31 -16.38 25.29 37.24
N TYR E 32 -16.58 25.28 38.56
CA TYR E 32 -17.28 26.35 39.25
C TYR E 32 -16.86 26.45 40.71
N PRO E 33 -15.90 27.31 41.07
CA PRO E 33 -15.66 27.60 42.48
C PRO E 33 -16.71 28.54 43.04
N PHE E 34 -16.79 28.56 44.36
CA PHE E 34 -17.84 29.33 45.04
C PHE E 34 -17.25 30.10 46.21
N THR E 35 -17.94 31.17 46.58
CA THR E 35 -17.52 32.08 47.64
C THR E 35 -18.50 32.09 48.81
N THR E 36 -18.99 30.90 49.19
CA THR E 36 -19.84 30.75 50.35
C THR E 36 -19.64 29.34 50.90
N GLU E 37 -20.02 29.16 52.17
CA GLU E 37 -19.66 27.93 52.87
C GLU E 37 -20.29 26.70 52.23
N LYS E 38 -21.53 26.81 51.78
CA LYS E 38 -22.14 25.77 50.97
C LYS E 38 -22.00 26.12 49.49
N VAL E 39 -22.70 25.39 48.63
CA VAL E 39 -22.78 25.70 47.21
C VAL E 39 -24.25 25.80 46.84
N TYR E 40 -24.61 26.84 46.10
CA TYR E 40 -26.00 27.11 45.74
C TYR E 40 -26.16 26.92 44.24
N LEU E 41 -26.91 25.88 43.86
CA LEU E 41 -27.10 25.55 42.45
C LEU E 41 -27.76 26.69 41.69
N SER E 42 -28.59 27.48 42.38
CA SER E 42 -29.28 28.58 41.73
C SER E 42 -28.32 29.64 41.20
N GLN E 43 -27.07 29.64 41.65
CA GLN E 43 -26.13 30.68 41.25
C GLN E 43 -25.74 30.55 39.78
N ILE E 44 -25.43 29.33 39.34
CA ILE E 44 -24.89 29.13 37.99
C ILE E 44 -25.97 29.44 36.97
N PRO E 45 -25.60 29.94 35.77
CA PRO E 45 -26.60 30.51 34.86
C PRO E 45 -27.70 29.55 34.42
N GLY E 46 -27.34 28.44 33.81
CA GLY E 46 -28.33 27.55 33.25
C GLY E 46 -28.42 27.65 31.73
N LEU E 47 -29.62 27.41 31.23
CA LEU E 47 -29.86 27.31 29.80
C LEU E 47 -30.71 28.48 29.31
N VAL E 48 -31.01 28.48 28.01
CA VAL E 48 -31.70 29.58 27.37
C VAL E 48 -33.15 29.17 27.10
N ASN E 49 -33.98 30.14 26.67
CA ASN E 49 -35.41 29.90 26.63
C ASN E 49 -36.06 30.29 25.29
N MET E 50 -35.27 30.36 24.21
CA MET E 50 -35.81 30.46 22.85
C MET E 50 -36.74 31.66 22.72
N ALA E 51 -36.17 32.86 22.69
CA ALA E 51 -36.94 34.10 22.70
C ALA E 51 -38.11 34.11 21.74
N LEU E 52 -39.15 34.89 22.08
CA LEU E 52 -40.44 34.86 21.41
C LEU E 52 -40.60 36.08 20.52
N TYR E 53 -41.52 35.97 19.57
CA TYR E 53 -41.79 37.04 18.62
C TYR E 53 -42.37 38.26 19.34
N VAL E 54 -41.80 39.43 19.05
CA VAL E 54 -42.24 40.68 19.66
C VAL E 54 -42.37 41.72 18.56
N SER E 55 -43.50 42.42 18.53
CA SER E 55 -43.67 43.51 17.58
C SER E 55 -42.68 44.64 17.91
N PRO E 56 -42.13 45.30 16.89
CA PRO E 56 -41.10 46.32 17.15
C PRO E 56 -41.66 47.67 17.54
N ILE E 57 -42.65 47.70 18.43
CA ILE E 57 -43.16 48.96 18.95
C ILE E 57 -43.32 48.85 20.46
N VAL E 58 -43.30 47.63 20.98
CA VAL E 58 -43.56 47.38 22.39
C VAL E 58 -42.25 46.99 23.08
N SER E 59 -42.26 47.11 24.41
CA SER E 59 -41.05 46.93 25.20
C SER E 59 -40.71 45.44 25.32
N GLY E 60 -39.67 45.16 26.11
CA GLY E 60 -39.10 43.83 26.19
C GLY E 60 -39.59 43.04 27.39
N GLU E 61 -38.99 41.85 27.54
CA GLU E 61 -39.39 40.85 28.52
C GLU E 61 -38.17 40.27 29.21
N VAL E 62 -37.37 41.13 29.85
CA VAL E 62 -36.05 40.79 30.39
C VAL E 62 -36.05 39.43 31.09
N ILE E 63 -35.06 38.61 30.76
CA ILE E 63 -34.94 37.26 31.28
C ILE E 63 -33.61 37.11 31.99
N ARG E 64 -33.55 36.16 32.93
CA ARG E 64 -32.32 35.88 33.65
C ARG E 64 -32.06 34.39 33.86
N SER E 65 -32.95 33.50 33.42
CA SER E 65 -32.84 32.05 33.50
C SER E 65 -33.04 31.55 34.92
N ARG E 66 -33.08 32.47 35.89
CA ARG E 66 -33.56 32.21 37.24
C ARG E 66 -32.78 31.14 37.99
N GLY E 67 -31.74 30.58 37.37
CA GLY E 67 -30.95 29.56 38.03
C GLY E 67 -31.73 28.27 38.30
N GLY E 68 -31.16 27.46 39.19
CA GLY E 68 -31.80 26.22 39.61
C GLY E 68 -32.69 26.41 40.83
N SER E 69 -33.48 25.38 41.11
CA SER E 69 -34.43 25.46 42.22
C SER E 69 -33.77 25.09 43.55
N THR E 70 -33.30 23.86 43.67
CA THR E 70 -32.71 23.42 44.93
C THR E 70 -31.23 23.81 44.97
N SER E 71 -30.81 24.39 46.10
CA SER E 71 -29.45 24.91 46.18
C SER E 71 -28.79 24.71 47.55
N GLU E 72 -29.22 23.73 48.34
CA GLU E 72 -28.74 23.58 49.71
C GLU E 72 -27.72 22.45 49.84
N PHE E 73 -26.85 22.29 48.85
CA PHE E 73 -25.85 21.24 48.89
C PHE E 73 -24.65 21.66 49.73
N THR E 74 -23.97 20.67 50.32
CA THR E 74 -22.83 20.89 51.19
C THR E 74 -21.57 20.26 50.59
N PRO E 75 -20.46 20.98 50.51
CA PRO E 75 -19.26 20.44 49.86
C PRO E 75 -18.59 19.37 50.69
N GLY E 76 -17.86 18.49 50.01
CA GLY E 76 -17.11 17.43 50.65
C GLY E 76 -15.73 17.83 51.11
N TYR E 77 -15.64 18.53 52.24
CA TYR E 77 -14.35 19.02 52.72
C TYR E 77 -13.39 17.86 52.99
N VAL E 78 -12.17 18.00 52.48
CA VAL E 78 -11.12 17.01 52.64
C VAL E 78 -9.81 17.72 52.95
N LYS E 79 -9.02 17.13 53.86
CA LYS E 79 -7.71 17.66 54.23
C LYS E 79 -6.86 16.52 54.77
N PRO E 80 -6.08 15.86 53.91
CA PRO E 80 -5.21 14.78 54.39
C PRO E 80 -3.81 15.27 54.75
N LYS E 81 -3.31 14.76 55.87
CA LYS E 81 -2.03 15.18 56.44
C LYS E 81 -0.92 14.20 56.11
N HIS E 82 0.30 14.74 56.07
CA HIS E 82 1.55 13.97 55.96
C HIS E 82 2.60 14.64 56.83
N GLU E 83 3.45 13.81 57.43
CA GLU E 83 4.64 14.32 58.09
C GLU E 83 5.83 14.25 57.15
N VAL E 84 6.79 15.15 57.34
CA VAL E 84 7.94 15.24 56.44
C VAL E 84 9.20 14.85 57.20
N ASN E 85 9.07 13.90 58.12
CA ASN E 85 10.16 13.30 58.88
C ASN E 85 11.36 13.05 57.97
N PRO E 86 12.48 13.74 58.19
CA PRO E 86 13.64 13.63 57.28
C PRO E 86 14.36 12.30 57.40
N GLN E 87 13.63 11.21 57.20
CA GLN E 87 14.20 9.87 57.17
C GLN E 87 13.80 9.06 55.95
N MET E 88 12.79 9.48 55.19
CA MET E 88 12.33 8.72 54.04
C MET E 88 13.40 8.68 52.96
N THR E 89 13.65 7.49 52.42
CA THR E 89 14.57 7.34 51.31
C THR E 89 13.92 7.83 50.02
N LEU E 90 14.50 8.85 49.42
CA LEU E 90 13.90 9.48 48.24
C LEU E 90 13.85 8.50 47.08
N ARG E 91 12.70 8.45 46.41
CA ARG E 91 12.56 7.60 45.23
C ARG E 91 13.47 8.11 44.12
N ARG E 92 14.19 7.18 43.50
CA ARG E 92 15.14 7.55 42.48
C ARG E 92 14.42 7.90 41.19
N LEU E 93 14.90 8.95 40.52
CA LEU E 93 14.39 9.38 39.23
C LEU E 93 15.56 9.53 38.28
N PRO E 94 15.34 9.36 36.98
CA PRO E 94 16.45 9.45 36.02
C PRO E 94 17.10 10.82 36.04
N ASP E 95 18.42 10.82 35.83
CA ASP E 95 19.24 12.03 35.77
C ASP E 95 19.14 12.83 37.06
N GLU E 96 19.60 12.22 38.14
CA GLU E 96 19.62 12.84 39.45
C GLU E 96 21.06 12.94 39.94
N ASP E 97 21.47 14.14 40.35
CA ASP E 97 22.81 14.33 40.88
C ASP E 97 22.87 13.92 42.34
N PRO E 98 23.70 12.93 42.71
CA PRO E 98 23.80 12.55 44.12
C PRO E 98 24.73 13.43 44.95
N GLN E 99 25.33 14.46 44.34
CA GLN E 99 26.25 15.31 45.07
C GLN E 99 25.53 16.20 46.09
N ASN E 100 24.31 16.63 45.77
CA ASN E 100 23.59 17.58 46.62
C ASN E 100 22.74 16.90 47.69
N LEU E 101 22.79 15.57 47.80
CA LEU E 101 22.02 14.87 48.81
C LEU E 101 22.57 15.10 50.22
N ALA E 102 23.77 15.66 50.35
CA ALA E 102 24.31 15.93 51.67
C ALA E 102 23.54 17.03 52.38
N ASP E 103 23.24 18.11 51.69
CA ASP E 103 22.56 19.24 52.31
C ASP E 103 21.07 18.93 52.48
N PRO E 104 20.51 19.09 53.68
CA PRO E 104 19.05 18.93 53.83
C PRO E 104 18.24 19.94 53.06
N ALA E 105 18.85 21.06 52.65
CA ALA E 105 18.10 22.10 51.93
C ALA E 105 17.52 21.58 50.63
N TYR E 106 18.11 20.53 50.05
CA TYR E 106 17.57 19.88 48.86
C TYR E 106 16.75 18.65 49.19
N ARG E 107 17.18 17.86 50.18
CA ARG E 107 16.43 16.67 50.56
C ARG E 107 15.02 17.04 51.01
N ARG E 108 14.91 18.01 51.92
CA ARG E 108 13.59 18.44 52.38
C ARG E 108 12.78 19.06 51.25
N ARG E 109 13.43 19.84 50.39
CA ARG E 109 12.73 20.47 49.28
C ARG E 109 12.17 19.47 48.29
N ARG E 110 12.82 18.32 48.12
CA ARG E 110 12.27 17.25 47.31
C ARG E 110 11.21 16.43 48.04
N ILE E 111 11.38 16.22 49.35
CA ILE E 111 10.37 15.51 50.13
C ILE E 111 9.05 16.27 50.10
N ILE E 112 9.11 17.60 50.15
CA ILE E 112 7.89 18.40 50.11
C ILE E 112 7.16 18.19 48.80
N MET E 113 7.89 18.20 47.68
CA MET E 113 7.25 17.97 46.38
C MET E 113 6.66 16.57 46.28
N GLN E 114 7.37 15.57 46.81
CA GLN E 114 6.83 14.21 46.79
C GLN E 114 5.54 14.13 47.60
N ASN E 115 5.52 14.76 48.78
CA ASN E 115 4.30 14.78 49.59
C ASN E 115 3.17 15.48 48.87
N MET E 116 3.46 16.58 48.19
CA MET E 116 2.41 17.28 47.43
C MET E 116 1.87 16.40 46.31
N ARG E 117 2.75 15.67 45.63
CA ARG E 117 2.29 14.76 44.59
C ARG E 117 1.37 13.70 45.18
N ASP E 118 1.73 13.14 46.33
CA ASP E 118 0.89 12.14 46.97
C ASP E 118 -0.46 12.73 47.36
N GLU E 119 -0.47 13.93 47.92
CA GLU E 119 -1.71 14.58 48.32
C GLU E 119 -2.61 14.83 47.12
N GLU E 120 -2.03 15.32 46.02
CA GLU E 120 -2.81 15.58 44.81
C GLU E 120 -3.41 14.29 44.26
N LEU E 121 -2.61 13.21 44.24
CA LEU E 121 -3.13 11.94 43.77
C LEU E 121 -4.23 11.41 44.68
N ALA E 122 -4.14 11.66 45.99
CA ALA E 122 -5.21 11.24 46.89
C ALA E 122 -6.48 12.04 46.68
N ILE E 123 -6.37 13.35 46.41
CA ILE E 123 -7.57 14.17 46.20
C ILE E 123 -8.24 13.79 44.89
N ALA E 124 -7.45 13.58 43.83
CA ALA E 124 -8.01 13.23 42.54
C ALA E 124 -8.79 11.92 42.60
N GLN E 125 -8.38 10.98 43.44
CA GLN E 125 -9.10 9.72 43.57
C GLN E 125 -10.53 9.96 44.05
N VAL E 126 -10.70 10.76 45.10
CA VAL E 126 -12.04 11.04 45.60
C VAL E 126 -12.84 11.86 44.60
N GLU E 127 -12.19 12.78 43.89
CA GLU E 127 -12.91 13.52 42.86
C GLU E 127 -13.47 12.58 41.80
N GLU E 128 -12.65 11.64 41.35
CA GLU E 128 -13.08 10.67 40.36
C GLU E 128 -14.17 9.75 40.92
N MET E 129 -14.05 9.37 42.19
CA MET E 129 -15.08 8.56 42.83
C MET E 129 -16.40 9.28 42.92
N GLN E 130 -16.38 10.58 43.21
CA GLN E 130 -17.61 11.38 43.18
C GLN E 130 -18.20 11.39 41.77
N ALA E 131 -17.34 11.49 40.76
CA ALA E 131 -17.82 11.44 39.39
C ALA E 131 -18.49 10.10 39.09
N VAL E 132 -17.90 9.00 39.56
CA VAL E 132 -18.47 7.68 39.32
C VAL E 132 -19.81 7.53 40.04
N SER E 133 -19.87 7.94 41.30
CA SER E 133 -21.14 7.86 42.00
C SER E 133 -22.19 8.76 41.39
N ALA E 134 -21.78 9.89 40.80
CA ALA E 134 -22.72 10.74 40.08
C ALA E 134 -23.25 10.03 38.86
N VAL E 135 -22.39 9.78 37.85
CA VAL E 135 -22.88 9.02 36.71
C VAL E 135 -22.56 7.54 36.88
N LEU E 136 -23.20 6.92 37.86
CA LEU E 136 -23.62 5.52 37.78
C LEU E 136 -25.00 5.28 38.33
N LYS E 137 -25.48 6.09 39.28
CA LYS E 137 -26.83 6.01 39.80
C LYS E 137 -27.52 7.35 39.98
N GLY E 138 -26.77 8.45 40.04
CA GLY E 138 -27.34 9.75 40.39
C GLY E 138 -27.23 10.00 41.88
N LYS E 139 -27.64 9.04 42.68
CA LYS E 139 -27.55 9.16 44.12
C LYS E 139 -26.09 9.19 44.58
N TYR E 140 -25.86 9.81 45.73
CA TYR E 140 -24.53 9.86 46.30
C TYR E 140 -24.66 10.02 47.81
N THR E 141 -23.76 9.40 48.57
CA THR E 141 -23.73 9.53 50.02
C THR E 141 -22.30 9.77 50.45
N MET E 142 -22.06 10.94 51.04
CA MET E 142 -20.74 11.31 51.55
C MET E 142 -20.71 10.97 53.04
N THR E 143 -20.01 9.89 53.39
CA THR E 143 -19.87 9.46 54.76
C THR E 143 -18.39 9.32 55.10
N GLY E 144 -18.11 9.30 56.40
CA GLY E 144 -16.75 9.14 56.87
C GLY E 144 -16.61 9.45 58.33
N GLU E 145 -15.50 9.01 58.93
CA GLU E 145 -15.27 9.28 60.34
C GLU E 145 -15.07 10.78 60.57
N ALA E 146 -15.56 11.28 61.69
CA ALA E 146 -15.48 12.69 62.03
C ALA E 146 -16.12 13.56 60.95
N PHE E 147 -17.22 13.08 60.38
CA PHE E 147 -17.96 13.83 59.37
C PHE E 147 -19.41 13.42 59.40
N ASP E 148 -20.29 14.39 59.22
CA ASP E 148 -21.72 14.15 59.21
C ASP E 148 -22.13 13.53 57.88
N PRO E 149 -22.73 12.35 57.85
CA PRO E 149 -23.16 11.75 56.57
C PRO E 149 -24.13 12.67 55.84
N VAL E 150 -23.83 12.92 54.57
CA VAL E 150 -24.60 13.84 53.74
C VAL E 150 -25.15 13.07 52.54
N GLU E 151 -26.39 13.34 52.18
CA GLU E 151 -27.01 12.75 51.01
C GLU E 151 -27.03 13.76 49.87
N VAL E 152 -26.83 13.27 48.65
CA VAL E 152 -26.89 14.09 47.45
C VAL E 152 -27.77 13.37 46.42
N ASP E 153 -28.81 14.03 45.96
CA ASP E 153 -29.74 13.47 44.97
C ASP E 153 -29.56 14.25 43.68
N MET E 154 -29.12 13.55 42.63
CA MET E 154 -28.84 14.21 41.37
C MET E 154 -30.12 14.62 40.65
N GLY E 155 -31.12 13.74 40.63
CA GLY E 155 -32.36 14.01 39.92
C GLY E 155 -32.60 13.04 38.80
N ARG E 156 -31.84 11.94 38.78
CA ARG E 156 -31.96 10.94 37.73
C ARG E 156 -33.30 10.21 37.84
N SER E 157 -33.91 9.95 36.68
CA SER E 157 -35.18 9.26 36.62
C SER E 157 -34.97 7.75 36.71
N GLU E 158 -36.08 7.01 36.78
CA GLU E 158 -35.98 5.56 36.91
C GLU E 158 -35.59 4.90 35.58
N GLU E 159 -35.93 5.54 34.46
CA GLU E 159 -35.67 4.96 33.14
C GLU E 159 -34.23 5.10 32.71
N ASN E 160 -33.30 5.47 33.60
CA ASN E 160 -31.88 5.56 33.28
C ASN E 160 -31.08 4.51 34.03
N ASN E 161 -31.74 3.53 34.62
CA ASN E 161 -31.11 2.49 35.42
C ASN E 161 -31.58 1.12 34.98
N ILE E 162 -31.57 0.87 33.68
CA ILE E 162 -32.03 -0.39 33.11
C ILE E 162 -31.18 -1.54 33.62
N THR E 163 -31.81 -2.49 34.32
CA THR E 163 -31.12 -3.64 34.88
C THR E 163 -31.39 -4.88 34.03
N GLN E 164 -30.37 -5.72 33.88
CA GLN E 164 -30.48 -6.93 33.09
C GLN E 164 -31.06 -8.10 33.87
N SER E 165 -31.30 -7.95 35.17
CA SER E 165 -31.76 -9.08 35.97
C SER E 165 -33.10 -9.61 35.48
N GLY E 166 -34.04 -8.69 35.16
CA GLY E 166 -35.32 -9.11 34.63
C GLY E 166 -35.24 -9.40 33.14
N GLY E 167 -35.90 -10.48 32.72
CA GLY E 167 -35.93 -10.84 31.31
C GLY E 167 -34.79 -11.75 30.90
N THR E 168 -34.30 -11.58 29.67
CA THR E 168 -33.20 -12.37 29.14
C THR E 168 -31.95 -11.50 29.14
N GLU E 169 -30.92 -11.95 29.85
CA GLU E 169 -29.67 -11.22 29.96
C GLU E 169 -28.85 -11.40 28.68
N TRP E 170 -27.66 -10.79 28.68
CA TRP E 170 -26.72 -10.97 27.58
C TRP E 170 -25.94 -12.26 27.67
N SER E 171 -25.97 -12.94 28.82
CA SER E 171 -25.19 -14.16 28.98
C SER E 171 -25.94 -15.38 28.41
N LYS E 172 -27.12 -15.67 28.94
CA LYS E 172 -27.89 -16.85 28.52
C LYS E 172 -28.53 -16.59 27.16
N ARG E 173 -27.68 -16.53 26.14
CA ARG E 173 -28.12 -16.31 24.77
C ARG E 173 -27.17 -17.04 23.82
N ASP E 174 -27.45 -16.94 22.53
CA ASP E 174 -26.59 -17.52 21.51
C ASP E 174 -25.49 -16.52 21.20
N LYS E 175 -24.28 -16.82 21.69
CA LYS E 175 -23.14 -15.92 21.55
C LYS E 175 -22.52 -15.96 20.16
N SER E 176 -23.20 -16.56 19.18
CA SER E 176 -22.69 -16.62 17.82
C SER E 176 -23.64 -16.06 16.78
N THR E 177 -24.91 -15.84 17.11
CA THR E 177 -25.87 -15.26 16.17
C THR E 177 -26.64 -14.07 16.72
N TYR E 178 -26.76 -13.94 18.04
CA TYR E 178 -27.51 -12.82 18.62
C TYR E 178 -26.76 -11.51 18.36
N ASP E 179 -27.54 -10.43 18.27
CA ASP E 179 -26.99 -9.12 17.99
C ASP E 179 -27.21 -8.16 19.15
N PRO E 180 -26.21 -7.36 19.51
CA PRO E 180 -26.39 -6.40 20.59
C PRO E 180 -27.04 -5.11 20.12
N THR E 181 -27.22 -4.98 18.81
CA THR E 181 -27.82 -3.77 18.26
C THR E 181 -29.23 -3.57 18.77
N ASP E 182 -30.02 -4.64 18.83
CA ASP E 182 -31.38 -4.56 19.33
C ASP E 182 -31.45 -4.25 20.82
N ASP E 183 -30.34 -4.40 21.55
CA ASP E 183 -30.29 -4.05 22.96
C ASP E 183 -29.66 -2.69 23.22
N ILE E 184 -28.55 -2.38 22.54
CA ILE E 184 -27.89 -1.10 22.75
C ILE E 184 -28.80 0.05 22.32
N GLU E 185 -29.42 -0.08 21.15
CA GLU E 185 -30.31 0.99 20.67
C GLU E 185 -31.53 1.14 21.56
N ALA E 186 -32.16 0.03 21.92
CA ALA E 186 -33.36 0.10 22.76
C ALA E 186 -33.06 0.71 24.13
N TYR E 187 -31.81 0.67 24.57
CA TYR E 187 -31.41 1.26 25.84
C TYR E 187 -31.00 2.72 25.69
N ALA E 188 -30.97 3.25 24.47
CA ALA E 188 -30.48 4.60 24.21
C ALA E 188 -31.58 5.59 23.86
N LEU E 189 -32.81 5.14 23.62
CA LEU E 189 -33.90 6.07 23.36
C LEU E 189 -34.19 6.93 24.59
N ASN E 190 -34.21 6.31 25.77
CA ASN E 190 -34.50 7.02 27.01
C ASN E 190 -33.23 7.65 27.60
N ALA E 191 -32.55 8.42 26.75
CA ALA E 191 -31.31 9.07 27.12
C ALA E 191 -31.34 10.59 26.99
N SER E 192 -32.44 11.17 26.52
CA SER E 192 -32.57 12.62 26.38
C SER E 192 -31.43 13.20 25.53
N GLY E 193 -31.11 12.50 24.45
CA GLY E 193 -30.07 12.98 23.55
C GLY E 193 -29.31 11.85 22.87
N VAL E 194 -28.51 12.21 21.86
CA VAL E 194 -27.72 11.21 21.14
C VAL E 194 -26.55 10.78 22.00
N VAL E 195 -26.38 9.47 22.16
CA VAL E 195 -25.27 8.91 22.93
C VAL E 195 -24.19 8.47 21.97
N ASN E 196 -22.93 8.66 22.38
CA ASN E 196 -21.80 8.21 21.58
C ASN E 196 -20.67 7.64 22.43
N ILE E 197 -20.87 7.41 23.72
CA ILE E 197 -19.84 6.89 24.62
C ILE E 197 -20.40 5.70 25.38
N ILE E 198 -19.73 4.56 25.27
CA ILE E 198 -20.19 3.30 25.84
C ILE E 198 -19.11 2.72 26.74
N VAL E 199 -18.47 3.59 27.54
CA VAL E 199 -17.39 3.19 28.45
C VAL E 199 -17.71 1.86 29.12
N PHE E 200 -16.79 0.91 29.03
CA PHE E 200 -17.02 -0.47 29.40
C PHE E 200 -16.15 -0.87 30.58
N ASP E 201 -16.66 -1.80 31.37
CA ASP E 201 -15.87 -2.46 32.40
C ASP E 201 -14.97 -3.51 31.77
N PRO E 202 -13.95 -3.97 32.49
CA PRO E 202 -13.15 -5.08 31.96
C PRO E 202 -13.97 -6.32 31.68
N LYS E 203 -14.77 -6.78 32.65
CA LYS E 203 -15.61 -7.97 32.41
C LYS E 203 -16.80 -7.63 31.53
N GLY E 204 -17.42 -6.47 31.75
CA GLY E 204 -18.60 -6.11 30.98
C GLY E 204 -18.36 -6.06 29.49
N TRP E 205 -17.15 -5.71 29.08
CA TRP E 205 -16.80 -5.71 27.67
C TRP E 205 -16.53 -7.11 27.12
N ALA E 206 -16.13 -8.06 27.99
CA ALA E 206 -15.78 -9.39 27.52
C ALA E 206 -16.98 -10.10 26.90
N LEU E 207 -18.09 -10.16 27.65
CA LEU E 207 -19.26 -10.86 27.13
C LEU E 207 -19.87 -10.13 25.94
N PHE E 208 -19.76 -8.81 25.91
CA PHE E 208 -20.21 -8.06 24.74
C PHE E 208 -19.38 -8.42 23.51
N ARG E 209 -18.07 -8.55 23.68
CA ARG E 209 -17.21 -8.95 22.58
C ARG E 209 -17.43 -10.41 22.19
N SER E 210 -17.92 -11.23 23.11
CA SER E 210 -18.11 -12.65 22.81
C SER E 210 -19.08 -12.87 21.66
N PHE E 211 -20.05 -11.95 21.50
CA PHE E 211 -21.01 -12.08 20.41
C PHE E 211 -20.30 -12.02 19.06
N LYS E 212 -20.65 -12.95 18.18
CA LYS E 212 -19.96 -13.04 16.89
C LYS E 212 -20.19 -11.79 16.05
N ALA E 213 -21.43 -11.29 16.03
CA ALA E 213 -21.77 -10.16 15.17
C ALA E 213 -21.02 -8.89 15.53
N VAL E 214 -20.47 -8.82 16.73
CA VAL E 214 -19.76 -7.60 17.15
C VAL E 214 -18.44 -7.46 16.40
N LYS E 215 -17.69 -8.55 16.28
CA LYS E 215 -16.28 -8.45 15.92
C LYS E 215 -16.02 -8.14 14.45
N GLU E 216 -17.03 -8.22 13.58
CA GLU E 216 -16.78 -7.90 12.18
C GLU E 216 -17.21 -6.49 11.81
N LYS E 217 -18.15 -5.90 12.53
CA LYS E 217 -18.62 -4.56 12.23
C LYS E 217 -18.09 -3.50 13.18
N LEU E 218 -17.61 -3.89 14.35
CA LEU E 218 -16.95 -2.96 15.27
C LEU E 218 -15.59 -2.62 14.68
N ASP E 219 -15.50 -1.46 14.03
CA ASP E 219 -14.25 -1.03 13.42
C ASP E 219 -13.24 -0.73 14.52
N THR E 220 -12.25 -1.61 14.66
CA THR E 220 -11.20 -1.45 15.64
C THR E 220 -10.11 -0.50 15.17
N ARG E 221 -10.40 0.34 14.19
CA ARG E 221 -9.40 1.24 13.62
C ARG E 221 -8.84 2.17 14.68
N ARG E 222 -7.51 2.26 14.72
CA ARG E 222 -6.84 3.13 15.68
C ARG E 222 -7.05 4.60 15.32
N GLY E 223 -6.58 5.01 14.14
CA GLY E 223 -6.79 6.37 13.68
C GLY E 223 -8.16 6.56 13.07
N SER E 224 -9.06 7.25 13.79
CA SER E 224 -10.44 7.37 13.35
C SER E 224 -10.89 8.81 13.55
N ASN E 225 -12.21 9.02 13.45
CA ASN E 225 -12.78 10.36 13.47
C ASN E 225 -12.81 10.96 14.87
N SER E 226 -13.11 10.15 15.89
CA SER E 226 -13.14 10.63 17.26
C SER E 226 -11.76 11.13 17.67
N GLU E 227 -11.74 12.20 18.47
CA GLU E 227 -10.50 12.73 19.03
C GLU E 227 -10.13 12.04 20.35
N LEU E 228 -10.98 11.14 20.83
CA LEU E 228 -10.84 10.53 22.15
C LEU E 228 -9.48 9.87 22.37
N GLU E 229 -8.69 9.68 21.32
CA GLU E 229 -7.35 9.13 21.48
C GLU E 229 -6.49 10.00 22.39
N THR E 230 -6.84 11.28 22.57
CA THR E 230 -6.18 12.10 23.57
C THR E 230 -6.27 11.45 24.94
N ALA E 231 -7.47 11.06 25.35
CA ALA E 231 -7.63 10.35 26.61
C ALA E 231 -6.83 9.06 26.62
N VAL E 232 -6.57 8.50 25.44
CA VAL E 232 -5.74 7.31 25.35
C VAL E 232 -4.28 7.65 25.65
N LYS E 233 -3.78 8.75 25.08
CA LYS E 233 -2.36 9.04 25.22
C LYS E 233 -2.04 9.56 26.62
N ASP E 234 -3.00 10.16 27.30
CA ASP E 234 -2.79 10.60 28.67
C ASP E 234 -2.96 9.44 29.64
N LEU E 235 -4.12 8.82 29.65
CA LEU E 235 -4.41 7.68 30.53
C LEU E 235 -4.20 6.37 29.77
N GLY E 236 -2.93 6.06 29.50
CA GLY E 236 -2.60 4.85 28.78
C GLY E 236 -2.66 3.59 29.61
N LYS E 237 -2.92 3.70 30.91
CA LYS E 237 -2.93 2.54 31.80
C LYS E 237 -4.33 1.94 31.93
N ALA E 238 -5.29 2.74 32.39
CA ALA E 238 -6.62 2.23 32.71
C ALA E 238 -7.66 2.56 31.63
N VAL E 239 -7.26 3.10 30.49
CA VAL E 239 -8.18 3.51 29.45
C VAL E 239 -7.74 2.86 28.15
N SER E 240 -8.65 2.15 27.50
CA SER E 240 -8.37 1.53 26.21
C SER E 240 -9.51 1.80 25.24
N TYR E 241 -9.19 2.48 24.13
CA TYR E 241 -10.17 2.82 23.11
C TYR E 241 -10.25 1.67 22.12
N LYS E 242 -11.36 0.93 22.14
CA LYS E 242 -11.47 -0.25 21.30
C LYS E 242 -11.64 0.13 19.82
N GLY E 243 -12.47 1.13 19.54
CA GLY E 243 -12.68 1.53 18.16
C GLY E 243 -14.05 2.14 17.99
N MET E 244 -14.59 1.93 16.79
CA MET E 244 -15.89 2.48 16.40
C MET E 244 -16.90 1.35 16.23
N TYR E 245 -18.09 1.56 16.82
CA TYR E 245 -19.22 0.65 16.67
C TYR E 245 -20.08 1.05 15.47
N GLY E 246 -19.50 1.77 14.52
CA GLY E 246 -20.26 2.46 13.50
C GLY E 246 -20.49 3.90 13.87
N ASP E 247 -21.67 4.19 14.45
CA ASP E 247 -21.98 5.55 14.88
C ASP E 247 -21.14 5.93 16.10
N VAL E 248 -20.96 5.00 17.04
CA VAL E 248 -20.52 5.32 18.39
C VAL E 248 -19.18 4.66 18.68
N ALA E 249 -18.45 5.21 19.66
CA ALA E 249 -17.14 4.71 20.03
C ALA E 249 -17.22 3.78 21.24
N ILE E 250 -16.16 3.01 21.45
CA ILE E 250 -16.09 2.06 22.55
C ILE E 250 -14.87 2.36 23.39
N VAL E 251 -15.06 2.51 24.70
CA VAL E 251 -13.98 2.74 25.64
C VAL E 251 -14.09 1.70 26.75
N VAL E 252 -12.95 1.20 27.22
CA VAL E 252 -12.89 0.28 28.34
C VAL E 252 -12.07 0.94 29.43
N TYR E 253 -12.65 1.04 30.63
CA TYR E 253 -12.05 1.72 31.75
C TYR E 253 -11.78 0.74 32.88
N SER E 254 -10.54 0.69 33.36
CA SER E 254 -10.13 -0.28 34.36
C SER E 254 -9.29 0.39 35.44
N GLY E 255 -9.78 1.53 35.95
CA GLY E 255 -9.08 2.24 37.00
C GLY E 255 -9.20 1.55 38.35
N GLN E 256 -8.32 1.94 39.27
CA GLN E 256 -8.34 1.41 40.62
C GLN E 256 -8.09 2.52 41.62
N TYR E 257 -8.60 2.32 42.83
CA TYR E 257 -8.32 3.20 43.95
C TYR E 257 -7.91 2.37 45.16
N VAL E 258 -7.00 2.92 45.95
CA VAL E 258 -6.47 2.25 47.13
C VAL E 258 -7.36 2.63 48.30
N GLU E 259 -8.10 1.66 48.82
CA GLU E 259 -8.92 1.87 50.01
C GLU E 259 -8.00 1.77 51.22
N ASN E 260 -8.58 1.62 52.42
CA ASN E 260 -7.80 1.74 53.65
C ASN E 260 -6.58 0.84 53.67
N GLY E 261 -6.70 -0.38 53.19
CA GLY E 261 -5.56 -1.28 53.14
C GLY E 261 -5.43 -2.04 51.85
N VAL E 262 -6.44 -1.98 50.98
CA VAL E 262 -6.48 -2.82 49.79
C VAL E 262 -6.72 -1.96 48.56
N LYS E 263 -6.66 -2.59 47.39
CA LYS E 263 -7.04 -1.95 46.13
C LYS E 263 -8.45 -2.38 45.73
N LYS E 264 -9.14 -1.51 45.02
CA LYS E 264 -10.51 -1.79 44.58
C LYS E 264 -10.72 -1.10 43.24
N ASN E 265 -11.77 -1.54 42.54
CA ASN E 265 -12.09 -1.03 41.22
C ASN E 265 -13.16 0.05 41.31
N PHE E 266 -12.99 1.10 40.49
CA PHE E 266 -13.94 2.21 40.44
C PHE E 266 -15.36 1.74 40.16
N LEU E 267 -15.58 1.23 38.97
CA LEU E 267 -16.92 0.83 38.57
C LEU E 267 -17.24 -0.55 39.14
N PRO E 268 -18.48 -0.81 39.54
CA PRO E 268 -18.89 -2.20 39.79
C PRO E 268 -18.64 -3.04 38.55
N ASP E 269 -18.20 -4.28 38.76
CA ASP E 269 -17.56 -5.04 37.70
C ASP E 269 -18.52 -5.28 36.53
N ASN E 270 -19.76 -5.65 36.82
CA ASN E 270 -20.74 -5.96 35.77
C ASN E 270 -21.70 -4.80 35.53
N THR E 271 -21.16 -3.70 34.99
CA THR E 271 -21.97 -2.53 34.65
C THR E 271 -21.51 -1.94 33.33
N MET E 272 -22.28 -0.97 32.83
CA MET E 272 -21.96 -0.29 31.59
C MET E 272 -22.70 1.04 31.57
N VAL E 273 -22.21 1.97 30.76
CA VAL E 273 -22.80 3.31 30.65
C VAL E 273 -22.94 3.70 29.19
N LEU E 274 -24.04 4.37 28.88
CA LEU E 274 -24.26 5.03 27.60
C LEU E 274 -24.41 6.52 27.85
N GLY E 275 -23.60 7.32 27.17
CA GLY E 275 -23.66 8.76 27.33
C GLY E 275 -23.12 9.50 26.14
N ASN E 276 -22.92 10.81 26.29
CA ASN E 276 -22.39 11.65 25.24
C ASN E 276 -21.13 12.34 25.72
N THR E 277 -20.18 12.52 24.80
CA THR E 277 -18.91 13.16 25.11
C THR E 277 -19.01 14.67 25.25
N GLN E 278 -20.23 15.22 25.20
CA GLN E 278 -20.43 16.67 25.29
C GLN E 278 -21.42 17.05 26.38
N ALA E 279 -21.67 16.16 27.34
CA ALA E 279 -22.55 16.49 28.45
C ALA E 279 -21.88 17.47 29.40
N ARG E 280 -22.68 18.29 30.05
CA ARG E 280 -22.19 19.33 30.95
C ARG E 280 -22.10 18.80 32.37
N GLY E 281 -20.99 19.07 33.04
CA GLY E 281 -20.78 18.62 34.40
C GLY E 281 -20.11 19.64 35.29
N LEU E 282 -20.68 19.86 36.47
CA LEU E 282 -20.23 20.90 37.38
C LEU E 282 -19.13 20.40 38.31
N ARG E 283 -18.24 21.32 38.68
CA ARG E 283 -17.11 21.03 39.55
C ARG E 283 -17.16 21.94 40.78
N THR E 284 -18.33 21.98 41.42
CA THR E 284 -18.55 22.89 42.53
C THR E 284 -17.54 22.68 43.65
N TYR E 285 -17.01 23.78 44.16
CA TYR E 285 -16.01 23.78 45.22
C TYR E 285 -16.44 24.76 46.30
N GLY E 286 -16.44 24.31 47.54
CA GLY E 286 -16.76 25.18 48.66
C GLY E 286 -15.60 26.07 49.04
N CYS E 287 -15.85 26.96 50.00
CA CYS E 287 -14.82 27.85 50.49
C CYS E 287 -13.78 27.09 51.30
N ILE E 288 -12.52 27.53 51.18
CA ILE E 288 -11.42 26.96 51.95
C ILE E 288 -11.47 27.63 53.33
N GLN E 289 -12.12 26.96 54.29
CA GLN E 289 -12.37 27.56 55.60
C GLN E 289 -11.11 27.54 56.47
N ASP E 290 -10.10 28.26 55.99
CA ASP E 290 -8.84 28.41 56.69
C ASP E 290 -8.58 29.89 56.93
N ALA E 291 -8.11 30.21 58.14
CA ALA E 291 -7.87 31.61 58.50
C ALA E 291 -6.79 32.21 57.61
N ASP E 292 -5.69 31.49 57.40
CA ASP E 292 -4.63 31.98 56.53
C ASP E 292 -5.08 32.09 55.08
N ALA E 293 -5.91 31.17 54.62
CA ALA E 293 -6.46 31.28 53.28
C ALA E 293 -7.32 32.53 53.13
N GLN E 294 -8.12 32.83 54.15
CA GLN E 294 -8.91 34.05 54.14
C GLN E 294 -8.01 35.29 54.15
N ARG E 295 -6.89 35.21 54.88
CA ARG E 295 -5.99 36.35 54.97
C ARG E 295 -5.41 36.70 53.61
N GLU E 296 -5.06 35.70 52.81
CA GLU E 296 -4.46 35.92 51.51
C GLU E 296 -5.48 35.99 50.38
N GLY E 297 -6.77 35.96 50.69
CA GLY E 297 -7.80 36.08 49.68
C GLY E 297 -7.82 34.91 48.70
N ILE E 298 -7.77 33.69 49.22
CA ILE E 298 -7.73 32.50 48.38
C ILE E 298 -9.01 31.72 48.67
N ASN E 299 -10.09 32.43 48.97
CA ASN E 299 -11.35 31.78 49.30
C ASN E 299 -12.07 31.23 48.08
N ALA E 300 -11.71 31.65 46.88
CA ALA E 300 -12.30 31.13 45.66
C ALA E 300 -11.20 30.35 44.93
N SER E 301 -11.05 29.08 45.31
CA SER E 301 -9.99 28.24 44.77
C SER E 301 -10.37 26.78 44.96
N ALA E 302 -9.73 25.92 44.18
CA ALA E 302 -10.01 24.49 44.26
C ALA E 302 -9.22 23.84 45.38
N ARG E 303 -7.91 24.05 45.41
CA ARG E 303 -7.02 23.42 46.38
C ARG E 303 -6.28 24.50 47.16
N TYR E 304 -5.87 24.15 48.37
CA TYR E 304 -5.11 25.08 49.22
C TYR E 304 -4.03 24.33 49.95
N PRO E 305 -2.79 24.42 49.47
CA PRO E 305 -1.67 23.83 50.22
C PRO E 305 -1.25 24.73 51.37
N LYS E 306 -0.65 24.12 52.39
CA LYS E 306 -0.20 24.85 53.57
C LYS E 306 0.85 24.04 54.29
N ASN E 307 2.06 24.59 54.40
CA ASN E 307 3.15 23.98 55.14
C ASN E 307 3.38 24.75 56.43
N TRP E 308 3.48 24.02 57.54
CA TRP E 308 3.69 24.66 58.83
C TRP E 308 4.35 23.68 59.79
N VAL E 309 4.88 24.24 60.88
CA VAL E 309 5.60 23.50 61.91
C VAL E 309 4.88 23.74 63.23
N THR E 310 4.25 22.71 63.76
CA THR E 310 3.52 22.82 65.01
C THR E 310 4.48 22.71 66.18
N THR E 311 4.36 23.63 67.13
CA THR E 311 5.14 23.60 68.36
C THR E 311 4.26 23.12 69.52
N GLY E 312 4.82 23.13 70.71
CA GLY E 312 4.14 22.63 71.89
C GLY E 312 4.62 21.23 72.25
N ASP E 313 3.70 20.36 72.62
CA ASP E 313 4.07 19.01 73.01
C ASP E 313 4.44 18.16 71.78
N PRO E 314 3.55 18.01 70.78
CA PRO E 314 3.98 17.24 69.59
C PRO E 314 4.66 18.13 68.56
N ALA E 315 5.93 18.45 68.82
CA ALA E 315 6.64 19.43 68.01
C ALA E 315 7.07 18.86 66.66
N ARG E 316 6.10 18.42 65.86
CA ARG E 316 6.37 17.98 64.50
C ARG E 316 5.89 19.05 63.52
N GLU E 317 6.02 18.76 62.23
CA GLU E 317 5.57 19.67 61.19
C GLU E 317 4.85 18.88 60.11
N PHE E 318 3.92 19.55 59.42
CA PHE E 318 3.05 18.86 58.47
C PHE E 318 2.92 19.68 57.20
N THR E 319 2.32 19.06 56.18
CA THR E 319 2.04 19.72 54.91
C THR E 319 0.65 19.29 54.46
N MET E 320 -0.34 20.17 54.66
CA MET E 320 -1.73 19.88 54.38
C MET E 320 -2.14 20.45 53.04
N ILE E 321 -3.19 19.87 52.45
CA ILE E 321 -3.86 20.46 51.31
C ILE E 321 -5.36 20.31 51.49
N GLN E 322 -6.05 21.43 51.67
CA GLN E 322 -7.49 21.39 51.89
C GLN E 322 -8.24 21.66 50.60
N SER E 323 -9.42 21.03 50.50
CA SER E 323 -10.29 21.21 49.34
C SER E 323 -11.71 20.84 49.77
N ALA E 324 -12.66 21.02 48.86
CA ALA E 324 -14.05 20.67 49.15
C ALA E 324 -14.81 20.41 47.87
N PRO E 325 -14.61 19.28 47.21
CA PRO E 325 -15.33 19.00 45.96
C PRO E 325 -16.76 18.56 46.22
N LEU E 326 -17.65 18.93 45.30
CA LEU E 326 -19.03 18.46 45.27
C LEU E 326 -19.44 18.18 43.83
N MET E 327 -18.61 17.41 43.12
CA MET E 327 -18.79 17.07 41.71
C MET E 327 -20.25 16.80 41.38
N LEU E 328 -20.80 17.56 40.43
CA LEU E 328 -22.23 17.52 40.12
C LEU E 328 -22.44 17.31 38.63
N LEU E 329 -23.68 17.02 38.27
CA LEU E 329 -24.07 16.78 36.89
C LEU E 329 -25.21 17.72 36.52
N ALA E 330 -25.17 18.27 35.31
CA ALA E 330 -26.20 19.19 34.87
C ALA E 330 -27.50 18.45 34.54
N ASP E 331 -27.41 17.43 33.68
CA ASP E 331 -28.56 16.66 33.23
C ASP E 331 -28.41 15.22 33.70
N PRO E 332 -29.01 14.86 34.84
CA PRO E 332 -28.92 13.47 35.31
C PRO E 332 -29.64 12.47 34.42
N ASP E 333 -30.51 12.93 33.53
CA ASP E 333 -31.27 12.05 32.65
C ASP E 333 -30.60 11.86 31.29
N GLU E 334 -29.39 12.38 31.13
CA GLU E 334 -28.67 12.27 29.86
C GLU E 334 -27.79 11.03 29.80
N PHE E 335 -27.56 10.36 30.93
CA PHE E 335 -26.73 9.17 30.99
C PHE E 335 -27.58 7.97 31.36
N VAL E 336 -27.32 6.84 30.72
CA VAL E 336 -28.06 5.60 30.96
C VAL E 336 -27.09 4.57 31.50
N SER E 337 -27.31 4.14 32.74
CA SER E 337 -26.46 3.13 33.36
C SER E 337 -27.17 1.79 33.28
N VAL E 338 -26.50 0.79 32.70
CA VAL E 338 -27.05 -0.55 32.57
C VAL E 338 -26.30 -1.49 33.50
N GLN E 339 -27.05 -2.18 34.35
CA GLN E 339 -26.48 -3.16 35.28
C GLN E 339 -26.45 -4.50 34.54
N LEU E 340 -25.30 -4.82 33.96
CA LEU E 340 -25.17 -6.04 33.18
C LEU E 340 -25.17 -7.27 34.11
N ALA E 341 -25.51 -8.41 33.53
CA ALA E 341 -25.54 -9.67 34.26
C ALA E 341 -25.43 -10.85 33.30
N ALA F 7 -22.09 52.69 28.60
CA ALA F 7 -22.52 52.04 27.36
C ALA F 7 -21.33 51.58 26.55
N GLN F 8 -21.47 50.44 25.87
CA GLN F 8 -20.42 49.87 25.04
C GLN F 8 -20.69 50.16 23.58
N LEU F 9 -19.61 50.25 22.80
CA LEU F 9 -19.72 50.62 21.40
C LEU F 9 -20.46 49.56 20.60
N LEU F 10 -21.11 50.01 19.51
CA LEU F 10 -21.86 49.09 18.67
C LEU F 10 -20.93 48.09 17.99
N ALA F 11 -19.70 48.49 17.68
CA ALA F 11 -18.76 47.61 17.00
C ALA F 11 -18.38 46.40 17.83
N ALA F 12 -18.67 46.41 19.13
CA ALA F 12 -18.40 45.23 19.97
C ALA F 12 -19.43 44.15 19.68
N ASN F 13 -19.33 43.53 18.51
CA ASN F 13 -20.23 42.47 18.08
C ASN F 13 -19.45 41.22 17.68
N GLU F 14 -18.38 40.92 18.42
CA GLU F 14 -17.48 39.82 18.05
C GLU F 14 -18.07 38.50 18.52
N GLN F 15 -18.84 37.84 17.65
CA GLN F 15 -19.27 36.48 17.88
C GLN F 15 -18.64 35.52 16.90
N LYS F 16 -18.86 35.71 15.59
CA LYS F 16 -18.26 34.95 14.50
C LYS F 16 -18.11 33.47 14.81
N PHE F 17 -19.12 32.90 15.47
CA PHE F 17 -19.13 31.51 15.90
C PHE F 17 -20.40 30.83 15.43
N LYS F 18 -20.71 30.97 14.14
CA LYS F 18 -21.95 30.46 13.58
C LYS F 18 -22.06 28.96 13.79
N PHE F 19 -23.01 28.56 14.62
CA PHE F 19 -23.28 27.16 14.94
C PHE F 19 -24.70 26.80 14.51
N ASP F 20 -25.07 27.20 13.31
CA ASP F 20 -26.41 26.95 12.81
C ASP F 20 -26.68 25.45 12.70
N PRO F 21 -27.80 24.96 13.22
CA PRO F 21 -28.02 23.51 13.43
C PRO F 21 -28.68 22.77 12.27
N LEU F 22 -27.96 22.67 11.16
CA LEU F 22 -28.20 21.68 10.10
C LEU F 22 -29.45 21.97 9.27
N PHE F 23 -30.30 22.88 9.73
CA PHE F 23 -31.36 23.42 8.89
C PHE F 23 -31.11 24.87 8.52
N LEU F 24 -29.95 25.41 8.88
CA LEU F 24 -29.51 26.70 8.37
C LEU F 24 -28.14 26.61 7.72
N ARG F 25 -27.51 25.44 7.74
CA ARG F 25 -26.23 25.24 7.07
C ARG F 25 -26.29 24.19 5.97
N LEU F 26 -27.35 23.39 5.89
CA LEU F 26 -27.50 22.38 4.86
C LEU F 26 -28.44 22.78 3.74
N PHE F 27 -29.64 23.28 4.08
CA PHE F 27 -30.61 23.69 3.08
C PHE F 27 -30.78 25.19 2.95
N PHE F 28 -30.37 25.97 3.94
CA PHE F 28 -30.64 27.40 3.95
C PHE F 28 -29.34 28.20 3.95
N ARG F 29 -28.40 27.83 3.08
CA ARG F 29 -27.09 28.46 3.07
C ARG F 29 -27.17 29.92 2.62
N GLU F 30 -27.98 30.19 1.60
CA GLU F 30 -27.99 31.51 0.99
C GLU F 30 -28.89 32.47 1.76
N SER F 31 -28.39 33.68 2.00
CA SER F 31 -29.07 34.67 2.81
C SER F 31 -29.38 35.91 1.99
N TYR F 32 -30.57 36.48 2.22
CA TYR F 32 -31.06 37.65 1.48
C TYR F 32 -31.57 38.72 2.44
N PRO F 33 -30.67 39.47 3.07
CA PRO F 33 -31.12 40.62 3.86
C PRO F 33 -31.81 41.65 2.98
N PHE F 34 -32.83 42.29 3.51
CA PHE F 34 -33.67 43.22 2.75
C PHE F 34 -33.54 44.63 3.28
N THR F 35 -33.91 45.59 2.45
CA THR F 35 -33.90 47.00 2.79
C THR F 35 -35.30 47.58 2.91
N THR F 36 -36.31 46.72 3.07
CA THR F 36 -37.69 47.15 3.20
C THR F 36 -38.31 46.53 4.44
N GLU F 37 -39.32 47.22 4.99
CA GLU F 37 -39.95 46.76 6.22
C GLU F 37 -40.60 45.39 6.03
N LYS F 38 -41.29 45.19 4.91
CA LYS F 38 -41.77 43.87 4.54
C LYS F 38 -40.75 43.21 3.62
N VAL F 39 -41.03 41.97 3.24
CA VAL F 39 -40.16 41.19 2.36
C VAL F 39 -40.89 40.98 1.04
N TYR F 40 -40.28 41.42 -0.06
CA TYR F 40 -40.84 41.30 -1.39
C TYR F 40 -40.13 40.17 -2.12
N LEU F 41 -40.82 39.04 -2.25
CA LEU F 41 -40.22 37.87 -2.88
C LEU F 41 -39.89 38.09 -4.35
N SER F 42 -40.59 39.02 -5.01
CA SER F 42 -40.33 39.29 -6.42
C SER F 42 -38.92 39.80 -6.66
N GLN F 43 -38.33 40.49 -5.68
CA GLN F 43 -36.96 40.95 -5.81
C GLN F 43 -35.95 39.83 -5.77
N ILE F 44 -36.33 38.64 -5.33
CA ILE F 44 -35.41 37.50 -5.30
C ILE F 44 -35.12 37.05 -6.73
N PRO F 45 -33.87 36.71 -7.08
CA PRO F 45 -33.56 36.27 -8.45
C PRO F 45 -34.46 35.15 -8.96
N GLY F 46 -34.45 34.01 -8.27
CA GLY F 46 -35.28 32.90 -8.68
C GLY F 46 -34.75 32.16 -9.89
N LEU F 47 -35.59 32.05 -10.93
CA LEU F 47 -35.33 31.22 -12.08
C LEU F 47 -34.90 32.06 -13.29
N VAL F 48 -34.19 31.42 -14.21
CA VAL F 48 -33.73 32.07 -15.44
C VAL F 48 -34.11 31.19 -16.62
N ASN F 49 -34.72 31.79 -17.65
CA ASN F 49 -35.22 31.04 -18.77
C ASN F 49 -34.08 30.46 -19.59
N MET F 50 -34.40 29.45 -20.40
CA MET F 50 -33.37 28.71 -21.12
C MET F 50 -32.64 29.59 -22.13
N ALA F 51 -33.30 29.95 -23.24
CA ALA F 51 -32.69 30.75 -24.28
C ALA F 51 -33.66 31.01 -25.42
N LEU F 52 -33.21 31.70 -26.46
CA LEU F 52 -33.96 31.82 -27.70
C LEU F 52 -32.98 31.74 -28.87
N TYR F 53 -33.29 30.89 -29.84
CA TYR F 53 -32.49 30.78 -31.06
C TYR F 53 -32.78 31.98 -31.94
N VAL F 54 -31.82 32.89 -32.04
CA VAL F 54 -32.01 34.13 -32.79
C VAL F 54 -31.01 34.20 -33.93
N SER F 55 -31.42 34.87 -35.00
CA SER F 55 -30.54 35.07 -36.14
C SER F 55 -29.40 36.01 -35.75
N PRO F 56 -28.22 35.83 -36.36
CA PRO F 56 -27.08 36.70 -36.02
C PRO F 56 -27.27 38.16 -36.41
N ILE F 57 -28.24 38.49 -37.26
CA ILE F 57 -28.43 39.86 -37.71
C ILE F 57 -29.45 40.56 -36.82
N VAL F 58 -30.66 40.01 -36.75
CA VAL F 58 -31.72 40.65 -35.99
C VAL F 58 -31.42 40.57 -34.49
N SER F 59 -31.98 41.53 -33.75
CA SER F 59 -31.77 41.59 -32.31
C SER F 59 -32.84 40.78 -31.59
N GLY F 60 -32.46 40.24 -30.43
CA GLY F 60 -33.36 39.45 -29.61
C GLY F 60 -34.13 40.29 -28.60
N GLU F 61 -35.06 39.64 -27.92
CA GLU F 61 -35.84 40.31 -26.91
C GLU F 61 -35.11 40.36 -25.58
N VAL F 62 -35.40 41.39 -24.79
CA VAL F 62 -34.82 41.49 -23.46
C VAL F 62 -35.39 40.41 -22.56
N ILE F 63 -34.57 39.91 -21.64
CA ILE F 63 -34.96 38.86 -20.71
C ILE F 63 -35.23 39.49 -19.36
N ARG F 64 -36.40 39.22 -18.80
CA ARG F 64 -36.82 39.79 -17.53
C ARG F 64 -36.66 38.75 -16.42
N SER F 65 -37.16 39.09 -15.23
CA SER F 65 -37.12 38.21 -14.07
C SER F 65 -38.57 37.93 -13.64
N ARG F 66 -39.14 36.88 -14.21
CA ARG F 66 -40.52 36.48 -13.93
C ARG F 66 -40.53 35.14 -13.21
N GLY F 67 -41.75 34.66 -12.93
CA GLY F 67 -41.92 33.38 -12.26
C GLY F 67 -42.75 33.46 -11.00
N GLY F 68 -42.60 34.53 -10.23
CA GLY F 68 -43.32 34.71 -8.99
C GLY F 68 -44.49 35.65 -9.14
N SER F 69 -45.57 35.36 -8.40
CA SER F 69 -46.78 36.16 -8.45
C SER F 69 -47.06 36.87 -7.13
N THR F 70 -47.14 36.15 -6.02
CA THR F 70 -47.41 36.73 -4.71
C THR F 70 -46.08 36.88 -3.98
N SER F 71 -45.76 38.10 -3.58
CA SER F 71 -44.46 38.41 -3.01
C SER F 71 -44.61 39.32 -1.79
N GLU F 72 -45.63 39.08 -0.98
CA GLU F 72 -45.87 39.86 0.22
C GLU F 72 -45.76 38.96 1.44
N PHE F 73 -44.90 39.34 2.38
CA PHE F 73 -44.69 38.55 3.58
C PHE F 73 -44.33 39.49 4.73
N THR F 74 -44.58 39.02 5.95
CA THR F 74 -44.34 39.79 7.17
C THR F 74 -43.22 39.15 7.97
N PRO F 75 -42.05 39.78 8.10
CA PRO F 75 -40.98 39.18 8.89
C PRO F 75 -41.34 39.07 10.35
N GLY F 76 -40.84 38.01 10.99
CA GLY F 76 -41.07 37.77 12.41
C GLY F 76 -40.10 38.50 13.31
N TYR F 77 -40.32 39.79 13.52
CA TYR F 77 -39.42 40.60 14.34
C TYR F 77 -39.26 40.00 15.73
N VAL F 78 -38.02 39.89 16.19
CA VAL F 78 -37.69 39.31 17.49
C VAL F 78 -36.55 40.13 18.08
N LYS F 79 -36.79 40.70 19.26
CA LYS F 79 -35.77 41.50 19.95
C LYS F 79 -35.73 41.10 21.42
N PRO F 80 -34.98 40.07 21.76
CA PRO F 80 -34.76 39.76 23.18
C PRO F 80 -33.64 40.58 23.77
N LYS F 81 -33.75 40.79 25.09
CA LYS F 81 -32.82 41.63 25.83
C LYS F 81 -32.42 40.94 27.12
N HIS F 82 -31.24 41.31 27.61
CA HIS F 82 -30.72 40.80 28.88
C HIS F 82 -30.23 41.95 29.74
N GLU F 83 -30.40 41.80 31.05
CA GLU F 83 -29.84 42.73 32.02
C GLU F 83 -28.44 42.26 32.42
N VAL F 84 -27.59 43.22 32.78
CA VAL F 84 -26.16 42.96 32.90
C VAL F 84 -25.62 43.28 34.29
N ASN F 85 -26.42 43.06 35.32
CA ASN F 85 -25.95 43.33 36.68
C ASN F 85 -24.73 42.45 37.01
N PRO F 86 -23.69 43.01 37.62
CA PRO F 86 -22.48 42.21 37.93
C PRO F 86 -22.56 41.47 39.26
N GLN F 87 -23.49 40.51 39.34
CA GLN F 87 -23.59 39.66 40.52
C GLN F 87 -23.72 38.18 40.18
N MET F 88 -23.53 37.80 38.91
CA MET F 88 -23.70 36.42 38.51
C MET F 88 -22.44 35.61 38.78
N THR F 89 -22.58 34.28 38.74
CA THR F 89 -21.45 33.37 38.82
C THR F 89 -21.06 32.94 37.41
N LEU F 90 -19.75 32.90 37.16
CA LEU F 90 -19.24 32.72 35.82
C LEU F 90 -18.35 31.48 35.75
N ARG F 91 -18.29 30.89 34.56
CA ARG F 91 -17.38 29.79 34.30
C ARG F 91 -15.95 30.31 34.40
N ARG F 92 -15.23 29.88 35.43
CA ARG F 92 -13.87 30.36 35.66
C ARG F 92 -12.94 29.75 34.63
N LEU F 93 -12.33 30.60 33.81
CA LEU F 93 -11.39 30.12 32.82
C LEU F 93 -10.20 29.48 33.52
N PRO F 94 -9.71 28.33 33.05
CA PRO F 94 -8.66 27.64 33.79
C PRO F 94 -7.32 28.35 33.72
N ASP F 95 -6.97 29.03 34.81
CA ASP F 95 -5.70 29.75 34.96
C ASP F 95 -5.56 30.86 33.90
N GLU F 96 -6.53 31.77 33.92
CA GLU F 96 -6.40 33.04 33.20
C GLU F 96 -6.84 34.25 34.00
N ASP F 97 -7.52 34.08 35.13
CA ASP F 97 -8.03 35.20 35.94
C ASP F 97 -7.57 35.02 37.38
N PRO F 98 -6.32 35.36 37.69
CA PRO F 98 -5.87 35.29 39.09
C PRO F 98 -6.54 36.37 39.94
N GLN F 99 -6.48 37.61 39.46
CA GLN F 99 -7.09 38.73 40.17
C GLN F 99 -7.86 39.67 39.24
N ASN F 100 -7.91 39.38 37.94
CA ASN F 100 -8.62 40.26 37.02
C ASN F 100 -10.11 40.30 37.32
N LEU F 101 -10.64 39.24 37.95
CA LEU F 101 -12.05 39.23 38.31
C LEU F 101 -12.37 40.33 39.32
N ALA F 102 -11.38 40.75 40.11
CA ALA F 102 -11.63 41.79 41.11
C ALA F 102 -12.02 43.11 40.46
N ASP F 103 -11.58 43.35 39.24
CA ASP F 103 -11.93 44.59 38.55
C ASP F 103 -13.37 44.52 38.09
N PRO F 104 -14.24 45.43 38.52
CA PRO F 104 -15.62 45.41 38.03
C PRO F 104 -15.74 45.62 36.53
N ALA F 105 -14.85 46.42 35.93
CA ALA F 105 -14.96 46.70 34.50
C ALA F 105 -14.67 45.45 33.67
N TYR F 106 -13.62 44.72 34.02
CA TYR F 106 -13.28 43.50 33.29
C TYR F 106 -14.38 42.46 33.43
N ARG F 107 -14.92 42.30 34.65
CA ARG F 107 -15.99 41.34 34.86
C ARG F 107 -17.26 41.76 34.11
N ARG F 108 -17.54 43.06 34.06
CA ARG F 108 -18.69 43.54 33.30
C ARG F 108 -18.52 43.28 31.81
N ARG F 109 -17.33 43.49 31.28
CA ARG F 109 -17.10 43.17 29.87
C ARG F 109 -17.24 41.69 29.61
N ARG F 110 -16.76 40.85 30.55
CA ARG F 110 -16.96 39.40 30.41
C ARG F 110 -18.44 39.04 30.41
N ILE F 111 -19.23 39.67 31.29
CA ILE F 111 -20.65 39.35 31.35
C ILE F 111 -21.38 39.86 30.12
N ILE F 112 -20.92 40.96 29.53
CA ILE F 112 -21.48 41.42 28.26
C ILE F 112 -21.23 40.40 27.17
N MET F 113 -19.99 39.91 27.09
CA MET F 113 -19.66 38.90 26.09
C MET F 113 -20.48 37.63 26.30
N GLN F 114 -20.59 37.18 27.54
CA GLN F 114 -21.36 35.98 27.83
C GLN F 114 -22.83 36.20 27.56
N ASN F 115 -23.34 37.40 27.86
CA ASN F 115 -24.75 37.69 27.56
C ASN F 115 -25.00 37.63 26.06
N MET F 116 -24.09 38.17 25.25
CA MET F 116 -24.26 38.07 23.80
C MET F 116 -24.19 36.62 23.32
N ARG F 117 -23.27 35.84 23.90
CA ARG F 117 -23.15 34.44 23.53
C ARG F 117 -24.42 33.68 23.83
N ASP F 118 -25.01 33.92 25.02
CA ASP F 118 -26.28 33.28 25.35
C ASP F 118 -27.43 33.86 24.53
N GLU F 119 -27.26 35.11 24.06
CA GLU F 119 -28.33 35.78 23.34
C GLU F 119 -28.50 35.19 21.94
N GLU F 120 -27.39 34.94 21.25
CA GLU F 120 -27.46 34.44 19.88
C GLU F 120 -28.19 33.10 19.79
N LEU F 121 -28.16 32.31 20.86
CA LEU F 121 -28.88 31.04 20.87
C LEU F 121 -30.39 31.24 20.82
N ALA F 122 -30.90 32.29 21.47
CA ALA F 122 -32.33 32.58 21.44
C ALA F 122 -32.81 32.99 20.06
N ILE F 123 -31.91 33.34 19.16
CA ILE F 123 -32.25 33.61 17.76
C ILE F 123 -32.04 32.37 16.91
N ALA F 124 -30.95 31.63 17.15
CA ALA F 124 -30.72 30.40 16.41
C ALA F 124 -31.84 29.39 16.63
N GLN F 125 -32.33 29.26 17.87
CA GLN F 125 -33.39 28.30 18.14
C GLN F 125 -34.67 28.65 17.36
N VAL F 126 -35.06 29.93 17.38
CA VAL F 126 -36.29 30.31 16.69
C VAL F 126 -36.12 30.17 15.18
N GLU F 127 -34.92 30.45 14.66
CA GLU F 127 -34.68 30.29 13.24
C GLU F 127 -34.77 28.82 12.84
N GLU F 128 -34.21 27.93 13.66
CA GLU F 128 -34.29 26.50 13.34
C GLU F 128 -35.72 25.98 13.48
N MET F 129 -36.48 26.52 14.44
CA MET F 129 -37.89 26.15 14.55
C MET F 129 -38.66 26.60 13.31
N GLN F 130 -38.34 27.79 12.79
CA GLN F 130 -38.92 28.24 11.55
C GLN F 130 -38.58 27.28 10.41
N ALA F 131 -37.33 26.83 10.37
CA ALA F 131 -36.90 25.92 9.30
C ALA F 131 -37.64 24.58 9.40
N VAL F 132 -37.83 24.07 10.61
CA VAL F 132 -38.56 22.81 10.79
C VAL F 132 -40.02 22.99 10.37
N SER F 133 -40.63 24.10 10.76
CA SER F 133 -41.98 24.38 10.31
C SER F 133 -42.06 24.48 8.80
N ALA F 134 -41.03 25.03 8.16
CA ALA F 134 -41.01 25.11 6.70
C ALA F 134 -40.91 23.71 6.09
N VAL F 135 -39.79 23.03 6.31
CA VAL F 135 -39.70 21.65 5.83
C VAL F 135 -40.12 20.68 6.94
N LEU F 136 -41.40 20.73 7.31
CA LEU F 136 -42.10 19.53 7.78
C LEU F 136 -43.53 19.54 7.25
N LYS F 137 -44.06 20.74 6.98
CA LYS F 137 -45.42 20.87 6.48
C LYS F 137 -45.59 21.90 5.38
N GLY F 138 -44.63 22.80 5.15
CA GLY F 138 -44.80 23.83 4.15
C GLY F 138 -45.66 24.99 4.57
N LYS F 139 -46.14 25.01 5.82
CA LYS F 139 -46.93 26.10 6.35
C LYS F 139 -46.37 26.49 7.71
N TYR F 140 -46.36 27.78 8.00
CA TYR F 140 -45.80 28.30 9.24
C TYR F 140 -46.71 29.38 9.81
N THR F 141 -46.76 29.46 11.13
CA THR F 141 -47.56 30.43 11.85
C THR F 141 -46.67 31.20 12.81
N MET F 142 -46.86 32.52 12.86
CA MET F 142 -46.13 33.38 13.77
C MET F 142 -47.15 33.95 14.76
N THR F 143 -47.12 33.44 15.99
CA THR F 143 -48.09 33.84 17.00
C THR F 143 -47.42 33.84 18.36
N GLY F 144 -47.43 34.99 19.03
CA GLY F 144 -46.85 35.10 20.35
C GLY F 144 -47.40 36.31 21.06
N GLU F 145 -47.10 36.40 22.35
CA GLU F 145 -47.57 37.53 23.14
C GLU F 145 -46.96 38.82 22.61
N ALA F 146 -47.78 39.87 22.54
CA ALA F 146 -47.40 41.17 22.00
C ALA F 146 -46.96 41.08 20.55
N PHE F 147 -47.41 40.03 19.85
CA PHE F 147 -47.15 39.87 18.43
C PHE F 147 -48.42 39.42 17.74
N ASP F 148 -48.79 40.11 16.67
CA ASP F 148 -50.00 39.74 15.94
C ASP F 148 -49.80 38.43 15.19
N PRO F 149 -50.78 37.53 15.21
CA PRO F 149 -50.62 36.25 14.50
C PRO F 149 -50.66 36.45 12.99
N VAL F 150 -49.70 35.84 12.30
CA VAL F 150 -49.64 35.91 10.85
C VAL F 150 -49.35 34.52 10.29
N GLU F 151 -49.94 34.22 9.14
CA GLU F 151 -49.79 32.93 8.47
C GLU F 151 -48.92 33.10 7.23
N VAL F 152 -47.96 32.18 7.06
CA VAL F 152 -47.14 32.14 5.86
C VAL F 152 -47.23 30.73 5.28
N ASP F 153 -47.39 30.63 3.97
CA ASP F 153 -47.50 29.36 3.28
C ASP F 153 -46.41 29.26 2.23
N MET F 154 -45.61 28.21 2.30
CA MET F 154 -44.51 28.03 1.35
C MET F 154 -45.05 27.80 -0.05
N GLY F 155 -46.13 27.02 -0.17
CA GLY F 155 -46.66 26.64 -1.47
C GLY F 155 -46.64 25.14 -1.64
N ARG F 156 -46.53 24.42 -0.53
CA ARG F 156 -46.38 22.96 -0.57
C ARG F 156 -47.67 22.30 -1.04
N SER F 157 -47.53 21.37 -1.98
CA SER F 157 -48.66 20.60 -2.46
C SER F 157 -49.06 19.54 -1.42
N GLU F 158 -50.32 19.11 -1.50
CA GLU F 158 -50.83 18.14 -0.54
C GLU F 158 -50.21 16.76 -0.74
N GLU F 159 -49.69 16.49 -1.93
CA GLU F 159 -49.17 15.16 -2.25
C GLU F 159 -47.84 14.88 -1.55
N ASN F 160 -47.26 15.90 -0.92
CA ASN F 160 -45.99 15.75 -0.22
C ASN F 160 -46.16 15.65 1.29
N ASN F 161 -47.40 15.56 1.78
CA ASN F 161 -47.63 15.40 3.20
C ASN F 161 -48.29 14.05 3.46
N ILE F 162 -47.80 13.03 2.77
CA ILE F 162 -48.39 11.70 2.83
C ILE F 162 -48.07 11.07 4.18
N THR F 163 -49.05 10.37 4.75
CA THR F 163 -48.93 9.74 6.05
C THR F 163 -48.86 8.23 5.89
N GLN F 164 -48.01 7.59 6.70
CA GLN F 164 -47.86 6.14 6.62
C GLN F 164 -49.09 5.40 7.11
N SER F 165 -49.98 6.10 7.84
CA SER F 165 -51.15 5.44 8.39
C SER F 165 -52.07 4.90 7.30
N GLY F 166 -52.22 5.66 6.21
CA GLY F 166 -53.05 5.23 5.10
C GLY F 166 -52.51 3.98 4.42
N GLY F 167 -53.25 2.88 4.54
CA GLY F 167 -52.84 1.64 3.94
C GLY F 167 -52.22 0.68 4.93
N THR F 168 -50.98 0.25 4.68
CA THR F 168 -50.25 -0.67 5.55
C THR F 168 -49.02 0.07 6.08
N GLU F 169 -49.09 0.50 7.35
CA GLU F 169 -47.98 1.20 7.96
C GLU F 169 -46.84 0.22 8.26
N TRP F 170 -45.66 0.79 8.51
CA TRP F 170 -44.47 -0.02 8.77
C TRP F 170 -44.57 -0.76 10.10
N SER F 171 -45.37 -0.26 11.04
CA SER F 171 -45.51 -0.95 12.33
C SER F 171 -46.14 -2.33 12.14
N LYS F 172 -47.17 -2.42 11.30
CA LYS F 172 -47.81 -3.71 11.01
C LYS F 172 -47.14 -4.31 9.79
N ARG F 173 -45.90 -4.78 9.99
CA ARG F 173 -45.13 -5.36 8.91
C ARG F 173 -44.06 -6.26 9.51
N ASP F 174 -43.51 -7.13 8.66
CA ASP F 174 -42.40 -7.97 9.08
C ASP F 174 -41.15 -7.15 9.31
N LYS F 175 -40.42 -7.47 10.37
CA LYS F 175 -39.16 -6.82 10.70
C LYS F 175 -37.96 -7.67 10.34
N SER F 176 -38.16 -8.73 9.55
CA SER F 176 -37.09 -9.66 9.21
C SER F 176 -36.87 -9.83 7.72
N THR F 177 -37.94 -9.86 6.93
CA THR F 177 -37.81 -10.17 5.51
C THR F 177 -38.18 -9.02 4.58
N TYR F 178 -39.11 -8.17 4.98
CA TYR F 178 -39.57 -7.11 4.09
C TYR F 178 -38.47 -6.09 3.84
N ASP F 179 -38.46 -5.56 2.61
CA ASP F 179 -37.49 -4.54 2.23
C ASP F 179 -38.19 -3.20 2.11
N PRO F 180 -37.89 -2.21 2.95
CA PRO F 180 -38.57 -0.91 2.85
C PRO F 180 -38.09 -0.04 1.71
N THR F 181 -37.08 -0.49 0.95
CA THR F 181 -36.56 0.32 -0.15
C THR F 181 -37.65 0.59 -1.19
N ASP F 182 -38.49 -0.41 -1.46
CA ASP F 182 -39.61 -0.20 -2.38
C ASP F 182 -40.55 0.87 -1.86
N ASP F 183 -40.86 0.84 -0.56
CA ASP F 183 -41.71 1.88 0.02
C ASP F 183 -41.04 3.24 -0.04
N ILE F 184 -39.73 3.30 0.23
CA ILE F 184 -39.01 4.57 0.23
C ILE F 184 -39.04 5.19 -1.16
N GLU F 185 -38.71 4.40 -2.18
CA GLU F 185 -38.73 4.94 -3.53
C GLU F 185 -40.13 5.24 -4.02
N ALA F 186 -41.13 4.46 -3.58
CA ALA F 186 -42.50 4.73 -3.98
C ALA F 186 -42.95 6.10 -3.48
N TYR F 187 -42.37 6.57 -2.37
CA TYR F 187 -42.63 7.90 -1.87
C TYR F 187 -41.70 8.95 -2.45
N ALA F 188 -40.74 8.54 -3.28
CA ALA F 188 -39.68 9.43 -3.74
C ALA F 188 -39.90 9.99 -5.14
N LEU F 189 -40.78 9.40 -5.95
CA LEU F 189 -41.02 9.94 -7.29
C LEU F 189 -41.59 11.35 -7.22
N ASN F 190 -42.55 11.58 -6.31
CA ASN F 190 -43.19 12.88 -6.18
C ASN F 190 -42.34 13.82 -5.31
N ALA F 191 -41.10 14.03 -5.77
CA ALA F 191 -40.17 14.91 -5.07
C ALA F 191 -39.55 16.00 -5.94
N SER F 192 -39.63 15.88 -7.27
CA SER F 192 -39.10 16.89 -8.20
C SER F 192 -37.62 17.13 -7.95
N GLY F 193 -36.84 16.06 -8.13
CA GLY F 193 -35.42 16.12 -7.90
C GLY F 193 -34.91 14.90 -7.15
N VAL F 194 -33.70 14.47 -7.48
CA VAL F 194 -33.14 13.29 -6.83
C VAL F 194 -32.96 13.56 -5.34
N VAL F 195 -33.33 12.58 -4.52
CA VAL F 195 -33.25 12.72 -3.07
C VAL F 195 -32.02 11.97 -2.55
N ASN F 196 -31.36 12.57 -1.56
CA ASN F 196 -30.23 11.89 -0.92
C ASN F 196 -30.17 12.12 0.58
N ILE F 197 -31.16 12.77 1.18
CA ILE F 197 -31.16 13.06 2.61
C ILE F 197 -32.48 12.57 3.22
N ILE F 198 -32.39 11.75 4.25
CA ILE F 198 -33.54 11.03 4.78
C ILE F 198 -33.65 11.29 6.28
N VAL F 199 -33.32 12.51 6.71
CA VAL F 199 -33.30 12.88 8.12
C VAL F 199 -34.48 12.30 8.88
N PHE F 200 -34.19 11.61 9.98
CA PHE F 200 -35.18 10.91 10.81
C PHE F 200 -35.32 11.55 12.18
N ASP F 201 -36.16 10.93 12.98
CA ASP F 201 -36.37 11.17 14.40
C ASP F 201 -36.08 9.85 15.12
N PRO F 202 -35.15 9.85 16.10
CA PRO F 202 -34.66 8.58 16.66
C PRO F 202 -35.75 7.56 17.00
N LYS F 203 -36.87 7.99 17.57
CA LYS F 203 -37.95 7.05 17.79
C LYS F 203 -38.54 6.56 16.47
N GLY F 204 -38.68 7.44 15.49
CA GLY F 204 -39.13 7.01 14.18
C GLY F 204 -38.11 6.13 13.47
N TRP F 205 -36.83 6.45 13.65
CA TRP F 205 -35.75 5.67 13.04
C TRP F 205 -35.55 4.31 13.71
N ALA F 206 -36.02 4.14 14.95
CA ALA F 206 -35.82 2.87 15.64
C ALA F 206 -36.48 1.72 14.89
N LEU F 207 -37.70 1.93 14.42
CA LEU F 207 -38.41 0.86 13.70
C LEU F 207 -37.81 0.58 12.33
N PHE F 208 -37.30 1.62 11.65
CA PHE F 208 -36.67 1.40 10.35
C PHE F 208 -35.39 0.60 10.49
N ARG F 209 -34.64 0.81 11.57
CA ARG F 209 -33.44 0.02 11.81
C ARG F 209 -33.75 -1.45 12.02
N SER F 210 -34.98 -1.75 12.46
CA SER F 210 -35.33 -3.13 12.83
C SER F 210 -35.31 -4.05 11.61
N PHE F 211 -35.71 -3.55 10.44
CA PHE F 211 -35.77 -4.39 9.25
C PHE F 211 -34.39 -4.94 8.92
N LYS F 212 -34.34 -6.25 8.66
CA LYS F 212 -33.05 -6.89 8.41
C LYS F 212 -32.49 -6.48 7.05
N ALA F 213 -33.36 -6.21 6.08
CA ALA F 213 -32.88 -5.75 4.78
C ALA F 213 -32.11 -4.44 4.91
N VAL F 214 -32.52 -3.58 5.84
CA VAL F 214 -31.79 -2.34 6.08
C VAL F 214 -30.37 -2.63 6.52
N LYS F 215 -30.21 -3.34 7.64
CA LYS F 215 -28.88 -3.63 8.16
C LYS F 215 -28.04 -4.46 7.21
N GLU F 216 -28.68 -5.21 6.29
CA GLU F 216 -27.93 -5.84 5.22
C GLU F 216 -27.47 -4.82 4.19
N LYS F 217 -28.26 -3.77 3.96
CA LYS F 217 -27.92 -2.75 2.98
C LYS F 217 -27.33 -1.49 3.60
N LEU F 218 -27.54 -1.26 4.90
CA LEU F 218 -27.08 -0.03 5.53
C LEU F 218 -25.57 -0.01 5.66
N ASP F 219 -24.89 0.61 4.70
CA ASP F 219 -23.44 0.71 4.69
C ASP F 219 -23.03 1.77 5.71
N THR F 220 -22.96 1.36 6.96
CA THR F 220 -22.58 2.24 8.06
C THR F 220 -21.11 2.60 8.07
N ARG F 221 -20.37 2.22 7.02
CA ARG F 221 -18.95 2.53 6.93
C ARG F 221 -18.73 4.04 7.04
N ARG F 222 -18.07 4.47 8.11
CA ARG F 222 -17.83 5.89 8.32
C ARG F 222 -16.79 6.40 7.34
N GLY F 223 -16.76 7.73 7.18
CA GLY F 223 -15.88 8.34 6.20
C GLY F 223 -16.26 7.99 4.78
N SER F 224 -17.55 7.92 4.49
CA SER F 224 -18.01 7.59 3.14
C SER F 224 -17.74 8.73 2.18
N ASN F 225 -18.10 8.50 0.91
CA ASN F 225 -17.88 9.52 -0.11
C ASN F 225 -18.67 10.79 0.18
N SER F 226 -19.78 10.66 0.91
CA SER F 226 -20.54 11.83 1.31
C SER F 226 -19.71 12.73 2.20
N GLU F 227 -19.72 14.03 1.90
CA GLU F 227 -18.95 15.01 2.65
C GLU F 227 -19.80 15.83 3.59
N LEU F 228 -21.07 15.43 3.80
CA LEU F 228 -21.93 16.17 4.71
C LEU F 228 -21.50 16.03 6.16
N GLU F 229 -20.86 14.90 6.50
CA GLU F 229 -20.46 14.67 7.90
C GLU F 229 -19.47 15.73 8.36
N THR F 230 -18.73 16.34 7.44
CA THR F 230 -17.83 17.43 7.81
C THR F 230 -18.60 18.59 8.43
N ALA F 231 -19.80 18.86 7.93
CA ALA F 231 -20.66 19.88 8.52
C ALA F 231 -21.49 19.34 9.67
N VAL F 232 -21.38 18.06 9.99
CA VAL F 232 -22.19 17.43 11.02
C VAL F 232 -21.46 17.34 12.34
N LYS F 233 -20.16 16.98 12.33
CA LYS F 233 -19.47 16.71 13.58
C LYS F 233 -19.39 17.95 14.45
N ASP F 234 -19.48 19.13 13.84
CA ASP F 234 -19.45 20.37 14.62
C ASP F 234 -20.64 20.43 15.58
N LEU F 235 -21.82 20.08 15.09
CA LEU F 235 -23.00 19.93 15.94
C LEU F 235 -23.22 18.46 16.28
N GLY F 236 -22.26 17.89 17.00
CA GLY F 236 -22.36 16.51 17.43
C GLY F 236 -23.17 16.30 18.69
N LYS F 237 -23.73 17.37 19.26
CA LYS F 237 -24.46 17.24 20.51
C LYS F 237 -25.77 16.48 20.31
N ALA F 238 -26.49 16.76 19.22
CA ALA F 238 -27.79 16.16 18.98
C ALA F 238 -27.94 15.58 17.59
N VAL F 239 -26.87 15.51 16.81
CA VAL F 239 -26.92 14.99 15.44
C VAL F 239 -25.88 13.89 15.28
N SER F 240 -26.31 12.73 14.81
CA SER F 240 -25.43 11.64 14.46
C SER F 240 -25.28 11.57 12.94
N TYR F 241 -24.62 10.52 12.45
CA TYR F 241 -24.52 10.29 11.00
C TYR F 241 -24.56 8.78 10.79
N LYS F 242 -25.75 8.26 10.52
CA LYS F 242 -25.92 6.81 10.38
C LYS F 242 -25.15 6.28 9.17
N GLY F 243 -25.19 6.98 8.04
CA GLY F 243 -24.33 6.58 6.94
C GLY F 243 -24.96 6.56 5.57
N MET F 244 -24.54 5.63 4.72
CA MET F 244 -25.04 5.51 3.37
C MET F 244 -26.09 4.41 3.28
N TYR F 245 -26.97 4.54 2.29
CA TYR F 245 -28.03 3.58 2.01
C TYR F 245 -28.08 3.31 0.51
N GLY F 246 -26.93 3.02 -0.08
CA GLY F 246 -26.83 2.91 -1.51
C GLY F 246 -26.29 4.20 -2.12
N ASP F 247 -27.17 5.03 -2.65
CA ASP F 247 -26.81 6.36 -3.12
C ASP F 247 -27.20 7.44 -2.11
N VAL F 248 -28.27 7.22 -1.38
CA VAL F 248 -28.83 8.22 -0.48
C VAL F 248 -28.08 8.17 0.85
N ALA F 249 -28.21 9.23 1.64
CA ALA F 249 -27.52 9.36 2.92
C ALA F 249 -28.54 9.44 4.05
N ILE F 250 -28.41 8.54 5.02
CA ILE F 250 -29.30 8.50 6.17
C ILE F 250 -28.62 9.17 7.37
N VAL F 251 -29.33 10.12 7.98
CA VAL F 251 -28.86 10.88 9.12
C VAL F 251 -30.00 10.96 10.13
N VAL F 252 -29.66 10.85 11.41
CA VAL F 252 -30.64 10.94 12.49
C VAL F 252 -30.45 12.27 13.21
N TYR F 253 -31.55 13.01 13.34
CA TYR F 253 -31.55 14.31 14.01
C TYR F 253 -32.48 14.24 15.22
N SER F 254 -31.98 14.71 16.37
CA SER F 254 -32.76 14.71 17.59
C SER F 254 -32.62 16.02 18.35
N GLY F 255 -32.42 17.12 17.63
CA GLY F 255 -32.31 18.42 18.29
C GLY F 255 -33.58 18.76 19.04
N GLN F 256 -33.40 19.41 20.18
CA GLN F 256 -34.49 19.70 21.11
C GLN F 256 -34.41 21.18 21.51
N TYR F 257 -35.52 21.90 21.34
CA TYR F 257 -35.54 23.31 21.65
C TYR F 257 -36.18 23.53 23.01
N VAL F 258 -35.65 24.49 23.76
CA VAL F 258 -36.05 24.70 25.14
C VAL F 258 -37.18 25.72 25.16
N GLU F 259 -38.31 25.32 25.72
CA GLU F 259 -39.43 26.22 25.98
C GLU F 259 -39.12 26.97 27.28
N ASN F 260 -40.10 27.66 27.86
CA ASN F 260 -39.88 28.47 29.05
C ASN F 260 -39.01 27.76 30.09
N GLY F 261 -39.35 26.52 30.42
CA GLY F 261 -38.52 25.73 31.32
C GLY F 261 -38.30 24.30 30.86
N VAL F 262 -39.06 23.89 29.85
CA VAL F 262 -39.06 22.51 29.42
C VAL F 262 -38.43 22.41 28.03
N LYS F 263 -37.96 21.21 27.70
CA LYS F 263 -37.37 20.93 26.40
C LYS F 263 -38.35 20.11 25.57
N LYS F 264 -38.52 20.49 24.30
CA LYS F 264 -39.46 19.84 23.40
C LYS F 264 -38.75 19.50 22.10
N ASN F 265 -39.06 18.32 21.57
CA ASN F 265 -38.44 17.87 20.33
C ASN F 265 -38.87 18.74 19.16
N PHE F 266 -37.94 18.97 18.23
CA PHE F 266 -38.25 19.75 17.05
C PHE F 266 -39.26 19.04 16.17
N LEU F 267 -39.11 17.73 15.99
CA LEU F 267 -39.99 16.98 15.12
C LEU F 267 -40.90 16.06 15.92
N PRO F 268 -42.14 15.87 15.50
CA PRO F 268 -42.98 14.82 16.10
C PRO F 268 -42.34 13.46 15.90
N ASP F 269 -42.77 12.50 16.73
CA ASP F 269 -42.01 11.27 16.92
C ASP F 269 -41.83 10.51 15.62
N ASN F 270 -42.93 10.21 14.93
CA ASN F 270 -42.88 9.36 13.73
C ASN F 270 -42.90 10.20 12.46
N THR F 271 -41.85 10.98 12.26
CA THR F 271 -41.74 11.83 11.08
C THR F 271 -40.42 11.58 10.37
N MET F 272 -40.44 11.79 9.06
CA MET F 272 -39.28 11.53 8.21
C MET F 272 -39.36 12.43 6.99
N VAL F 273 -38.21 12.80 6.43
CA VAL F 273 -38.18 13.73 5.32
C VAL F 273 -37.31 13.17 4.20
N LEU F 274 -37.63 13.59 2.98
CA LEU F 274 -36.86 13.32 1.77
C LEU F 274 -36.50 14.66 1.16
N GLY F 275 -35.20 14.96 1.06
CA GLY F 275 -34.75 16.18 0.45
C GLY F 275 -33.38 15.98 -0.17
N ASN F 276 -32.95 16.99 -0.92
CA ASN F 276 -31.64 17.00 -1.53
C ASN F 276 -30.71 17.91 -0.76
N THR F 277 -29.46 17.46 -0.57
CA THR F 277 -28.50 18.22 0.21
C THR F 277 -28.12 19.54 -0.45
N GLN F 278 -28.44 19.73 -1.73
CA GLN F 278 -28.13 20.97 -2.43
C GLN F 278 -29.37 21.80 -2.71
N ALA F 279 -30.43 21.60 -1.94
CA ALA F 279 -31.66 22.35 -2.15
C ALA F 279 -31.43 23.83 -1.85
N ARG F 280 -32.15 24.69 -2.55
CA ARG F 280 -32.02 26.12 -2.40
C ARG F 280 -33.02 26.61 -1.34
N GLY F 281 -32.49 27.08 -0.21
CA GLY F 281 -33.31 27.64 0.84
C GLY F 281 -32.96 29.08 1.12
N LEU F 282 -33.97 29.92 1.27
CA LEU F 282 -33.78 31.36 1.42
C LEU F 282 -33.68 31.73 2.89
N ARG F 283 -32.73 32.60 3.23
CA ARG F 283 -32.53 33.06 4.60
C ARG F 283 -32.84 34.54 4.69
N THR F 284 -33.95 34.96 4.07
CA THR F 284 -34.29 36.37 4.00
C THR F 284 -34.49 36.95 5.39
N TYR F 285 -34.03 38.19 5.56
CA TYR F 285 -34.15 38.93 6.81
C TYR F 285 -34.90 40.23 6.56
N GLY F 286 -35.72 40.63 7.52
CA GLY F 286 -36.43 41.90 7.40
C GLY F 286 -35.53 43.08 7.69
N CYS F 287 -36.11 44.17 8.16
CA CYS F 287 -35.35 45.36 8.53
C CYS F 287 -35.47 45.61 10.03
N ILE F 288 -34.36 46.04 10.64
CA ILE F 288 -34.34 46.36 12.06
C ILE F 288 -34.99 47.73 12.22
N GLN F 289 -36.24 47.74 12.68
CA GLN F 289 -36.99 48.98 12.83
C GLN F 289 -36.62 49.68 14.14
N ASP F 290 -35.36 50.11 14.19
CA ASP F 290 -34.82 50.81 15.35
C ASP F 290 -34.24 52.14 14.91
N ALA F 291 -34.47 53.17 15.73
CA ALA F 291 -33.99 54.51 15.38
C ALA F 291 -32.47 54.56 15.35
N ASP F 292 -31.81 53.92 16.32
CA ASP F 292 -30.36 53.97 16.40
C ASP F 292 -29.72 53.31 15.19
N ALA F 293 -30.25 52.16 14.77
CA ALA F 293 -29.72 51.49 13.59
C ALA F 293 -29.93 52.33 12.34
N GLN F 294 -31.10 52.95 12.21
CA GLN F 294 -31.38 53.79 11.04
C GLN F 294 -30.53 55.05 11.03
N ARG F 295 -30.10 55.55 12.19
CA ARG F 295 -29.26 56.74 12.22
C ARG F 295 -27.88 56.44 11.65
N GLU F 296 -27.38 55.22 11.81
CA GLU F 296 -26.08 54.84 11.29
C GLU F 296 -26.17 54.03 10.00
N GLY F 297 -27.34 54.01 9.36
CA GLY F 297 -27.50 53.31 8.11
C GLY F 297 -27.33 51.80 8.22
N ILE F 298 -27.96 51.20 9.22
CA ILE F 298 -27.90 49.76 9.42
C ILE F 298 -29.30 49.20 9.24
N ASN F 299 -30.08 49.82 8.36
CA ASN F 299 -31.45 49.38 8.13
C ASN F 299 -31.53 47.99 7.53
N ALA F 300 -30.48 47.53 6.86
CA ALA F 300 -30.44 46.21 6.23
C ALA F 300 -29.32 45.40 6.84
N SER F 301 -29.67 44.48 7.73
CA SER F 301 -28.67 43.64 8.39
C SER F 301 -29.36 42.43 8.98
N ALA F 302 -28.54 41.49 9.46
CA ALA F 302 -29.08 40.27 10.07
C ALA F 302 -29.35 40.47 11.55
N ARG F 303 -28.33 40.87 12.30
CA ARG F 303 -28.44 41.11 13.73
C ARG F 303 -27.98 42.53 14.04
N TYR F 304 -28.46 43.05 15.17
CA TYR F 304 -28.15 44.42 15.58
C TYR F 304 -28.19 44.50 17.09
N PRO F 305 -27.05 44.29 17.76
CA PRO F 305 -27.01 44.43 19.22
C PRO F 305 -27.10 45.90 19.62
N LYS F 306 -27.52 46.11 20.85
CA LYS F 306 -27.71 47.47 21.36
C LYS F 306 -27.62 47.46 22.87
N ASN F 307 -26.61 48.13 23.43
CA ASN F 307 -26.43 48.24 24.86
C ASN F 307 -26.84 49.65 25.31
N TRP F 308 -27.68 49.73 26.33
CA TRP F 308 -28.24 51.03 26.71
C TRP F 308 -28.74 50.97 28.15
N VAL F 309 -28.60 52.07 28.86
CA VAL F 309 -28.89 52.14 30.29
C VAL F 309 -30.22 52.85 30.50
N THR F 310 -31.08 52.24 31.31
CA THR F 310 -32.40 52.77 31.58
C THR F 310 -32.33 53.73 32.77
N THR F 311 -33.25 54.69 32.80
CA THR F 311 -33.31 55.69 33.85
C THR F 311 -34.64 55.64 34.58
N GLY F 312 -34.56 55.73 35.90
CA GLY F 312 -35.69 55.94 36.79
C GLY F 312 -36.50 54.74 37.25
N ASP F 313 -37.43 54.23 36.43
CA ASP F 313 -38.30 53.20 36.99
C ASP F 313 -37.61 51.83 36.99
N PRO F 314 -37.22 51.26 35.82
CA PRO F 314 -36.41 50.04 35.87
C PRO F 314 -34.92 50.37 35.78
N ALA F 315 -34.34 50.90 36.86
CA ALA F 315 -33.00 51.45 36.78
C ALA F 315 -31.95 50.36 36.63
N ARG F 316 -31.67 49.98 35.39
CA ARG F 316 -30.66 48.97 35.09
C ARG F 316 -30.18 49.19 33.66
N GLU F 317 -29.18 48.41 33.27
CA GLU F 317 -28.65 48.45 31.92
C GLU F 317 -29.06 47.19 31.16
N PHE F 318 -29.47 47.38 29.90
CA PHE F 318 -30.01 46.30 29.09
C PHE F 318 -29.23 46.17 27.80
N THR F 319 -29.28 44.98 27.22
CA THR F 319 -28.69 44.71 25.91
C THR F 319 -29.71 43.96 25.07
N MET F 320 -30.15 44.58 23.98
CA MET F 320 -31.07 43.99 23.02
C MET F 320 -30.30 43.39 21.85
N ILE F 321 -30.91 42.39 21.21
CA ILE F 321 -30.49 41.96 19.88
C ILE F 321 -31.75 41.81 19.03
N GLN F 322 -31.80 42.54 17.92
CA GLN F 322 -33.01 42.60 17.09
C GLN F 322 -32.74 41.93 15.76
N SER F 323 -33.65 41.07 15.33
CA SER F 323 -33.55 40.40 14.04
C SER F 323 -34.93 40.03 13.54
N ALA F 324 -35.08 39.97 12.22
CA ALA F 324 -36.36 39.67 11.58
C ALA F 324 -36.18 38.48 10.64
N PRO F 325 -36.18 37.27 11.18
CA PRO F 325 -36.00 36.08 10.34
C PRO F 325 -37.29 35.65 9.67
N LEU F 326 -37.17 35.34 8.38
CA LEU F 326 -38.31 34.95 7.54
C LEU F 326 -37.94 33.73 6.70
N MET F 327 -37.46 32.68 7.37
CA MET F 327 -37.03 31.45 6.71
C MET F 327 -38.00 31.04 5.61
N LEU F 328 -37.50 31.03 4.38
CA LEU F 328 -38.31 30.82 3.18
C LEU F 328 -37.71 29.68 2.37
N LEU F 329 -38.53 29.12 1.48
CA LEU F 329 -38.12 28.05 0.58
C LEU F 329 -38.37 28.46 -0.86
N ALA F 330 -37.36 28.26 -1.70
CA ALA F 330 -37.53 28.52 -3.13
C ALA F 330 -38.54 27.55 -3.74
N ASP F 331 -38.26 26.24 -3.64
CA ASP F 331 -39.18 25.22 -4.13
C ASP F 331 -39.73 24.46 -2.93
N PRO F 332 -40.97 24.71 -2.52
CA PRO F 332 -41.51 24.00 -1.34
C PRO F 332 -41.85 22.55 -1.61
N ASP F 333 -41.94 22.14 -2.87
CA ASP F 333 -42.33 20.77 -3.21
C ASP F 333 -41.15 19.82 -3.36
N GLU F 334 -39.91 20.33 -3.24
CA GLU F 334 -38.75 19.46 -3.40
C GLU F 334 -38.66 18.44 -2.28
N PHE F 335 -39.05 18.81 -1.07
CA PHE F 335 -39.01 17.89 0.07
C PHE F 335 -40.33 17.15 0.19
N VAL F 336 -40.27 15.97 0.80
CA VAL F 336 -41.45 15.16 1.08
C VAL F 336 -41.41 14.77 2.55
N SER F 337 -42.46 15.10 3.28
CA SER F 337 -42.53 14.86 4.72
C SER F 337 -43.54 13.74 4.98
N VAL F 338 -43.05 12.57 5.34
CA VAL F 338 -43.90 11.43 5.62
C VAL F 338 -44.06 11.25 7.13
N GLN F 339 -45.31 11.11 7.56
CA GLN F 339 -45.64 10.82 8.96
C GLN F 339 -45.65 9.31 9.12
N LEU F 340 -44.58 8.76 9.68
CA LEU F 340 -44.45 7.32 9.84
C LEU F 340 -45.49 6.79 10.82
N ALA F 341 -45.65 5.47 10.81
CA ALA F 341 -46.60 4.81 11.70
C ALA F 341 -46.24 3.34 11.87
N ALA G 7 58.87 -9.37 -28.74
CA ALA G 7 57.51 -9.87 -28.92
C ALA G 7 56.96 -9.46 -30.27
N GLN G 8 56.81 -10.44 -31.17
CA GLN G 8 56.29 -10.15 -32.50
C GLN G 8 54.85 -9.65 -32.41
N LEU G 9 54.56 -8.60 -33.16
CA LEU G 9 53.23 -8.00 -33.18
C LEU G 9 52.33 -8.80 -34.12
N LEU G 10 51.11 -8.30 -34.35
CA LEU G 10 50.18 -8.98 -35.25
C LEU G 10 50.58 -8.87 -36.72
N ALA G 11 51.57 -8.05 -37.04
CA ALA G 11 52.05 -7.97 -38.42
C ALA G 11 52.72 -9.25 -38.89
N ALA G 12 53.02 -10.17 -37.97
CA ALA G 12 53.62 -11.46 -38.32
C ALA G 12 52.54 -12.36 -38.93
N ASN G 13 52.12 -12.00 -40.14
CA ASN G 13 51.15 -12.79 -40.91
C ASN G 13 51.74 -13.01 -42.29
N GLU G 14 52.56 -14.04 -42.43
CA GLU G 14 53.23 -14.34 -43.68
C GLU G 14 53.15 -15.84 -43.98
N GLN G 15 51.95 -16.41 -43.85
CA GLN G 15 51.74 -17.81 -44.19
C GLN G 15 51.71 -18.03 -45.70
N LYS G 16 51.03 -17.15 -46.44
CA LYS G 16 50.99 -17.11 -47.90
C LYS G 16 50.85 -18.49 -48.56
N PHE G 17 50.15 -19.41 -47.89
CA PHE G 17 50.01 -20.77 -48.39
C PHE G 17 48.53 -21.09 -48.59
N LYS G 18 48.17 -21.46 -49.81
CA LYS G 18 46.79 -21.82 -50.15
C LYS G 18 46.74 -23.33 -50.36
N PHE G 19 46.20 -24.03 -49.37
CA PHE G 19 46.25 -25.49 -49.32
C PHE G 19 44.89 -26.06 -48.96
N ASP G 20 43.84 -25.60 -49.63
CA ASP G 20 42.51 -26.15 -49.38
C ASP G 20 42.38 -27.54 -50.00
N PRO G 21 42.08 -28.57 -49.21
CA PRO G 21 42.10 -29.97 -49.69
C PRO G 21 40.75 -30.50 -50.19
N LEU G 22 40.40 -30.05 -51.40
CA LEU G 22 39.48 -30.75 -52.30
C LEU G 22 38.01 -30.71 -51.88
N PHE G 23 37.73 -30.26 -50.65
CA PHE G 23 36.35 -29.95 -50.26
C PHE G 23 36.15 -28.49 -49.93
N LEU G 24 37.15 -27.84 -49.33
CA LEU G 24 37.14 -26.38 -49.25
C LEU G 24 37.36 -25.75 -50.62
N ARG G 25 37.71 -26.55 -51.63
CA ARG G 25 37.99 -26.06 -52.96
C ARG G 25 36.89 -26.39 -53.96
N LEU G 26 36.04 -27.37 -53.69
CA LEU G 26 35.02 -27.79 -54.63
C LEU G 26 33.60 -27.41 -54.22
N PHE G 27 33.29 -27.32 -52.93
CA PHE G 27 31.91 -27.08 -52.53
C PHE G 27 31.79 -25.87 -51.60
N PHE G 28 32.81 -25.63 -50.77
CA PHE G 28 32.76 -24.60 -49.74
C PHE G 28 33.58 -23.38 -50.12
N ARG G 29 33.52 -22.96 -51.39
CA ARG G 29 34.41 -21.92 -51.88
C ARG G 29 34.17 -20.59 -51.17
N GLU G 30 32.91 -20.23 -50.93
CA GLU G 30 32.58 -18.92 -50.38
C GLU G 30 32.69 -18.94 -48.87
N SER G 31 33.39 -17.95 -48.32
CA SER G 31 33.60 -17.82 -46.88
C SER G 31 32.96 -16.55 -46.36
N TYR G 32 32.44 -16.61 -45.13
CA TYR G 32 31.74 -15.49 -44.52
C TYR G 32 32.08 -15.42 -43.04
N PRO G 33 33.06 -14.60 -42.65
CA PRO G 33 33.36 -14.43 -41.22
C PRO G 33 32.32 -13.56 -40.54
N PHE G 34 31.70 -14.07 -39.47
CA PHE G 34 30.63 -13.35 -38.80
C PHE G 34 31.19 -12.32 -37.83
N THR G 35 30.28 -11.61 -37.17
CA THR G 35 30.62 -10.56 -36.23
C THR G 35 30.00 -10.82 -34.86
N THR G 36 29.13 -11.82 -34.74
CA THR G 36 28.56 -12.24 -33.47
C THR G 36 29.18 -13.58 -33.07
N GLU G 37 29.17 -13.84 -31.76
CA GLU G 37 29.76 -15.09 -31.25
C GLU G 37 29.08 -16.31 -31.86
N LYS G 38 27.76 -16.33 -31.88
CA LYS G 38 26.99 -17.43 -32.45
C LYS G 38 26.62 -17.07 -33.89
N VAL G 39 26.33 -18.09 -34.70
CA VAL G 39 26.22 -17.93 -36.15
C VAL G 39 24.75 -17.98 -36.52
N TYR G 40 24.26 -16.91 -37.17
CA TYR G 40 22.87 -16.80 -37.59
C TYR G 40 22.81 -16.80 -39.11
N LEU G 41 22.26 -17.87 -39.69
CA LEU G 41 22.19 -17.96 -41.15
C LEU G 41 21.20 -17.00 -41.78
N SER G 42 20.35 -16.35 -40.99
CA SER G 42 19.43 -15.37 -41.54
C SER G 42 20.13 -14.10 -42.00
N GLN G 43 21.46 -14.07 -41.95
CA GLN G 43 22.24 -12.91 -42.37
C GLN G 43 23.08 -13.18 -43.60
N ILE G 44 22.96 -14.37 -44.20
CA ILE G 44 23.72 -14.72 -45.41
C ILE G 44 23.09 -14.00 -46.60
N PRO G 45 23.88 -13.32 -47.43
CA PRO G 45 23.29 -12.57 -48.56
C PRO G 45 22.50 -13.42 -49.52
N GLY G 46 22.90 -14.67 -49.75
CA GLY G 46 22.19 -15.51 -50.69
C GLY G 46 22.54 -15.20 -52.14
N LEU G 47 21.73 -15.76 -53.03
CA LEU G 47 21.96 -15.66 -54.46
C LEU G 47 21.30 -14.41 -55.03
N VAL G 48 21.49 -14.20 -56.33
CA VAL G 48 20.97 -13.03 -57.04
C VAL G 48 20.14 -13.51 -58.22
N ASN G 49 19.06 -12.80 -58.51
CA ASN G 49 18.14 -13.16 -59.58
C ASN G 49 18.23 -12.13 -60.71
N MET G 50 17.50 -12.42 -61.79
CA MET G 50 17.53 -11.56 -62.97
C MET G 50 16.95 -10.19 -62.65
N ALA G 51 17.52 -9.17 -63.27
CA ALA G 51 17.06 -7.80 -63.09
C ALA G 51 15.74 -7.59 -63.83
N LEU G 52 14.80 -6.94 -63.16
CA LEU G 52 13.49 -6.70 -63.76
C LEU G 52 13.59 -5.66 -64.86
N TYR G 53 12.62 -5.71 -65.77
CA TYR G 53 12.57 -4.77 -66.91
C TYR G 53 11.77 -3.52 -66.53
N VAL G 54 12.31 -2.79 -65.54
CA VAL G 54 11.62 -1.59 -65.05
C VAL G 54 11.65 -0.51 -66.13
N SER G 55 10.59 0.28 -66.19
CA SER G 55 10.49 1.36 -67.15
C SER G 55 11.50 2.46 -66.84
N PRO G 56 11.94 3.21 -67.85
CA PRO G 56 12.97 4.23 -67.61
C PRO G 56 12.56 5.30 -66.62
N ILE G 57 11.50 6.04 -66.92
CA ILE G 57 11.06 7.15 -66.05
C ILE G 57 10.01 6.58 -65.10
N VAL G 58 10.50 5.93 -64.04
CA VAL G 58 9.65 5.45 -62.96
C VAL G 58 10.55 5.03 -61.80
N SER G 59 10.05 5.11 -60.58
CA SER G 59 10.81 4.65 -59.43
C SER G 59 11.00 3.14 -59.51
N GLY G 60 12.20 2.68 -59.17
CA GLY G 60 12.52 1.27 -59.21
C GLY G 60 12.07 0.56 -57.96
N GLU G 61 12.57 -0.66 -57.79
CA GLU G 61 12.25 -1.48 -56.63
C GLU G 61 13.55 -2.00 -56.02
N VAL G 62 13.58 -2.02 -54.70
CA VAL G 62 14.77 -2.40 -53.95
C VAL G 62 14.81 -3.91 -53.80
N ILE G 63 15.94 -4.50 -54.16
CA ILE G 63 16.12 -5.95 -54.04
C ILE G 63 16.54 -6.27 -52.61
N ARG G 64 16.02 -7.37 -52.06
CA ARG G 64 16.37 -7.82 -50.73
C ARG G 64 17.16 -9.12 -50.85
N SER G 65 18.42 -9.09 -50.42
CA SER G 65 19.28 -10.27 -50.48
C SER G 65 19.22 -11.03 -49.15
N ARG G 66 18.04 -11.57 -48.87
CA ARG G 66 17.80 -12.33 -47.66
C ARG G 66 16.83 -13.46 -47.96
N GLY G 67 16.84 -14.46 -47.10
CA GLY G 67 15.91 -15.57 -47.20
C GLY G 67 16.51 -16.86 -46.67
N GLY G 68 15.73 -17.55 -45.83
CA GLY G 68 16.15 -18.81 -45.26
C GLY G 68 16.77 -18.61 -43.90
N SER G 69 16.05 -18.95 -42.83
CA SER G 69 16.56 -18.65 -41.49
C SER G 69 17.58 -19.70 -41.05
N THR G 70 17.12 -20.92 -40.80
CA THR G 70 17.95 -22.08 -40.45
C THR G 70 19.08 -21.71 -39.50
N SER G 71 18.83 -20.74 -38.63
CA SER G 71 19.90 -20.03 -37.94
C SER G 71 20.24 -20.70 -36.62
N GLU G 72 20.98 -19.97 -35.78
CA GLU G 72 21.31 -20.38 -34.42
C GLU G 72 22.24 -21.59 -34.38
N PHE G 73 23.40 -21.48 -35.01
CA PHE G 73 24.47 -22.46 -34.91
C PHE G 73 25.66 -21.85 -34.19
N THR G 74 26.30 -22.64 -33.32
CA THR G 74 27.44 -22.09 -32.60
C THR G 74 28.76 -22.67 -33.13
N PRO G 75 29.82 -21.87 -33.16
CA PRO G 75 31.09 -22.32 -33.74
C PRO G 75 31.97 -23.08 -32.77
N GLY G 76 32.80 -23.95 -33.35
CA GLY G 76 33.76 -24.75 -32.61
C GLY G 76 35.11 -24.09 -32.41
N TYR G 77 35.18 -23.15 -31.47
CA TYR G 77 36.41 -22.41 -31.21
C TYR G 77 37.60 -23.34 -31.05
N VAL G 78 38.69 -23.00 -31.74
CA VAL G 78 39.93 -23.79 -31.73
C VAL G 78 41.10 -22.87 -31.44
N LYS G 79 41.95 -23.27 -30.49
CA LYS G 79 43.12 -22.51 -30.12
C LYS G 79 44.30 -23.43 -29.76
N PRO G 80 45.09 -23.85 -30.73
CA PRO G 80 46.28 -24.66 -30.41
C PRO G 80 47.48 -23.80 -30.03
N LYS G 81 48.13 -24.15 -28.92
CA LYS G 81 49.30 -23.42 -28.45
C LYS G 81 50.58 -24.04 -29.01
N HIS G 82 51.67 -23.27 -28.92
CA HIS G 82 53.00 -23.82 -29.15
C HIS G 82 54.02 -22.97 -28.42
N GLU G 83 55.15 -23.59 -28.08
CA GLU G 83 56.24 -22.92 -27.40
C GLU G 83 57.40 -22.71 -28.37
N VAL G 84 58.21 -21.69 -28.10
CA VAL G 84 59.24 -21.27 -29.05
C VAL G 84 60.63 -21.31 -28.41
N ASN G 85 60.84 -22.26 -27.50
CA ASN G 85 62.16 -22.43 -26.90
C ASN G 85 63.22 -22.65 -27.97
N PRO G 86 64.24 -21.80 -28.02
CA PRO G 86 65.20 -21.80 -29.15
C PRO G 86 66.29 -22.86 -29.04
N GLN G 87 65.91 -24.11 -29.22
CA GLN G 87 66.89 -25.19 -29.22
C GLN G 87 66.74 -26.12 -30.42
N MET G 88 65.55 -26.19 -31.01
CA MET G 88 65.30 -27.15 -32.07
C MET G 88 66.13 -26.82 -33.30
N THR G 89 66.57 -27.85 -34.02
CA THR G 89 67.30 -27.66 -35.26
C THR G 89 66.36 -27.11 -36.33
N LEU G 90 66.69 -25.93 -36.84
CA LEU G 90 65.80 -25.24 -37.75
C LEU G 90 65.74 -25.96 -39.10
N ARG G 91 64.54 -26.10 -39.64
CA ARG G 91 64.34 -26.73 -40.93
C ARG G 91 64.80 -25.79 -42.02
N ARG G 92 66.01 -26.04 -42.54
CA ARG G 92 66.63 -25.15 -43.51
C ARG G 92 65.85 -25.13 -44.82
N LEU G 93 65.21 -24.00 -45.11
CA LEU G 93 64.44 -23.89 -46.34
C LEU G 93 65.38 -23.88 -47.54
N PRO G 94 65.02 -24.59 -48.61
CA PRO G 94 65.83 -24.54 -49.84
C PRO G 94 65.90 -23.12 -50.39
N ASP G 95 67.04 -22.77 -50.98
CA ASP G 95 67.28 -21.46 -51.58
C ASP G 95 67.08 -20.34 -50.55
N GLU G 96 67.94 -20.38 -49.53
CA GLU G 96 67.95 -19.37 -48.49
C GLU G 96 69.39 -19.08 -48.08
N ASP G 97 69.64 -17.85 -47.67
CA ASP G 97 70.99 -17.44 -47.28
C ASP G 97 71.33 -18.03 -45.91
N PRO G 98 72.39 -18.83 -45.80
CA PRO G 98 72.75 -19.40 -44.50
C PRO G 98 73.62 -18.49 -43.64
N GLN G 99 74.09 -17.36 -44.19
CA GLN G 99 75.01 -16.50 -43.45
C GLN G 99 74.34 -15.89 -42.23
N ASN G 100 73.13 -15.36 -42.39
CA ASN G 100 72.45 -14.66 -41.32
C ASN G 100 71.80 -15.61 -40.31
N LEU G 101 72.12 -16.89 -40.35
CA LEU G 101 71.61 -17.83 -39.35
C LEU G 101 72.33 -17.70 -38.02
N ALA G 102 73.49 -17.04 -38.00
CA ALA G 102 74.24 -16.90 -36.74
C ALA G 102 73.50 -16.03 -35.74
N ASP G 103 72.78 -15.02 -36.23
CA ASP G 103 72.08 -14.09 -35.35
C ASP G 103 70.94 -14.82 -34.66
N PRO G 104 70.94 -14.91 -33.32
CA PRO G 104 69.79 -15.52 -32.64
C PRO G 104 68.49 -14.75 -32.83
N ALA G 105 68.57 -13.44 -33.02
CA ALA G 105 67.37 -12.66 -33.27
C ALA G 105 66.69 -13.06 -34.57
N TYR G 106 67.46 -13.40 -35.61
CA TYR G 106 66.87 -13.89 -36.85
C TYR G 106 66.41 -15.34 -36.70
N ARG G 107 67.15 -16.15 -35.96
CA ARG G 107 66.76 -17.54 -35.76
C ARG G 107 65.42 -17.64 -35.03
N ARG G 108 65.21 -16.79 -34.02
CA ARG G 108 63.93 -16.77 -33.34
C ARG G 108 62.81 -16.33 -34.27
N ARG G 109 63.06 -15.28 -35.07
CA ARG G 109 62.03 -14.82 -36.00
C ARG G 109 61.72 -15.85 -37.08
N ARG G 110 62.66 -16.73 -37.40
CA ARG G 110 62.39 -17.79 -38.37
C ARG G 110 61.66 -18.96 -37.72
N ILE G 111 62.05 -19.33 -36.50
CA ILE G 111 61.36 -20.40 -35.80
C ILE G 111 59.93 -19.99 -35.48
N ILE G 112 59.66 -18.70 -35.32
CA ILE G 112 58.28 -18.24 -35.14
C ILE G 112 57.42 -18.65 -36.33
N MET G 113 57.90 -18.39 -37.55
CA MET G 113 57.12 -18.72 -38.74
C MET G 113 57.06 -20.22 -38.96
N GLN G 114 58.17 -20.92 -38.69
CA GLN G 114 58.15 -22.37 -38.81
C GLN G 114 57.14 -22.99 -37.85
N ASN G 115 56.97 -22.38 -36.68
CA ASN G 115 55.94 -22.81 -35.74
C ASN G 115 54.55 -22.41 -36.18
N MET G 116 54.43 -21.26 -36.87
CA MET G 116 53.13 -20.77 -37.32
C MET G 116 52.57 -21.66 -38.43
N ARG G 117 53.45 -22.21 -39.27
CA ARG G 117 52.99 -23.10 -40.34
C ARG G 117 52.27 -24.31 -39.77
N ASP G 118 52.80 -24.90 -38.69
CA ASP G 118 52.13 -26.01 -38.03
C ASP G 118 50.80 -25.62 -37.43
N GLU G 119 50.69 -24.42 -36.84
CA GLU G 119 49.39 -23.91 -36.39
C GLU G 119 48.39 -23.92 -37.54
N GLU G 120 48.79 -23.33 -38.67
CA GLU G 120 47.87 -23.22 -39.81
C GLU G 120 47.46 -24.59 -40.33
N LEU G 121 48.42 -25.52 -40.42
CA LEU G 121 48.10 -26.85 -40.93
C LEU G 121 47.18 -27.60 -39.96
N ALA G 122 47.46 -27.52 -38.67
CA ALA G 122 46.65 -28.21 -37.67
C ALA G 122 45.29 -27.62 -37.53
N ILE G 123 45.04 -26.40 -37.98
CA ILE G 123 43.70 -25.84 -38.02
C ILE G 123 43.00 -26.14 -39.35
N ALA G 124 43.75 -26.21 -40.44
CA ALA G 124 43.17 -26.64 -41.70
C ALA G 124 42.68 -28.09 -41.60
N GLN G 125 43.40 -28.94 -40.87
CA GLN G 125 42.92 -30.30 -40.66
C GLN G 125 41.61 -30.32 -39.89
N VAL G 126 41.47 -29.45 -38.88
CA VAL G 126 40.21 -29.37 -38.15
C VAL G 126 39.09 -28.91 -39.07
N GLU G 127 39.38 -27.93 -39.93
CA GLU G 127 38.37 -27.50 -40.91
C GLU G 127 37.96 -28.62 -41.85
N GLU G 128 38.91 -29.44 -42.29
CA GLU G 128 38.58 -30.59 -43.12
C GLU G 128 37.75 -31.62 -42.35
N MET G 129 38.07 -31.86 -41.08
CA MET G 129 37.23 -32.74 -40.28
C MET G 129 35.82 -32.18 -40.18
N GLN G 130 35.69 -30.86 -40.07
CA GLN G 130 34.38 -30.23 -40.10
C GLN G 130 33.66 -30.45 -41.41
N ALA G 131 34.36 -30.35 -42.54
CA ALA G 131 33.75 -30.31 -43.86
C ALA G 131 33.45 -31.69 -44.45
N VAL G 132 34.37 -32.65 -44.31
CA VAL G 132 34.21 -33.94 -44.99
C VAL G 132 32.95 -34.64 -44.52
N SER G 133 32.82 -34.83 -43.20
CA SER G 133 31.64 -35.51 -42.68
C SER G 133 30.46 -34.57 -42.51
N ALA G 134 30.64 -33.27 -42.78
CA ALA G 134 29.49 -32.39 -42.88
C ALA G 134 28.57 -32.85 -44.00
N VAL G 135 29.10 -32.95 -45.21
CA VAL G 135 28.37 -33.64 -46.26
C VAL G 135 28.80 -35.10 -46.29
N LEU G 136 28.38 -35.85 -45.27
CA LEU G 136 28.25 -37.30 -45.33
C LEU G 136 27.01 -37.82 -44.61
N LYS G 137 26.51 -37.11 -43.60
CA LYS G 137 25.28 -37.42 -42.90
C LYS G 137 24.40 -36.22 -42.63
N GLY G 138 24.94 -35.00 -42.64
CA GLY G 138 24.22 -33.83 -42.21
C GLY G 138 24.46 -33.55 -40.74
N LYS G 139 24.24 -34.54 -39.90
CA LYS G 139 24.46 -34.39 -38.47
C LYS G 139 25.95 -34.27 -38.18
N TYR G 140 26.29 -33.45 -37.19
CA TYR G 140 27.69 -33.21 -36.83
C TYR G 140 27.81 -32.94 -35.34
N THR G 141 28.50 -33.83 -34.63
CA THR G 141 28.81 -33.63 -33.22
C THR G 141 30.27 -33.21 -33.11
N MET G 142 30.49 -32.02 -32.58
CA MET G 142 31.84 -31.52 -32.34
C MET G 142 32.11 -31.58 -30.84
N THR G 143 33.21 -32.20 -30.46
CA THR G 143 33.47 -32.44 -29.04
C THR G 143 34.95 -32.66 -28.82
N GLY G 144 35.34 -32.61 -27.55
CA GLY G 144 36.72 -32.80 -27.15
C GLY G 144 36.90 -32.45 -25.69
N GLU G 145 38.12 -32.57 -25.18
CA GLU G 145 38.39 -32.18 -23.81
C GLU G 145 38.25 -30.66 -23.66
N ALA G 146 37.77 -30.23 -22.50
CA ALA G 146 37.64 -28.81 -22.16
C ALA G 146 36.64 -28.10 -23.08
N PHE G 147 35.87 -28.85 -23.84
CA PHE G 147 34.83 -28.30 -24.73
C PHE G 147 33.67 -29.29 -24.75
N ASP G 148 32.56 -28.90 -24.14
CA ASP G 148 31.40 -29.78 -24.07
C ASP G 148 30.87 -30.07 -25.46
N PRO G 149 30.28 -31.25 -25.68
CA PRO G 149 29.81 -31.61 -27.02
C PRO G 149 28.73 -30.67 -27.53
N VAL G 150 28.76 -30.42 -28.84
CA VAL G 150 27.83 -29.54 -29.51
C VAL G 150 27.31 -30.23 -30.76
N GLU G 151 25.99 -30.15 -30.97
CA GLU G 151 25.34 -30.77 -32.12
C GLU G 151 24.99 -29.71 -33.15
N VAL G 152 25.22 -30.03 -34.42
CA VAL G 152 24.90 -29.17 -35.55
C VAL G 152 24.23 -30.04 -36.60
N ASP G 153 22.95 -29.77 -36.88
CA ASP G 153 22.18 -30.58 -37.83
C ASP G 153 21.82 -29.74 -39.06
N MET G 154 22.10 -30.28 -40.24
CA MET G 154 21.78 -29.59 -41.48
C MET G 154 20.32 -29.74 -41.86
N GLY G 155 19.71 -30.88 -41.57
CA GLY G 155 18.34 -31.14 -41.98
C GLY G 155 18.25 -32.05 -43.17
N ARG G 156 19.24 -32.93 -43.34
CA ARG G 156 19.18 -33.91 -44.42
C ARG G 156 18.03 -34.88 -44.17
N SER G 157 17.38 -35.29 -45.25
CA SER G 157 16.32 -36.27 -45.18
C SER G 157 16.89 -37.68 -45.26
N GLU G 158 16.16 -38.63 -44.70
CA GLU G 158 16.57 -40.03 -44.77
C GLU G 158 16.59 -40.54 -46.20
N GLU G 159 15.93 -39.83 -47.12
CA GLU G 159 15.92 -40.19 -48.53
C GLU G 159 17.24 -39.87 -49.22
N ASN G 160 18.15 -39.15 -48.55
CA ASN G 160 19.42 -38.75 -49.12
C ASN G 160 20.61 -39.52 -48.54
N ASN G 161 20.37 -40.55 -47.74
CA ASN G 161 21.42 -41.31 -47.09
C ASN G 161 21.21 -42.81 -47.29
N ILE G 162 21.00 -43.20 -48.55
CA ILE G 162 20.75 -44.60 -48.86
C ILE G 162 21.97 -45.43 -48.49
N THR G 163 21.72 -46.56 -47.84
CA THR G 163 22.77 -47.51 -47.49
C THR G 163 22.64 -48.73 -48.38
N GLN G 164 23.74 -49.14 -49.01
CA GLN G 164 23.70 -50.27 -49.94
C GLN G 164 23.35 -51.57 -49.22
N SER G 165 23.64 -51.64 -47.91
CA SER G 165 23.33 -52.87 -47.16
C SER G 165 21.83 -53.13 -47.13
N GLY G 166 21.02 -52.09 -47.19
CA GLY G 166 19.57 -52.27 -47.23
C GLY G 166 19.11 -53.00 -48.46
N GLY G 167 18.68 -54.24 -48.29
CA GLY G 167 18.22 -55.04 -49.42
C GLY G 167 19.33 -55.81 -50.09
N THR G 168 19.75 -55.34 -51.27
CA THR G 168 20.74 -56.01 -52.09
C THR G 168 22.07 -55.26 -51.99
N GLU G 169 23.14 -55.99 -51.69
CA GLU G 169 24.48 -55.41 -51.64
C GLU G 169 25.05 -55.36 -53.06
N TRP G 170 26.30 -54.89 -53.19
CA TRP G 170 26.99 -54.88 -54.48
C TRP G 170 28.05 -55.96 -54.59
N SER G 171 28.62 -56.41 -53.48
CA SER G 171 29.62 -57.46 -53.53
C SER G 171 29.02 -58.78 -54.02
N LYS G 172 27.79 -59.09 -53.58
CA LYS G 172 27.15 -60.33 -53.96
C LYS G 172 26.48 -60.22 -55.33
N ARG G 173 27.21 -59.74 -56.32
CA ARG G 173 26.69 -59.57 -57.67
C ARG G 173 27.75 -59.98 -58.67
N ASP G 174 27.30 -60.21 -59.91
CA ASP G 174 28.23 -60.56 -60.98
C ASP G 174 29.14 -59.38 -61.26
N LYS G 175 30.45 -59.60 -61.18
CA LYS G 175 31.44 -58.56 -61.42
C LYS G 175 31.82 -58.44 -62.89
N SER G 176 31.03 -59.02 -63.78
CA SER G 176 31.31 -58.95 -65.22
C SER G 176 30.12 -58.58 -66.08
N THR G 177 28.88 -58.69 -65.59
CA THR G 177 27.70 -58.44 -66.40
C THR G 177 26.75 -57.41 -65.80
N TYR G 178 26.67 -57.33 -64.48
CA TYR G 178 25.72 -56.41 -63.85
C TYR G 178 26.12 -54.97 -64.09
N ASP G 179 25.12 -54.10 -64.26
CA ASP G 179 25.36 -52.69 -64.48
C ASP G 179 24.78 -51.87 -63.34
N PRO G 180 25.56 -50.92 -62.81
CA PRO G 180 25.06 -50.11 -61.68
C PRO G 180 24.42 -48.81 -62.12
N THR G 181 24.23 -48.63 -63.43
CA THR G 181 23.70 -47.37 -63.94
C THR G 181 22.31 -47.10 -63.40
N ASP G 182 21.44 -48.12 -63.37
CA ASP G 182 20.11 -47.93 -62.81
C ASP G 182 20.17 -47.57 -61.33
N ASP G 183 21.05 -48.23 -60.58
CA ASP G 183 21.23 -47.90 -59.18
C ASP G 183 21.75 -46.47 -59.02
N ILE G 184 22.68 -46.07 -59.89
CA ILE G 184 23.23 -44.72 -59.83
C ILE G 184 22.13 -43.68 -60.09
N GLU G 185 21.29 -43.93 -61.10
CA GLU G 185 20.20 -43.00 -61.39
C GLU G 185 19.20 -42.94 -60.25
N ALA G 186 18.90 -44.09 -59.64
CA ALA G 186 18.01 -44.09 -58.49
C ALA G 186 18.62 -43.32 -57.32
N TYR G 187 19.93 -43.43 -57.13
CA TYR G 187 20.58 -42.68 -56.07
C TYR G 187 20.58 -41.18 -56.36
N ALA G 188 20.69 -40.82 -57.64
CA ALA G 188 20.78 -39.43 -58.04
C ALA G 188 19.44 -38.75 -58.27
N LEU G 189 18.35 -39.52 -58.27
CA LEU G 189 17.04 -38.93 -58.50
C LEU G 189 16.64 -37.99 -57.36
N ASN G 190 16.93 -38.37 -56.12
CA ASN G 190 16.56 -37.59 -54.95
C ASN G 190 17.71 -36.66 -54.54
N ALA G 191 18.17 -35.85 -55.50
CA ALA G 191 19.28 -34.95 -55.29
C ALA G 191 18.91 -33.48 -55.34
N SER G 192 17.70 -33.14 -55.78
CA SER G 192 17.26 -31.74 -55.89
C SER G 192 18.26 -30.92 -56.70
N GLY G 193 18.75 -31.50 -57.79
CA GLY G 193 19.73 -30.84 -58.62
C GLY G 193 20.61 -31.84 -59.36
N VAL G 194 21.13 -31.45 -60.51
CA VAL G 194 21.98 -32.36 -61.28
C VAL G 194 23.26 -32.66 -60.52
N VAL G 195 23.75 -33.89 -60.65
CA VAL G 195 24.95 -34.35 -59.98
C VAL G 195 25.99 -34.68 -61.03
N ASN G 196 27.25 -34.26 -60.77
CA ASN G 196 28.33 -34.58 -61.69
C ASN G 196 29.66 -34.89 -61.01
N ILE G 197 29.66 -35.31 -59.74
CA ILE G 197 30.88 -35.75 -59.08
C ILE G 197 30.60 -37.05 -58.34
N ILE G 198 31.54 -37.99 -58.44
CA ILE G 198 31.34 -39.35 -57.97
C ILE G 198 32.41 -39.72 -56.95
N VAL G 199 32.81 -38.76 -56.10
CA VAL G 199 33.90 -38.94 -55.15
C VAL G 199 33.82 -40.30 -54.47
N PHE G 200 34.93 -41.05 -54.49
CA PHE G 200 34.98 -42.42 -53.99
C PHE G 200 35.99 -42.55 -52.86
N ASP G 201 36.15 -43.79 -52.39
CA ASP G 201 37.21 -44.19 -51.47
C ASP G 201 37.99 -45.27 -52.24
N PRO G 202 39.33 -45.17 -52.33
CA PRO G 202 40.07 -46.09 -53.19
C PRO G 202 39.70 -47.56 -53.04
N LYS G 203 39.70 -48.10 -51.81
CA LYS G 203 39.30 -49.48 -51.62
C LYS G 203 37.79 -49.66 -51.71
N GLY G 204 37.01 -48.59 -51.57
CA GLY G 204 35.60 -48.63 -51.91
C GLY G 204 35.31 -48.37 -53.37
N TRP G 205 36.31 -47.94 -54.13
CA TRP G 205 36.18 -47.74 -55.57
C TRP G 205 36.72 -48.90 -56.39
N ALA G 206 37.59 -49.71 -55.80
CA ALA G 206 38.08 -50.89 -56.50
C ALA G 206 36.94 -51.85 -56.86
N LEU G 207 36.02 -52.07 -55.91
CA LEU G 207 34.89 -52.94 -56.21
C LEU G 207 33.97 -52.35 -57.27
N PHE G 208 33.79 -51.03 -57.27
CA PHE G 208 32.99 -50.40 -58.32
C PHE G 208 33.65 -50.58 -59.68
N ARG G 209 34.97 -50.41 -59.75
CA ARG G 209 35.69 -50.64 -61.00
C ARG G 209 35.75 -52.12 -61.37
N SER G 210 35.50 -53.02 -60.43
CA SER G 210 35.63 -54.45 -60.71
C SER G 210 34.66 -54.93 -61.78
N PHE G 211 33.56 -54.21 -61.99
CA PHE G 211 32.61 -54.60 -63.03
C PHE G 211 33.24 -54.48 -64.41
N LYS G 212 32.97 -55.46 -65.27
CA LYS G 212 33.55 -55.46 -66.60
C LYS G 212 33.02 -54.31 -67.44
N ALA G 213 31.70 -54.13 -67.48
CA ALA G 213 31.10 -53.12 -68.34
C ALA G 213 31.59 -51.72 -67.97
N VAL G 214 31.77 -51.47 -66.66
CA VAL G 214 32.20 -50.15 -66.20
C VAL G 214 33.61 -49.85 -66.70
N LYS G 215 34.47 -50.87 -66.79
CA LYS G 215 35.86 -50.65 -67.15
C LYS G 215 36.01 -50.00 -68.52
N GLU G 216 35.37 -50.58 -69.55
CA GLU G 216 35.41 -49.98 -70.87
C GLU G 216 34.41 -48.85 -71.03
N LYS G 217 33.34 -48.84 -70.23
CA LYS G 217 32.37 -47.75 -70.30
C LYS G 217 32.97 -46.45 -69.78
N LEU G 218 33.80 -46.53 -68.75
CA LEU G 218 34.43 -45.34 -68.19
C LEU G 218 35.35 -44.69 -69.22
N ASP G 219 35.25 -43.36 -69.32
CA ASP G 219 36.08 -42.60 -70.24
C ASP G 219 37.36 -42.15 -69.55
N THR G 220 38.44 -42.06 -70.32
CA THR G 220 39.73 -41.60 -69.82
C THR G 220 40.32 -40.55 -70.74
N ARG G 221 39.47 -39.68 -71.28
CA ARG G 221 39.93 -38.66 -72.21
C ARG G 221 40.77 -37.61 -71.48
N ARG G 222 41.64 -36.95 -72.23
CA ARG G 222 42.56 -35.95 -71.68
C ARG G 222 41.78 -34.72 -71.26
N GLY G 223 42.05 -34.24 -70.06
CA GLY G 223 41.45 -33.03 -69.56
C GLY G 223 40.11 -33.29 -68.91
N SER G 224 39.76 -32.41 -67.96
CA SER G 224 38.46 -32.47 -67.31
C SER G 224 37.42 -31.74 -68.16
N ASN G 225 36.21 -31.61 -67.62
CA ASN G 225 35.13 -30.98 -68.36
C ASN G 225 35.45 -29.51 -68.65
N SER G 226 35.47 -28.67 -67.63
CA SER G 226 35.95 -27.30 -67.78
C SER G 226 37.13 -26.97 -66.86
N GLU G 227 36.95 -27.09 -65.55
CA GLU G 227 37.97 -26.67 -64.59
C GLU G 227 38.05 -27.63 -63.41
N LEU G 228 37.99 -28.93 -63.68
CA LEU G 228 38.14 -29.92 -62.62
C LEU G 228 39.55 -30.46 -62.51
N GLU G 229 40.31 -30.46 -63.62
CA GLU G 229 41.70 -30.88 -63.56
C GLU G 229 42.57 -29.87 -62.82
N THR G 230 42.09 -28.62 -62.70
CA THR G 230 42.86 -27.61 -61.98
C THR G 230 43.04 -27.97 -60.53
N ALA G 231 41.99 -28.53 -59.90
CA ALA G 231 42.10 -28.96 -58.52
C ALA G 231 43.10 -30.10 -58.37
N VAL G 232 43.15 -30.99 -59.37
CA VAL G 232 44.07 -32.13 -59.31
C VAL G 232 45.51 -31.65 -59.34
N LYS G 233 45.80 -30.63 -60.14
CA LYS G 233 47.18 -30.19 -60.32
C LYS G 233 47.81 -29.66 -59.04
N ASP G 234 47.01 -29.34 -58.03
CA ASP G 234 47.56 -28.85 -56.77
C ASP G 234 47.82 -30.00 -55.80
N LEU G 235 46.78 -30.76 -55.46
CA LEU G 235 46.92 -31.88 -54.52
C LEU G 235 47.03 -33.21 -55.27
N GLY G 236 48.16 -33.36 -55.98
CA GLY G 236 48.38 -34.56 -56.76
C GLY G 236 48.76 -35.77 -55.92
N LYS G 237 49.07 -35.57 -54.64
CA LYS G 237 49.51 -36.68 -53.80
C LYS G 237 48.37 -37.63 -53.46
N ALA G 238 47.19 -37.10 -53.17
CA ALA G 238 46.08 -37.91 -52.67
C ALA G 238 44.82 -37.82 -53.52
N VAL G 239 44.83 -37.06 -54.61
CA VAL G 239 43.65 -36.87 -55.46
C VAL G 239 43.98 -37.40 -56.84
N SER G 240 43.09 -38.24 -57.37
CA SER G 240 43.22 -38.77 -58.73
C SER G 240 41.88 -38.63 -59.45
N TYR G 241 41.94 -38.35 -60.74
CA TYR G 241 40.76 -38.14 -61.56
C TYR G 241 40.72 -39.25 -62.61
N LYS G 242 39.85 -40.24 -62.41
CA LYS G 242 39.80 -41.38 -63.31
C LYS G 242 39.36 -40.98 -64.71
N GLY G 243 38.37 -40.11 -64.81
CA GLY G 243 37.92 -39.65 -66.11
C GLY G 243 36.44 -39.30 -66.07
N MET G 244 35.78 -39.60 -67.19
CA MET G 244 34.39 -39.21 -67.41
C MET G 244 33.50 -40.44 -67.39
N TYR G 245 32.30 -40.27 -66.84
CA TYR G 245 31.29 -41.33 -66.74
C TYR G 245 29.99 -40.85 -67.36
N GLY G 246 30.07 -40.31 -68.58
CA GLY G 246 28.93 -39.67 -69.19
C GLY G 246 29.02 -38.17 -68.99
N ASP G 247 28.30 -37.66 -67.99
CA ASP G 247 28.42 -36.26 -67.60
C ASP G 247 28.90 -36.11 -66.16
N VAL G 248 29.10 -37.22 -65.45
CA VAL G 248 29.56 -37.20 -64.07
C VAL G 248 31.02 -37.61 -64.03
N ALA G 249 31.82 -36.89 -63.24
CA ALA G 249 33.25 -37.10 -63.17
C ALA G 249 33.60 -38.08 -62.05
N ILE G 250 34.56 -38.94 -62.31
CA ILE G 250 35.02 -39.93 -61.34
C ILE G 250 36.31 -39.42 -60.72
N VAL G 251 36.29 -39.16 -59.41
CA VAL G 251 37.46 -38.72 -58.68
C VAL G 251 37.58 -39.55 -57.41
N VAL G 252 38.82 -39.82 -57.01
CA VAL G 252 39.11 -40.69 -55.87
C VAL G 252 39.90 -39.87 -54.86
N TYR G 253 39.31 -39.67 -53.68
CA TYR G 253 39.95 -38.93 -52.61
C TYR G 253 40.52 -39.90 -51.59
N SER G 254 41.84 -39.98 -51.52
CA SER G 254 42.54 -40.86 -50.59
C SER G 254 43.31 -40.04 -49.56
N GLY G 255 42.72 -38.93 -49.11
CA GLY G 255 43.38 -38.08 -48.15
C GLY G 255 43.39 -38.68 -46.75
N GLN G 256 44.35 -38.22 -45.95
CA GLN G 256 44.52 -38.67 -44.59
C GLN G 256 44.74 -37.48 -43.67
N TYR G 257 44.35 -37.64 -42.41
CA TYR G 257 44.61 -36.65 -41.38
C TYR G 257 45.26 -37.31 -40.18
N VAL G 258 46.17 -36.59 -39.54
CA VAL G 258 46.98 -37.15 -38.46
C VAL G 258 46.26 -36.92 -37.13
N GLU G 259 46.04 -38.00 -36.40
CA GLU G 259 45.62 -37.93 -35.01
C GLU G 259 46.90 -37.87 -34.17
N ASN G 260 46.83 -38.14 -32.86
CA ASN G 260 47.95 -37.86 -31.97
C ASN G 260 49.26 -38.42 -32.50
N GLY G 261 49.25 -39.67 -32.96
CA GLY G 261 50.44 -40.26 -33.53
C GLY G 261 50.15 -41.16 -34.72
N VAL G 262 48.89 -41.22 -35.13
CA VAL G 262 48.47 -42.14 -36.17
C VAL G 262 47.69 -41.37 -37.23
N LYS G 263 47.65 -41.92 -38.44
CA LYS G 263 46.96 -41.33 -39.58
C LYS G 263 45.65 -42.08 -39.81
N LYS G 264 44.58 -41.34 -40.08
CA LYS G 264 43.30 -41.94 -40.41
C LYS G 264 42.78 -41.36 -41.72
N ASN G 265 42.06 -42.19 -42.47
CA ASN G 265 41.48 -41.77 -43.74
C ASN G 265 40.30 -40.85 -43.50
N PHE G 266 40.14 -39.87 -44.40
CA PHE G 266 39.06 -38.92 -44.27
C PHE G 266 37.71 -39.58 -44.49
N LEU G 267 37.59 -40.37 -45.55
CA LEU G 267 36.31 -41.00 -45.86
C LEU G 267 36.27 -42.41 -45.29
N PRO G 268 35.16 -42.80 -44.68
CA PRO G 268 35.00 -44.20 -44.25
C PRO G 268 35.06 -45.15 -45.44
N ASP G 269 35.22 -46.44 -45.12
CA ASP G 269 35.56 -47.46 -46.10
C ASP G 269 34.67 -47.42 -47.35
N ASN G 270 33.38 -47.71 -47.18
CA ASN G 270 32.47 -47.85 -48.33
C ASN G 270 31.52 -46.65 -48.34
N THR G 271 31.96 -45.59 -48.99
CA THR G 271 31.16 -44.38 -49.16
C THR G 271 31.35 -43.81 -50.55
N MET G 272 30.29 -43.23 -51.10
CA MET G 272 30.42 -42.46 -52.34
C MET G 272 29.36 -41.36 -52.33
N VAL G 273 29.76 -40.16 -52.71
CA VAL G 273 28.90 -38.99 -52.59
C VAL G 273 28.55 -38.46 -53.97
N LEU G 274 27.30 -38.07 -54.13
CA LEU G 274 26.76 -37.53 -55.37
C LEU G 274 26.39 -36.08 -55.11
N GLY G 275 27.00 -35.17 -55.87
CA GLY G 275 26.77 -33.75 -55.67
C GLY G 275 27.05 -32.94 -56.91
N ASN G 276 27.07 -31.62 -56.74
CA ASN G 276 27.26 -30.68 -57.83
C ASN G 276 28.44 -29.77 -57.52
N THR G 277 29.26 -29.48 -58.52
CA THR G 277 30.36 -28.54 -58.33
C THR G 277 29.86 -27.14 -58.03
N GLN G 278 28.66 -26.78 -58.47
CA GLN G 278 28.06 -25.49 -58.19
C GLN G 278 27.27 -25.48 -56.90
N ALA G 279 27.27 -26.58 -56.16
CA ALA G 279 26.57 -26.61 -54.88
C ALA G 279 27.14 -25.57 -53.93
N ARG G 280 26.26 -24.84 -53.27
CA ARG G 280 26.66 -23.74 -52.40
C ARG G 280 27.00 -24.29 -51.02
N GLY G 281 28.22 -24.04 -50.57
CA GLY G 281 28.64 -24.47 -49.25
C GLY G 281 29.26 -23.33 -48.46
N LEU G 282 28.66 -23.01 -47.32
CA LEU G 282 29.12 -21.89 -46.52
C LEU G 282 30.42 -22.24 -45.81
N ARG G 283 31.18 -21.21 -45.47
CA ARG G 283 32.42 -21.35 -44.72
C ARG G 283 32.41 -20.39 -43.53
N THR G 284 31.32 -20.40 -42.78
CA THR G 284 31.09 -19.42 -41.72
C THR G 284 32.17 -19.52 -40.64
N TYR G 285 32.19 -18.51 -39.78
CA TYR G 285 33.16 -18.44 -38.70
C TYR G 285 32.51 -17.73 -37.51
N GLY G 286 33.20 -17.77 -36.38
CA GLY G 286 32.78 -17.05 -35.20
C GLY G 286 33.70 -15.89 -34.88
N CYS G 287 33.41 -15.24 -33.76
CA CYS G 287 34.24 -14.13 -33.31
C CYS G 287 35.55 -14.63 -32.73
N ILE G 288 36.52 -13.73 -32.66
CA ILE G 288 37.81 -14.00 -32.02
C ILE G 288 37.65 -13.52 -30.58
N GLN G 289 37.28 -14.44 -29.69
CA GLN G 289 37.05 -14.10 -28.30
C GLN G 289 38.38 -13.84 -27.59
N ASP G 290 38.89 -12.63 -27.69
CA ASP G 290 40.15 -12.26 -27.08
C ASP G 290 40.15 -10.76 -26.79
N ALA G 291 40.69 -10.37 -25.65
CA ALA G 291 40.66 -8.97 -25.25
C ALA G 291 41.36 -8.10 -26.28
N ASP G 292 42.51 -8.55 -26.79
CA ASP G 292 43.22 -7.78 -27.79
C ASP G 292 42.43 -7.69 -29.10
N ALA G 293 41.64 -8.71 -29.41
CA ALA G 293 40.83 -8.67 -30.63
C ALA G 293 39.84 -7.52 -30.59
N GLN G 294 39.10 -7.38 -29.48
CA GLN G 294 38.22 -6.22 -29.35
C GLN G 294 39.02 -4.93 -29.24
N ARG G 295 40.16 -4.96 -28.55
CA ARG G 295 40.97 -3.76 -28.40
C ARG G 295 41.58 -3.29 -29.72
N GLU G 296 41.60 -4.12 -30.76
CA GLU G 296 42.11 -3.71 -32.06
C GLU G 296 41.05 -3.83 -33.17
N GLY G 297 39.81 -4.15 -32.82
CA GLY G 297 38.73 -4.21 -33.79
C GLY G 297 38.92 -5.27 -34.86
N ILE G 298 39.27 -6.49 -34.44
CA ILE G 298 39.52 -7.58 -35.38
C ILE G 298 38.54 -8.70 -35.06
N ASN G 299 37.34 -8.34 -34.63
CA ASN G 299 36.35 -9.35 -34.23
C ASN G 299 35.96 -10.24 -35.41
N ALA G 300 35.77 -9.66 -36.59
CA ALA G 300 35.34 -10.41 -37.76
C ALA G 300 36.59 -10.89 -38.51
N SER G 301 37.12 -12.02 -38.07
CA SER G 301 38.31 -12.58 -38.69
C SER G 301 38.27 -14.10 -38.56
N ALA G 302 39.05 -14.76 -39.42
CA ALA G 302 39.13 -16.21 -39.43
C ALA G 302 40.30 -16.72 -38.60
N ARG G 303 41.48 -16.12 -38.78
CA ARG G 303 42.67 -16.49 -38.02
C ARG G 303 43.15 -15.29 -37.23
N TYR G 304 43.88 -15.56 -36.14
CA TYR G 304 44.32 -14.50 -35.26
C TYR G 304 45.64 -14.86 -34.59
N PRO G 305 46.77 -14.50 -35.18
CA PRO G 305 48.06 -14.81 -34.56
C PRO G 305 48.27 -14.03 -33.28
N LYS G 306 49.02 -14.65 -32.36
CA LYS G 306 49.41 -13.97 -31.13
C LYS G 306 50.69 -14.55 -30.56
N ASN G 307 51.63 -13.68 -30.22
CA ASN G 307 52.86 -14.05 -29.53
C ASN G 307 52.93 -13.26 -28.23
N TRP G 308 53.28 -13.95 -27.15
CA TRP G 308 53.20 -13.37 -25.81
C TRP G 308 54.07 -14.20 -24.89
N VAL G 309 54.28 -13.69 -23.67
CA VAL G 309 55.27 -14.26 -22.76
C VAL G 309 54.57 -14.61 -21.44
N THR G 310 54.72 -15.86 -21.01
CA THR G 310 54.15 -16.30 -19.73
C THR G 310 55.10 -15.92 -18.60
N THR G 311 54.51 -15.59 -17.46
CA THR G 311 55.26 -15.20 -16.27
C THR G 311 55.14 -16.24 -15.18
N GLY G 312 56.28 -16.61 -14.60
CA GLY G 312 56.37 -17.42 -13.41
C GLY G 312 56.31 -18.94 -13.54
N ASP G 313 55.13 -19.52 -13.68
CA ASP G 313 55.10 -20.97 -13.52
C ASP G 313 55.59 -21.69 -14.79
N PRO G 314 54.92 -21.55 -15.96
CA PRO G 314 55.58 -21.98 -17.21
C PRO G 314 56.23 -20.81 -17.92
N ALA G 315 57.35 -20.30 -17.38
CA ALA G 315 57.90 -19.05 -17.88
C ALA G 315 58.51 -19.23 -19.27
N ARG G 316 57.66 -19.30 -20.29
CA ARG G 316 58.10 -19.46 -21.67
C ARG G 316 57.36 -18.46 -22.53
N GLU G 317 57.76 -18.37 -23.81
CA GLU G 317 57.09 -17.53 -24.79
C GLU G 317 56.29 -18.42 -25.72
N PHE G 318 55.02 -18.06 -25.93
CA PHE G 318 54.09 -18.89 -26.67
C PHE G 318 53.67 -18.23 -27.97
N THR G 319 53.18 -19.07 -28.89
CA THR G 319 52.53 -18.62 -30.11
C THR G 319 51.21 -19.36 -30.24
N MET G 320 50.16 -18.63 -30.64
CA MET G 320 48.82 -19.19 -30.66
C MET G 320 48.03 -18.60 -31.82
N ILE G 321 47.19 -19.44 -32.42
CA ILE G 321 46.26 -19.04 -33.47
C ILE G 321 44.87 -19.44 -33.01
N GLN G 322 43.94 -18.51 -33.01
CA GLN G 322 42.56 -18.79 -32.63
C GLN G 322 41.65 -18.67 -33.85
N SER G 323 40.69 -19.59 -33.94
CA SER G 323 39.75 -19.59 -35.05
C SER G 323 38.40 -20.04 -34.53
N ALA G 324 37.46 -20.25 -35.45
CA ALA G 324 36.14 -20.75 -35.11
C ALA G 324 35.48 -21.39 -36.32
N PRO G 325 35.98 -22.53 -36.80
CA PRO G 325 35.42 -23.12 -38.02
C PRO G 325 34.09 -23.79 -37.76
N LEU G 326 33.11 -23.50 -38.62
CA LEU G 326 31.78 -24.08 -38.56
C LEU G 326 31.37 -24.48 -39.97
N MET G 327 32.24 -25.23 -40.65
CA MET G 327 32.06 -25.57 -42.07
C MET G 327 30.63 -26.04 -42.32
N LEU G 328 29.92 -25.34 -43.20
CA LEU G 328 28.47 -25.44 -43.24
C LEU G 328 27.98 -25.52 -44.68
N LEU G 329 26.80 -26.12 -44.87
CA LEU G 329 26.18 -26.30 -46.16
C LEU G 329 24.96 -25.41 -46.28
N ALA G 330 24.83 -24.71 -47.41
CA ALA G 330 23.65 -23.88 -47.64
C ALA G 330 22.38 -24.72 -47.71
N ASP G 331 22.43 -25.85 -48.40
CA ASP G 331 21.28 -26.74 -48.51
C ASP G 331 21.67 -28.21 -48.36
N PRO G 332 21.19 -28.88 -47.31
CA PRO G 332 21.59 -30.27 -47.07
C PRO G 332 21.12 -31.25 -48.14
N ASP G 333 20.10 -30.89 -48.93
CA ASP G 333 19.46 -31.81 -49.85
C ASP G 333 20.03 -31.72 -51.26
N GLU G 334 21.29 -31.31 -51.41
CA GLU G 334 21.94 -31.27 -52.71
C GLU G 334 22.96 -32.39 -52.88
N PHE G 335 23.07 -33.30 -51.92
CA PHE G 335 24.04 -34.37 -51.97
C PHE G 335 23.38 -35.68 -51.57
N VAL G 336 23.94 -36.79 -52.05
CA VAL G 336 23.50 -38.12 -51.68
C VAL G 336 24.73 -38.92 -51.28
N SER G 337 24.77 -39.36 -50.03
CA SER G 337 25.94 -40.07 -49.48
C SER G 337 25.57 -41.55 -49.37
N VAL G 338 25.87 -42.31 -50.42
CA VAL G 338 25.55 -43.72 -50.44
C VAL G 338 26.62 -44.49 -49.67
N GLN G 339 26.17 -45.26 -48.69
CA GLN G 339 27.03 -46.15 -47.91
C GLN G 339 27.12 -47.48 -48.66
N LEU G 340 28.19 -47.66 -49.42
CA LEU G 340 28.33 -48.85 -50.26
C LEU G 340 28.45 -50.10 -49.39
N ALA G 341 28.34 -51.25 -50.05
CA ALA G 341 28.44 -52.54 -49.38
C ALA G 341 28.79 -53.65 -50.36
#